data_5COI
# 
_entry.id   5COI 
# 
_audit_conform.dict_name       mmcif_pdbx.dic 
_audit_conform.dict_version    5.387 
_audit_conform.dict_location   http://mmcif.pdb.org/dictionaries/ascii/mmcif_pdbx.dic 
# 
loop_
_database_2.database_id 
_database_2.database_code 
_database_2.pdbx_database_accession 
_database_2.pdbx_DOI 
PDB   5COI         pdb_00005coi 10.2210/pdb5coi/pdb 
WWPDB D_1000211960 ?            ?                   
# 
loop_
_pdbx_audit_revision_history.ordinal 
_pdbx_audit_revision_history.data_content_type 
_pdbx_audit_revision_history.major_revision 
_pdbx_audit_revision_history.minor_revision 
_pdbx_audit_revision_history.revision_date 
1 'Structure model' 1 0 2016-01-13 
2 'Structure model' 1 1 2016-01-27 
3 'Structure model' 1 2 2016-03-09 
4 'Structure model' 1 3 2024-03-20 
# 
_pdbx_audit_revision_details.ordinal             1 
_pdbx_audit_revision_details.revision_ordinal    1 
_pdbx_audit_revision_details.data_content_type   'Structure model' 
_pdbx_audit_revision_details.provider            repository 
_pdbx_audit_revision_details.type                'Initial release' 
_pdbx_audit_revision_details.description         ? 
_pdbx_audit_revision_details.details             ? 
# 
loop_
_pdbx_audit_revision_group.ordinal 
_pdbx_audit_revision_group.revision_ordinal 
_pdbx_audit_revision_group.data_content_type 
_pdbx_audit_revision_group.group 
1 2 'Structure model' 'Data collection'      
2 2 'Structure model' 'Database references'  
3 3 'Structure model' 'Database references'  
4 4 'Structure model' 'Data collection'      
5 4 'Structure model' 'Database references'  
6 4 'Structure model' 'Derived calculations' 
# 
loop_
_pdbx_audit_revision_category.ordinal 
_pdbx_audit_revision_category.revision_ordinal 
_pdbx_audit_revision_category.data_content_type 
_pdbx_audit_revision_category.category 
1 4 'Structure model' chem_comp_atom              
2 4 'Structure model' chem_comp_bond              
3 4 'Structure model' citation                    
4 4 'Structure model' database_2                  
5 4 'Structure model' diffrn_radiation_wavelength 
6 4 'Structure model' pdbx_struct_oper_list       
# 
loop_
_pdbx_audit_revision_item.ordinal 
_pdbx_audit_revision_item.revision_ordinal 
_pdbx_audit_revision_item.data_content_type 
_pdbx_audit_revision_item.item 
1 4 'Structure model' '_citation.journal_id_CSD'                  
2 4 'Structure model' '_database_2.pdbx_DOI'                      
3 4 'Structure model' '_database_2.pdbx_database_accession'       
4 4 'Structure model' '_pdbx_struct_oper_list.symmetry_operation' 
# 
_pdbx_database_status.status_code                     REL 
_pdbx_database_status.status_code_sf                  REL 
_pdbx_database_status.status_code_mr                  ? 
_pdbx_database_status.entry_id                        5COI 
_pdbx_database_status.recvd_initial_deposition_date   2015-07-20 
_pdbx_database_status.SG_entry                        N 
_pdbx_database_status.deposit_site                    RCSB 
_pdbx_database_status.process_site                    PDBJ 
_pdbx_database_status.status_code_cs                  ? 
_pdbx_database_status.methods_development_category    ? 
_pdbx_database_status.pdb_format_compatible           Y 
_pdbx_database_status.status_code_nmr_data            ? 
# 
loop_
_pdbx_database_related.db_name 
_pdbx_database_related.details 
_pdbx_database_related.db_id 
_pdbx_database_related.content_type 
PDB . 5CP5 unspecified 
PDB . 5CPE unspecified 
PDB . 5CQT unspecified 
PDB . 5CRM unspecified 
PDB . 5CRZ unspecified 
PDB . 5CS8 unspecified 
PDB . 5CTL unspecified 
# 
loop_
_audit_author.name 
_audit_author.pdbx_ordinal 
'Zhang, Y.' 1 
'Song, M.'  2 
'Liu, Z.'   3 
'Xue, X.'   4 
'Xu, Y.'    5 
# 
_citation.abstract                  ? 
_citation.abstract_id_CAS           ? 
_citation.book_id_ISBN              ? 
_citation.book_publisher            ? 
_citation.book_publisher_city       ? 
_citation.book_title                ? 
_citation.coordinate_linkage        ? 
_citation.country                   US 
_citation.database_id_Medline       ? 
_citation.details                   ? 
_citation.id                        primary 
_citation.journal_abbrev            J.Med.Chem. 
_citation.journal_id_ASTM           JMCMAR 
_citation.journal_id_CSD            0151 
_citation.journal_id_ISSN           0022-2623 
_citation.journal_full              ? 
_citation.journal_issue             ? 
_citation.journal_volume            59 
_citation.language                  ? 
_citation.page_first                1565 
_citation.page_last                 1579 
_citation.title                     
;Discovery of Benzo[cd]indol-2(1H)-ones as Potent and Specific BET Bromodomain Inhibitors: Structure-Based Virtual Screening, Optimization, and Biological Evaluation
;
_citation.year                      2016 
_citation.database_id_CSD           ? 
_citation.pdbx_database_id_DOI      10.1021/acs.jmedchem.5b01511 
_citation.pdbx_database_id_PubMed   26731490 
_citation.unpublished_flag          ? 
# 
loop_
_citation_author.citation_id 
_citation_author.name 
_citation_author.ordinal 
_citation_author.identifier_ORCID 
primary 'Xue, X.'   1  ? 
primary 'Zhang, Y.' 2  ? 
primary 'Liu, Z.'   3  ? 
primary 'Song, M.'  4  ? 
primary 'Xing, Y.'  5  ? 
primary 'Xiang, Q.' 6  ? 
primary 'Wang, Z.'  7  ? 
primary 'Tu, Z.'    8  ? 
primary 'Zhou, Y.'  9  ? 
primary 'Ding, K.'  10 ? 
primary 'Xu, Y.'    11 ? 
# 
loop_
_entity.id 
_entity.type 
_entity.src_method 
_entity.pdbx_description 
_entity.formula_weight 
_entity.pdbx_number_of_molecules 
_entity.pdbx_ec 
_entity.pdbx_mutation 
_entity.pdbx_fragment 
_entity.details 
1 polymer     man 'Bromodomain-containing protein 4'                                                                     16767.326 
1   ? ? 'N-TERMINAL BROMODOMAIN, UNP RESIDUES 44-168' ? 
2 non-polymer syn '1-({[(1-ethyl-2-oxo-1,2-dihydrobenzo[cd]indol-6-yl)sulfonyl]amino}methyl)cyclopentanecarboxylic acid' 402.464   
1   ? ? ?                                             ? 
3 water       nat water                                                                                                  18.015    
126 ? ? ?                                             ? 
# 
_entity_name_com.entity_id   1 
_entity_name_com.name        'Protein HUNK1' 
# 
_entity_poly.entity_id                      1 
_entity_poly.type                           'polypeptide(L)' 
_entity_poly.nstd_linkage                   no 
_entity_poly.nstd_monomer                   no 
_entity_poly.pdbx_seq_one_letter_code       
;MKKGHHHHHHLVPRGSNPPPPETSNPNKPKRQTNQLQYLLRVVLKTLWKHQFAWPFQQPVDAVKLNLPDYYKIIKTPMDM
GTIKKRLENNYYWNAQECIQDFNTMFTNCYIYNKPGDDIVLMAEALEKLFLQKINELPTEE
;
_entity_poly.pdbx_seq_one_letter_code_can   
;MKKGHHHHHHLVPRGSNPPPPETSNPNKPKRQTNQLQYLLRVVLKTLWKHQFAWPFQQPVDAVKLNLPDYYKIIKTPMDM
GTIKKRLENNYYWNAQECIQDFNTMFTNCYIYNKPGDDIVLMAEALEKLFLQKINELPTEE
;
_entity_poly.pdbx_strand_id                 A 
_entity_poly.pdbx_target_identifier         ? 
# 
loop_
_pdbx_entity_nonpoly.entity_id 
_pdbx_entity_nonpoly.name 
_pdbx_entity_nonpoly.comp_id 
2 '1-({[(1-ethyl-2-oxo-1,2-dihydrobenzo[cd]indol-6-yl)sulfonyl]amino}methyl)cyclopentanecarboxylic acid' 55K 
3 water                                                                                                  HOH 
# 
loop_
_entity_poly_seq.entity_id 
_entity_poly_seq.num 
_entity_poly_seq.mon_id 
_entity_poly_seq.hetero 
1 1   MET n 
1 2   LYS n 
1 3   LYS n 
1 4   GLY n 
1 5   HIS n 
1 6   HIS n 
1 7   HIS n 
1 8   HIS n 
1 9   HIS n 
1 10  HIS n 
1 11  LEU n 
1 12  VAL n 
1 13  PRO n 
1 14  ARG n 
1 15  GLY n 
1 16  SER n 
1 17  ASN n 
1 18  PRO n 
1 19  PRO n 
1 20  PRO n 
1 21  PRO n 
1 22  GLU n 
1 23  THR n 
1 24  SER n 
1 25  ASN n 
1 26  PRO n 
1 27  ASN n 
1 28  LYS n 
1 29  PRO n 
1 30  LYS n 
1 31  ARG n 
1 32  GLN n 
1 33  THR n 
1 34  ASN n 
1 35  GLN n 
1 36  LEU n 
1 37  GLN n 
1 38  TYR n 
1 39  LEU n 
1 40  LEU n 
1 41  ARG n 
1 42  VAL n 
1 43  VAL n 
1 44  LEU n 
1 45  LYS n 
1 46  THR n 
1 47  LEU n 
1 48  TRP n 
1 49  LYS n 
1 50  HIS n 
1 51  GLN n 
1 52  PHE n 
1 53  ALA n 
1 54  TRP n 
1 55  PRO n 
1 56  PHE n 
1 57  GLN n 
1 58  GLN n 
1 59  PRO n 
1 60  VAL n 
1 61  ASP n 
1 62  ALA n 
1 63  VAL n 
1 64  LYS n 
1 65  LEU n 
1 66  ASN n 
1 67  LEU n 
1 68  PRO n 
1 69  ASP n 
1 70  TYR n 
1 71  TYR n 
1 72  LYS n 
1 73  ILE n 
1 74  ILE n 
1 75  LYS n 
1 76  THR n 
1 77  PRO n 
1 78  MET n 
1 79  ASP n 
1 80  MET n 
1 81  GLY n 
1 82  THR n 
1 83  ILE n 
1 84  LYS n 
1 85  LYS n 
1 86  ARG n 
1 87  LEU n 
1 88  GLU n 
1 89  ASN n 
1 90  ASN n 
1 91  TYR n 
1 92  TYR n 
1 93  TRP n 
1 94  ASN n 
1 95  ALA n 
1 96  GLN n 
1 97  GLU n 
1 98  CYS n 
1 99  ILE n 
1 100 GLN n 
1 101 ASP n 
1 102 PHE n 
1 103 ASN n 
1 104 THR n 
1 105 MET n 
1 106 PHE n 
1 107 THR n 
1 108 ASN n 
1 109 CYS n 
1 110 TYR n 
1 111 ILE n 
1 112 TYR n 
1 113 ASN n 
1 114 LYS n 
1 115 PRO n 
1 116 GLY n 
1 117 ASP n 
1 118 ASP n 
1 119 ILE n 
1 120 VAL n 
1 121 LEU n 
1 122 MET n 
1 123 ALA n 
1 124 GLU n 
1 125 ALA n 
1 126 LEU n 
1 127 GLU n 
1 128 LYS n 
1 129 LEU n 
1 130 PHE n 
1 131 LEU n 
1 132 GLN n 
1 133 LYS n 
1 134 ILE n 
1 135 ASN n 
1 136 GLU n 
1 137 LEU n 
1 138 PRO n 
1 139 THR n 
1 140 GLU n 
1 141 GLU n 
# 
_entity_src_gen.entity_id                          1 
_entity_src_gen.pdbx_src_id                        1 
_entity_src_gen.pdbx_alt_source_flag               sample 
_entity_src_gen.pdbx_seq_type                      'Biological sequence' 
_entity_src_gen.pdbx_beg_seq_num                   1 
_entity_src_gen.pdbx_end_seq_num                   141 
_entity_src_gen.gene_src_common_name               Human 
_entity_src_gen.gene_src_genus                     ? 
_entity_src_gen.pdbx_gene_src_gene                 'BRD4, HUNK1' 
_entity_src_gen.gene_src_species                   ? 
_entity_src_gen.gene_src_strain                    ? 
_entity_src_gen.gene_src_tissue                    ? 
_entity_src_gen.gene_src_tissue_fraction           ? 
_entity_src_gen.gene_src_details                   ? 
_entity_src_gen.pdbx_gene_src_fragment             ? 
_entity_src_gen.pdbx_gene_src_scientific_name      'Homo sapiens' 
_entity_src_gen.pdbx_gene_src_ncbi_taxonomy_id     9606 
_entity_src_gen.pdbx_gene_src_variant              ? 
_entity_src_gen.pdbx_gene_src_cell_line            ? 
_entity_src_gen.pdbx_gene_src_atcc                 ? 
_entity_src_gen.pdbx_gene_src_organ                ? 
_entity_src_gen.pdbx_gene_src_organelle            ? 
_entity_src_gen.pdbx_gene_src_cell                 ? 
_entity_src_gen.pdbx_gene_src_cellular_location    ? 
_entity_src_gen.host_org_common_name               ? 
_entity_src_gen.pdbx_host_org_scientific_name      'Escherichia coli BL21(DE3)' 
_entity_src_gen.pdbx_host_org_ncbi_taxonomy_id     469008 
_entity_src_gen.host_org_genus                     ? 
_entity_src_gen.pdbx_host_org_gene                 ? 
_entity_src_gen.pdbx_host_org_organ                ? 
_entity_src_gen.host_org_species                   ? 
_entity_src_gen.pdbx_host_org_tissue               ? 
_entity_src_gen.pdbx_host_org_tissue_fraction      ? 
_entity_src_gen.pdbx_host_org_strain               'BL21(DE3)' 
_entity_src_gen.pdbx_host_org_variant              ? 
_entity_src_gen.pdbx_host_org_cell_line            ? 
_entity_src_gen.pdbx_host_org_atcc                 ? 
_entity_src_gen.pdbx_host_org_culture_collection   ? 
_entity_src_gen.pdbx_host_org_cell                 ? 
_entity_src_gen.pdbx_host_org_organelle            ? 
_entity_src_gen.pdbx_host_org_cellular_location    ? 
_entity_src_gen.pdbx_host_org_vector_type          plasmid 
_entity_src_gen.pdbx_host_org_vector               ? 
_entity_src_gen.host_org_details                   ? 
_entity_src_gen.expression_system_id               ? 
_entity_src_gen.plasmid_name                       pET24a 
_entity_src_gen.plasmid_details                    ? 
_entity_src_gen.pdbx_description                   ? 
# 
loop_
_chem_comp.id 
_chem_comp.type 
_chem_comp.mon_nstd_flag 
_chem_comp.name 
_chem_comp.pdbx_synonyms 
_chem_comp.formula 
_chem_comp.formula_weight 
55K non-polymer         . '1-({[(1-ethyl-2-oxo-1,2-dihydrobenzo[cd]indol-6-yl)sulfonyl]amino}methyl)cyclopentanecarboxylic acid' ? 
'C20 H22 N2 O5 S' 402.464 
ALA 'L-peptide linking' y ALANINE                                                                                                ? 
'C3 H7 N O2'      89.093  
ARG 'L-peptide linking' y ARGININE                                                                                               ? 
'C6 H15 N4 O2 1'  175.209 
ASN 'L-peptide linking' y ASPARAGINE                                                                                             ? 
'C4 H8 N2 O3'     132.118 
ASP 'L-peptide linking' y 'ASPARTIC ACID'                                                                                        ? 
'C4 H7 N O4'      133.103 
CYS 'L-peptide linking' y CYSTEINE                                                                                               ? 
'C3 H7 N O2 S'    121.158 
GLN 'L-peptide linking' y GLUTAMINE                                                                                              ? 
'C5 H10 N2 O3'    146.144 
GLU 'L-peptide linking' y 'GLUTAMIC ACID'                                                                                        ? 
'C5 H9 N O4'      147.129 
GLY 'peptide linking'   y GLYCINE                                                                                                ? 
'C2 H5 N O2'      75.067  
HIS 'L-peptide linking' y HISTIDINE                                                                                              ? 
'C6 H10 N3 O2 1'  156.162 
HOH non-polymer         . WATER                                                                                                  ? 
'H2 O'            18.015  
ILE 'L-peptide linking' y ISOLEUCINE                                                                                             ? 
'C6 H13 N O2'     131.173 
LEU 'L-peptide linking' y LEUCINE                                                                                                ? 
'C6 H13 N O2'     131.173 
LYS 'L-peptide linking' y LYSINE                                                                                                 ? 
'C6 H15 N2 O2 1'  147.195 
MET 'L-peptide linking' y METHIONINE                                                                                             ? 
'C5 H11 N O2 S'   149.211 
PHE 'L-peptide linking' y PHENYLALANINE                                                                                          ? 
'C9 H11 N O2'     165.189 
PRO 'L-peptide linking' y PROLINE                                                                                                ? 
'C5 H9 N O2'      115.130 
SER 'L-peptide linking' y SERINE                                                                                                 ? 
'C3 H7 N O3'      105.093 
THR 'L-peptide linking' y THREONINE                                                                                              ? 
'C4 H9 N O3'      119.119 
TRP 'L-peptide linking' y TRYPTOPHAN                                                                                             ? 
'C11 H12 N2 O2'   204.225 
TYR 'L-peptide linking' y TYROSINE                                                                                               ? 
'C9 H11 N O3'     181.189 
VAL 'L-peptide linking' y VALINE                                                                                                 ? 
'C5 H11 N O2'     117.146 
# 
loop_
_pdbx_poly_seq_scheme.asym_id 
_pdbx_poly_seq_scheme.entity_id 
_pdbx_poly_seq_scheme.seq_id 
_pdbx_poly_seq_scheme.mon_id 
_pdbx_poly_seq_scheme.ndb_seq_num 
_pdbx_poly_seq_scheme.pdb_seq_num 
_pdbx_poly_seq_scheme.auth_seq_num 
_pdbx_poly_seq_scheme.pdb_mon_id 
_pdbx_poly_seq_scheme.auth_mon_id 
_pdbx_poly_seq_scheme.pdb_strand_id 
_pdbx_poly_seq_scheme.pdb_ins_code 
_pdbx_poly_seq_scheme.hetero 
A 1 1   MET 1   28  ?   ?   ?   A . n 
A 1 2   LYS 2   29  ?   ?   ?   A . n 
A 1 3   LYS 3   30  ?   ?   ?   A . n 
A 1 4   GLY 4   31  ?   ?   ?   A . n 
A 1 5   HIS 5   32  ?   ?   ?   A . n 
A 1 6   HIS 6   33  ?   ?   ?   A . n 
A 1 7   HIS 7   34  ?   ?   ?   A . n 
A 1 8   HIS 8   35  ?   ?   ?   A . n 
A 1 9   HIS 9   36  36  HIS HIS A . n 
A 1 10  HIS 10  37  37  HIS HIS A . n 
A 1 11  LEU 11  38  38  LEU LEU A . n 
A 1 12  VAL 12  39  39  VAL VAL A . n 
A 1 13  PRO 13  40  40  PRO PRO A . n 
A 1 14  ARG 14  41  41  ARG ARG A . n 
A 1 15  GLY 15  42  42  GLY GLY A . n 
A 1 16  SER 16  43  43  SER SER A . n 
A 1 17  ASN 17  44  44  ASN ASN A . n 
A 1 18  PRO 18  45  45  PRO PRO A . n 
A 1 19  PRO 19  46  46  PRO PRO A . n 
A 1 20  PRO 20  47  47  PRO PRO A . n 
A 1 21  PRO 21  48  48  PRO PRO A . n 
A 1 22  GLU 22  49  49  GLU GLU A . n 
A 1 23  THR 23  50  50  THR THR A . n 
A 1 24  SER 24  51  51  SER SER A . n 
A 1 25  ASN 25  52  52  ASN ASN A . n 
A 1 26  PRO 26  53  53  PRO PRO A . n 
A 1 27  ASN 27  54  54  ASN ASN A . n 
A 1 28  LYS 28  55  55  LYS LYS A . n 
A 1 29  PRO 29  56  56  PRO PRO A . n 
A 1 30  LYS 30  57  57  LYS LYS A . n 
A 1 31  ARG 31  58  58  ARG ARG A . n 
A 1 32  GLN 32  59  59  GLN GLN A . n 
A 1 33  THR 33  60  60  THR THR A . n 
A 1 34  ASN 34  61  61  ASN ASN A . n 
A 1 35  GLN 35  62  62  GLN GLN A . n 
A 1 36  LEU 36  63  63  LEU LEU A . n 
A 1 37  GLN 37  64  64  GLN GLN A . n 
A 1 38  TYR 38  65  65  TYR TYR A . n 
A 1 39  LEU 39  66  66  LEU LEU A . n 
A 1 40  LEU 40  67  67  LEU LEU A . n 
A 1 41  ARG 41  68  68  ARG ARG A . n 
A 1 42  VAL 42  69  69  VAL VAL A . n 
A 1 43  VAL 43  70  70  VAL VAL A . n 
A 1 44  LEU 44  71  71  LEU LEU A . n 
A 1 45  LYS 45  72  72  LYS LYS A . n 
A 1 46  THR 46  73  73  THR THR A . n 
A 1 47  LEU 47  74  74  LEU LEU A . n 
A 1 48  TRP 48  75  75  TRP TRP A . n 
A 1 49  LYS 49  76  76  LYS LYS A . n 
A 1 50  HIS 50  77  77  HIS HIS A . n 
A 1 51  GLN 51  78  78  GLN GLN A . n 
A 1 52  PHE 52  79  79  PHE PHE A . n 
A 1 53  ALA 53  80  80  ALA ALA A . n 
A 1 54  TRP 54  81  81  TRP TRP A . n 
A 1 55  PRO 55  82  82  PRO PRO A . n 
A 1 56  PHE 56  83  83  PHE PHE A . n 
A 1 57  GLN 57  84  84  GLN GLN A . n 
A 1 58  GLN 58  85  85  GLN GLN A . n 
A 1 59  PRO 59  86  86  PRO PRO A . n 
A 1 60  VAL 60  87  87  VAL VAL A . n 
A 1 61  ASP 61  88  88  ASP ASP A . n 
A 1 62  ALA 62  89  89  ALA ALA A . n 
A 1 63  VAL 63  90  90  VAL VAL A . n 
A 1 64  LYS 64  91  91  LYS LYS A . n 
A 1 65  LEU 65  92  92  LEU LEU A . n 
A 1 66  ASN 66  93  93  ASN ASN A . n 
A 1 67  LEU 67  94  94  LEU LEU A . n 
A 1 68  PRO 68  95  95  PRO PRO A . n 
A 1 69  ASP 69  96  96  ASP ASP A . n 
A 1 70  TYR 70  97  97  TYR TYR A . n 
A 1 71  TYR 71  98  98  TYR TYR A . n 
A 1 72  LYS 72  99  99  LYS LYS A . n 
A 1 73  ILE 73  100 100 ILE ILE A . n 
A 1 74  ILE 74  101 101 ILE ILE A . n 
A 1 75  LYS 75  102 102 LYS LYS A . n 
A 1 76  THR 76  103 103 THR THR A . n 
A 1 77  PRO 77  104 104 PRO PRO A . n 
A 1 78  MET 78  105 105 MET MET A . n 
A 1 79  ASP 79  106 106 ASP ASP A . n 
A 1 80  MET 80  107 107 MET MET A . n 
A 1 81  GLY 81  108 108 GLY GLY A . n 
A 1 82  THR 82  109 109 THR THR A . n 
A 1 83  ILE 83  110 110 ILE ILE A . n 
A 1 84  LYS 84  111 111 LYS LYS A . n 
A 1 85  LYS 85  112 112 LYS LYS A . n 
A 1 86  ARG 86  113 113 ARG ARG A . n 
A 1 87  LEU 87  114 114 LEU LEU A . n 
A 1 88  GLU 88  115 115 GLU GLU A . n 
A 1 89  ASN 89  116 116 ASN ASN A . n 
A 1 90  ASN 90  117 117 ASN ASN A . n 
A 1 91  TYR 91  118 118 TYR TYR A . n 
A 1 92  TYR 92  119 119 TYR TYR A . n 
A 1 93  TRP 93  120 120 TRP TRP A . n 
A 1 94  ASN 94  121 121 ASN ASN A . n 
A 1 95  ALA 95  122 122 ALA ALA A . n 
A 1 96  GLN 96  123 123 GLN GLN A . n 
A 1 97  GLU 97  124 124 GLU GLU A . n 
A 1 98  CYS 98  125 125 CYS CYS A . n 
A 1 99  ILE 99  126 126 ILE ILE A . n 
A 1 100 GLN 100 127 127 GLN GLN A . n 
A 1 101 ASP 101 128 128 ASP ASP A . n 
A 1 102 PHE 102 129 129 PHE PHE A . n 
A 1 103 ASN 103 130 130 ASN ASN A . n 
A 1 104 THR 104 131 131 THR THR A . n 
A 1 105 MET 105 132 132 MET MET A . n 
A 1 106 PHE 106 133 133 PHE PHE A . n 
A 1 107 THR 107 134 134 THR THR A . n 
A 1 108 ASN 108 135 135 ASN ASN A . n 
A 1 109 CYS 109 136 136 CYS CYS A . n 
A 1 110 TYR 110 137 137 TYR TYR A . n 
A 1 111 ILE 111 138 138 ILE ILE A . n 
A 1 112 TYR 112 139 139 TYR TYR A . n 
A 1 113 ASN 113 140 140 ASN ASN A . n 
A 1 114 LYS 114 141 141 LYS LYS A . n 
A 1 115 PRO 115 142 142 PRO PRO A . n 
A 1 116 GLY 116 143 143 GLY GLY A . n 
A 1 117 ASP 117 144 144 ASP ASP A . n 
A 1 118 ASP 118 145 145 ASP ASP A . n 
A 1 119 ILE 119 146 146 ILE ILE A . n 
A 1 120 VAL 120 147 147 VAL VAL A . n 
A 1 121 LEU 121 148 148 LEU LEU A . n 
A 1 122 MET 122 149 149 MET MET A . n 
A 1 123 ALA 123 150 150 ALA ALA A . n 
A 1 124 GLU 124 151 151 GLU GLU A . n 
A 1 125 ALA 125 152 152 ALA ALA A . n 
A 1 126 LEU 126 153 153 LEU LEU A . n 
A 1 127 GLU 127 154 154 GLU GLU A . n 
A 1 128 LYS 128 155 155 LYS LYS A . n 
A 1 129 LEU 129 156 156 LEU LEU A . n 
A 1 130 PHE 130 157 157 PHE PHE A . n 
A 1 131 LEU 131 158 158 LEU LEU A . n 
A 1 132 GLN 132 159 159 GLN GLN A . n 
A 1 133 LYS 133 160 160 LYS LYS A . n 
A 1 134 ILE 134 161 161 ILE ILE A . n 
A 1 135 ASN 135 162 162 ASN ASN A . n 
A 1 136 GLU 136 163 163 GLU GLU A . n 
A 1 137 LEU 137 164 164 LEU LEU A . n 
A 1 138 PRO 138 165 165 PRO PRO A . n 
A 1 139 THR 139 166 166 THR THR A . n 
A 1 140 GLU 140 167 167 GLU GLU A . n 
A 1 141 GLU 141 168 ?   ?   ?   A . n 
# 
loop_
_pdbx_nonpoly_scheme.asym_id 
_pdbx_nonpoly_scheme.entity_id 
_pdbx_nonpoly_scheme.mon_id 
_pdbx_nonpoly_scheme.ndb_seq_num 
_pdbx_nonpoly_scheme.pdb_seq_num 
_pdbx_nonpoly_scheme.auth_seq_num 
_pdbx_nonpoly_scheme.pdb_mon_id 
_pdbx_nonpoly_scheme.auth_mon_id 
_pdbx_nonpoly_scheme.pdb_strand_id 
_pdbx_nonpoly_scheme.pdb_ins_code 
B 2 55K 1   201 1   55K 55K A . 
C 3 HOH 1   301 89  HOH HOH A . 
C 3 HOH 2   302 109 HOH HOH A . 
C 3 HOH 3   303 122 HOH HOH A . 
C 3 HOH 4   304 4   HOH HOH A . 
C 3 HOH 5   305 52  HOH HOH A . 
C 3 HOH 6   306 67  HOH HOH A . 
C 3 HOH 7   307 77  HOH HOH A . 
C 3 HOH 8   308 13  HOH HOH A . 
C 3 HOH 9   309 2   HOH HOH A . 
C 3 HOH 10  310 20  HOH HOH A . 
C 3 HOH 11  311 42  HOH HOH A . 
C 3 HOH 12  312 15  HOH HOH A . 
C 3 HOH 13  313 18  HOH HOH A . 
C 3 HOH 14  314 6   HOH HOH A . 
C 3 HOH 15  315 39  HOH HOH A . 
C 3 HOH 16  316 24  HOH HOH A . 
C 3 HOH 17  317 30  HOH HOH A . 
C 3 HOH 18  318 105 HOH HOH A . 
C 3 HOH 19  319 116 HOH HOH A . 
C 3 HOH 20  320 32  HOH HOH A . 
C 3 HOH 21  321 106 HOH HOH A . 
C 3 HOH 22  322 34  HOH HOH A . 
C 3 HOH 23  323 8   HOH HOH A . 
C 3 HOH 24  324 9   HOH HOH A . 
C 3 HOH 25  325 37  HOH HOH A . 
C 3 HOH 26  326 16  HOH HOH A . 
C 3 HOH 27  327 64  HOH HOH A . 
C 3 HOH 28  328 48  HOH HOH A . 
C 3 HOH 29  329 19  HOH HOH A . 
C 3 HOH 30  330 96  HOH HOH A . 
C 3 HOH 31  331 75  HOH HOH A . 
C 3 HOH 32  332 25  HOH HOH A . 
C 3 HOH 33  333 3   HOH HOH A . 
C 3 HOH 34  334 40  HOH HOH A . 
C 3 HOH 35  335 124 HOH HOH A . 
C 3 HOH 36  336 28  HOH HOH A . 
C 3 HOH 37  337 87  HOH HOH A . 
C 3 HOH 38  338 23  HOH HOH A . 
C 3 HOH 39  339 46  HOH HOH A . 
C 3 HOH 40  340 5   HOH HOH A . 
C 3 HOH 41  341 7   HOH HOH A . 
C 3 HOH 42  342 35  HOH HOH A . 
C 3 HOH 43  343 115 HOH HOH A . 
C 3 HOH 44  344 100 HOH HOH A . 
C 3 HOH 45  345 33  HOH HOH A . 
C 3 HOH 46  346 12  HOH HOH A . 
C 3 HOH 47  347 47  HOH HOH A . 
C 3 HOH 48  348 55  HOH HOH A . 
C 3 HOH 49  349 111 HOH HOH A . 
C 3 HOH 50  350 125 HOH HOH A . 
C 3 HOH 51  351 29  HOH HOH A . 
C 3 HOH 52  352 22  HOH HOH A . 
C 3 HOH 53  353 1   HOH HOH A . 
C 3 HOH 54  354 85  HOH HOH A . 
C 3 HOH 55  355 113 HOH HOH A . 
C 3 HOH 56  356 49  HOH HOH A . 
C 3 HOH 57  357 61  HOH HOH A . 
C 3 HOH 58  358 58  HOH HOH A . 
C 3 HOH 59  359 63  HOH HOH A . 
C 3 HOH 60  360 14  HOH HOH A . 
C 3 HOH 61  361 27  HOH HOH A . 
C 3 HOH 62  362 45  HOH HOH A . 
C 3 HOH 63  363 119 HOH HOH A . 
C 3 HOH 64  364 93  HOH HOH A . 
C 3 HOH 65  365 66  HOH HOH A . 
C 3 HOH 66  366 43  HOH HOH A . 
C 3 HOH 67  367 95  HOH HOH A . 
C 3 HOH 68  368 17  HOH HOH A . 
C 3 HOH 69  369 31  HOH HOH A . 
C 3 HOH 70  370 110 HOH HOH A . 
C 3 HOH 71  371 36  HOH HOH A . 
C 3 HOH 72  372 117 HOH HOH A . 
C 3 HOH 73  373 98  HOH HOH A . 
C 3 HOH 74  374 69  HOH HOH A . 
C 3 HOH 75  375 118 HOH HOH A . 
C 3 HOH 76  376 68  HOH HOH A . 
C 3 HOH 77  377 91  HOH HOH A . 
C 3 HOH 78  378 65  HOH HOH A . 
C 3 HOH 79  379 59  HOH HOH A . 
C 3 HOH 80  380 41  HOH HOH A . 
C 3 HOH 81  381 103 HOH HOH A . 
C 3 HOH 82  382 107 HOH HOH A . 
C 3 HOH 83  383 21  HOH HOH A . 
C 3 HOH 84  384 51  HOH HOH A . 
C 3 HOH 85  385 94  HOH HOH A . 
C 3 HOH 86  386 108 HOH HOH A . 
C 3 HOH 87  387 86  HOH HOH A . 
C 3 HOH 88  388 80  HOH HOH A . 
C 3 HOH 89  389 10  HOH HOH A . 
C 3 HOH 90  390 84  HOH HOH A . 
C 3 HOH 91  391 38  HOH HOH A . 
C 3 HOH 92  392 123 HOH HOH A . 
C 3 HOH 93  393 120 HOH HOH A . 
C 3 HOH 94  394 126 HOH HOH A . 
C 3 HOH 95  395 81  HOH HOH A . 
C 3 HOH 96  396 70  HOH HOH A . 
C 3 HOH 97  397 79  HOH HOH A . 
C 3 HOH 98  398 88  HOH HOH A . 
C 3 HOH 99  399 60  HOH HOH A . 
C 3 HOH 100 400 72  HOH HOH A . 
C 3 HOH 101 401 50  HOH HOH A . 
C 3 HOH 102 402 104 HOH HOH A . 
C 3 HOH 103 403 102 HOH HOH A . 
C 3 HOH 104 404 57  HOH HOH A . 
C 3 HOH 105 405 114 HOH HOH A . 
C 3 HOH 106 406 112 HOH HOH A . 
C 3 HOH 107 407 11  HOH HOH A . 
C 3 HOH 108 408 92  HOH HOH A . 
C 3 HOH 109 409 44  HOH HOH A . 
C 3 HOH 110 410 56  HOH HOH A . 
C 3 HOH 111 411 90  HOH HOH A . 
C 3 HOH 112 412 99  HOH HOH A . 
C 3 HOH 113 413 121 HOH HOH A . 
C 3 HOH 114 414 82  HOH HOH A . 
C 3 HOH 115 415 76  HOH HOH A . 
C 3 HOH 116 416 73  HOH HOH A . 
C 3 HOH 117 417 74  HOH HOH A . 
C 3 HOH 118 418 26  HOH HOH A . 
C 3 HOH 119 419 97  HOH HOH A . 
C 3 HOH 120 420 83  HOH HOH A . 
C 3 HOH 121 421 62  HOH HOH A . 
C 3 HOH 122 422 54  HOH HOH A . 
C 3 HOH 123 423 78  HOH HOH A . 
C 3 HOH 124 424 53  HOH HOH A . 
C 3 HOH 125 425 101 HOH HOH A . 
C 3 HOH 126 426 71  HOH HOH A . 
# 
loop_
_software.citation_id 
_software.classification 
_software.compiler_name 
_software.compiler_version 
_software.contact_author 
_software.contact_author_email 
_software.date 
_software.description 
_software.dependencies 
_software.hardware 
_software.language 
_software.location 
_software.mods 
_software.name 
_software.os 
_software.os_version 
_software.type 
_software.version 
_software.pdbx_ordinal 
? refinement        ? ? ? ? ? ? ? ? ? ? ? REFMAC      ? ? ? 5.8.0131 1 
? 'data scaling'    ? ? ? ? ? ? ? ? ? ? ? Aimless     ? ? ? 0.5.9    2 
? 'data extraction' ? ? ? ? ? ? ? ? ? ? ? PDB_EXTRACT ? ? ? 3.15     3 
? 'data reduction'  ? ? ? ? ? ? ? ? ? ? ? MOSFLM      ? ? ? .        4 
? phasing           ? ? ? ? ? ? ? ? ? ? ? MOLREP      ? ? ? .        5 
# 
_cell.entry_id           5COI 
_cell.length_a           29.880 
_cell.length_b           45.560 
_cell.length_c           47.310 
_cell.angle_alpha        90.00 
_cell.angle_beta         96.87 
_cell.angle_gamma        90.00 
_cell.Z_PDB              2 
_cell.pdbx_unique_axis   ? 
# 
_symmetry.entry_id                         5COI 
_symmetry.space_group_name_H-M             'P 1 21 1' 
_symmetry.pdbx_full_space_group_name_H-M   ? 
_symmetry.cell_setting                     ? 
_symmetry.Int_Tables_number                4 
# 
_exptl.absorpt_coefficient_mu     ? 
_exptl.absorpt_correction_T_max   ? 
_exptl.absorpt_correction_T_min   ? 
_exptl.absorpt_correction_type    ? 
_exptl.absorpt_process_details    ? 
_exptl.entry_id                   5COI 
_exptl.crystals_number            1 
_exptl.details                    ? 
_exptl.method                     'X-RAY DIFFRACTION' 
_exptl.method_details             ? 
# 
_exptl_crystal.colour                      ? 
_exptl_crystal.density_diffrn              ? 
_exptl_crystal.density_Matthews            1.91 
_exptl_crystal.density_method              ? 
_exptl_crystal.density_percent_sol         35.49 
_exptl_crystal.description                 ? 
_exptl_crystal.F_000                       ? 
_exptl_crystal.id                          1 
_exptl_crystal.preparation                 ? 
_exptl_crystal.size_max                    ? 
_exptl_crystal.size_mid                    ? 
_exptl_crystal.size_min                    ? 
_exptl_crystal.size_rad                    ? 
_exptl_crystal.colour_lustre               ? 
_exptl_crystal.colour_modifier             ? 
_exptl_crystal.colour_primary              ? 
_exptl_crystal.density_meas                ? 
_exptl_crystal.density_meas_esd            ? 
_exptl_crystal.density_meas_gt             ? 
_exptl_crystal.density_meas_lt             ? 
_exptl_crystal.density_meas_temp           ? 
_exptl_crystal.density_meas_temp_esd       ? 
_exptl_crystal.density_meas_temp_gt        ? 
_exptl_crystal.density_meas_temp_lt        ? 
_exptl_crystal.pdbx_crystal_image_url      ? 
_exptl_crystal.pdbx_crystal_image_format   ? 
_exptl_crystal.pdbx_mosaicity              ? 
_exptl_crystal.pdbx_mosaicity_esd          ? 
# 
_exptl_crystal_grow.apparatus       ? 
_exptl_crystal_grow.atmosphere      ? 
_exptl_crystal_grow.crystal_id      1 
_exptl_crystal_grow.details         ? 
_exptl_crystal_grow.method          'VAPOR DIFFUSION, SITTING DROP' 
_exptl_crystal_grow.method_ref      ? 
_exptl_crystal_grow.pH              7.5 
_exptl_crystal_grow.pressure        ? 
_exptl_crystal_grow.pressure_esd    ? 
_exptl_crystal_grow.seeding         ? 
_exptl_crystal_grow.seeding_ref     ? 
_exptl_crystal_grow.temp            277 
_exptl_crystal_grow.temp_details    ? 
_exptl_crystal_grow.temp_esd        ? 
_exptl_crystal_grow.time            ? 
_exptl_crystal_grow.pdbx_details    '20% PEG3350, 0.2M NaNO3, 0.1M HEPES, 10% EtGhly, pH 7.5' 
_exptl_crystal_grow.pdbx_pH_range   ? 
# 
_diffrn.ambient_environment    ? 
_diffrn.ambient_temp           100 
_diffrn.ambient_temp_details   ? 
_diffrn.ambient_temp_esd       ? 
_diffrn.crystal_id             1 
_diffrn.crystal_support        ? 
_diffrn.crystal_treatment      ? 
_diffrn.details                ? 
_diffrn.id                     1 
_diffrn.ambient_pressure       ? 
_diffrn.ambient_pressure_esd   ? 
_diffrn.ambient_pressure_gt    ? 
_diffrn.ambient_pressure_lt    ? 
_diffrn.ambient_temp_gt        ? 
_diffrn.ambient_temp_lt        ? 
# 
_diffrn_detector.details                      ? 
_diffrn_detector.detector                     PIXEL 
_diffrn_detector.diffrn_id                    1 
_diffrn_detector.type                         'PSI PILATUS 6M' 
_diffrn_detector.area_resol_mean              ? 
_diffrn_detector.dtime                        ? 
_diffrn_detector.pdbx_frames_total            ? 
_diffrn_detector.pdbx_collection_time_total   ? 
_diffrn_detector.pdbx_collection_date         2015-03-27 
# 
_diffrn_radiation.collimation                      ? 
_diffrn_radiation.diffrn_id                        1 
_diffrn_radiation.filter_edge                      ? 
_diffrn_radiation.inhomogeneity                    ? 
_diffrn_radiation.monochromator                    ? 
_diffrn_radiation.polarisn_norm                    ? 
_diffrn_radiation.polarisn_ratio                   ? 
_diffrn_radiation.probe                            ? 
_diffrn_radiation.type                             ? 
_diffrn_radiation.xray_symbol                      ? 
_diffrn_radiation.wavelength_id                    1 
_diffrn_radiation.pdbx_monochromatic_or_laue_m_l   M 
_diffrn_radiation.pdbx_wavelength_list             ? 
_diffrn_radiation.pdbx_wavelength                  ? 
_diffrn_radiation.pdbx_diffrn_protocol             'SINGLE WAVELENGTH' 
_diffrn_radiation.pdbx_analyzer                    ? 
_diffrn_radiation.pdbx_scattering_type             x-ray 
# 
_diffrn_radiation_wavelength.id           1 
_diffrn_radiation_wavelength.wavelength   0.97776 
_diffrn_radiation_wavelength.wt           1.0 
# 
_diffrn_source.current                     ? 
_diffrn_source.details                     ? 
_diffrn_source.diffrn_id                   1 
_diffrn_source.power                       ? 
_diffrn_source.size                        ? 
_diffrn_source.source                      SYNCHROTRON 
_diffrn_source.target                      ? 
_diffrn_source.type                        OTHER 
_diffrn_source.voltage                     ? 
_diffrn_source.take-off_angle              ? 
_diffrn_source.pdbx_wavelength_list        0.97776 
_diffrn_source.pdbx_wavelength             ? 
_diffrn_source.pdbx_synchrotron_beamline   ? 
_diffrn_source.pdbx_synchrotron_site       ? 
# 
_reflns.B_iso_Wilson_estimate            ? 
_reflns.entry_id                         5COI 
_reflns.data_reduction_details           ? 
_reflns.data_reduction_method            ? 
_reflns.d_resolution_high                1.620 
_reflns.d_resolution_low                 45.560 
_reflns.details                          ? 
_reflns.limit_h_max                      ? 
_reflns.limit_h_min                      ? 
_reflns.limit_k_max                      ? 
_reflns.limit_k_min                      ? 
_reflns.limit_l_max                      ? 
_reflns.limit_l_min                      ? 
_reflns.number_all                       ? 
_reflns.number_obs                       14489 
_reflns.observed_criterion               ? 
_reflns.observed_criterion_F_max         ? 
_reflns.observed_criterion_F_min         ? 
_reflns.observed_criterion_I_max         ? 
_reflns.observed_criterion_I_min         ? 
_reflns.observed_criterion_sigma_F       ? 
_reflns.observed_criterion_sigma_I       ? 
_reflns.percent_possible_obs             89.000 
_reflns.R_free_details                   ? 
_reflns.Rmerge_F_all                     ? 
_reflns.Rmerge_F_obs                     ? 
_reflns.Friedel_coverage                 ? 
_reflns.number_gt                        ? 
_reflns.threshold_expression             ? 
_reflns.pdbx_redundancy                  5.500 
_reflns.pdbx_Rmerge_I_obs                0.092 
_reflns.pdbx_Rmerge_I_all                ? 
_reflns.pdbx_Rsym_value                  ? 
_reflns.pdbx_netI_over_av_sigmaI         ? 
_reflns.pdbx_netI_over_sigmaI            12.100 
_reflns.pdbx_res_netI_over_av_sigmaI_2   ? 
_reflns.pdbx_res_netI_over_sigmaI_2      ? 
_reflns.pdbx_chi_squared                 ? 
_reflns.pdbx_scaling_rejects             60 
_reflns.pdbx_d_res_high_opt              ? 
_reflns.pdbx_d_res_low_opt               ? 
_reflns.pdbx_d_res_opt_method            ? 
_reflns.phase_calculation_details        ? 
_reflns.pdbx_Rrim_I_all                  ? 
_reflns.pdbx_Rpim_I_all                  0.042 
_reflns.pdbx_d_opt                       ? 
_reflns.pdbx_number_measured_all         79497 
_reflns.pdbx_diffrn_id                   1 
_reflns.pdbx_ordinal                     1 
_reflns.pdbx_CC_half                     0.994 
_reflns.pdbx_R_split                     ? 
# 
loop_
_reflns_shell.d_res_high 
_reflns_shell.d_res_low 
_reflns_shell.meanI_over_sigI_all 
_reflns_shell.meanI_over_sigI_obs 
_reflns_shell.number_measured_all 
_reflns_shell.number_measured_obs 
_reflns_shell.number_possible 
_reflns_shell.number_unique_all 
_reflns_shell.number_unique_obs 
_reflns_shell.percent_possible_all 
_reflns_shell.percent_possible_obs 
_reflns_shell.Rmerge_F_all 
_reflns_shell.Rmerge_F_obs 
_reflns_shell.Rmerge_I_all 
_reflns_shell.Rmerge_I_obs 
_reflns_shell.meanI_over_sigI_gt 
_reflns_shell.meanI_over_uI_all 
_reflns_shell.meanI_over_uI_gt 
_reflns_shell.number_measured_gt 
_reflns_shell.number_unique_gt 
_reflns_shell.percent_possible_gt 
_reflns_shell.Rmerge_F_gt 
_reflns_shell.Rmerge_I_gt 
_reflns_shell.pdbx_redundancy 
_reflns_shell.pdbx_Rsym_value 
_reflns_shell.pdbx_chi_squared 
_reflns_shell.pdbx_netI_over_sigmaI_all 
_reflns_shell.pdbx_netI_over_sigmaI_obs 
_reflns_shell.pdbx_Rrim_I_all 
_reflns_shell.pdbx_Rpim_I_all 
_reflns_shell.pdbx_rejects 
_reflns_shell.pdbx_ordinal 
_reflns_shell.pdbx_diffrn_id 
_reflns_shell.pdbx_CC_half 
_reflns_shell.pdbx_R_split 
1.620 1.640  ? 4.700  4410 ? ? 790 ? 96.900 ? ? ? ? 0.310 ? ? ? ? ? ? ? ? 5.600 ? ? ? ? ? 0.141 0 1 1 0.960 ? 
8.850 45.560 ? 20.700 688  ? ? 112 ? 99.000 ? ? ? ? 0.099 ? ? ? ? ? ? ? ? 6.100 ? ? ? ? ? 0.042 0 2 1 0.986 ? 
# 
_refine.pdbx_refine_id                           'X-RAY DIFFRACTION' 
_refine.entry_id                                 5COI 
_refine.pdbx_diffrn_id                           1 
_refine.pdbx_TLS_residual_ADP_flag               ? 
_refine.ls_number_reflns_obs                     13771 
_refine.ls_number_reflns_all                     ? 
_refine.pdbx_ls_sigma_I                          ? 
_refine.pdbx_ls_sigma_F                          ? 
_refine.pdbx_data_cutoff_high_absF               ? 
_refine.pdbx_data_cutoff_low_absF                ? 
_refine.pdbx_data_cutoff_high_rms_absF           ? 
_refine.ls_d_res_low                             32.7 
_refine.ls_d_res_high                            1.62 
_refine.ls_percent_reflns_obs                    88.77 
_refine.ls_R_factor_obs                          0.17373 
_refine.ls_R_factor_all                          ? 
_refine.ls_R_factor_R_work                       0.17239 
_refine.ls_R_factor_R_free                       0.20012 
_refine.ls_R_factor_R_free_error                 ? 
_refine.ls_R_factor_R_free_error_details         ? 
_refine.ls_percent_reflns_R_free                 4.9 
_refine.ls_number_reflns_R_free                  706 
_refine.ls_number_parameters                     ? 
_refine.ls_number_restraints                     ? 
_refine.occupancy_min                            ? 
_refine.occupancy_max                            ? 
_refine.correlation_coeff_Fo_to_Fc               0.963 
_refine.correlation_coeff_Fo_to_Fc_free          0.954 
_refine.B_iso_mean                               21.730 
_refine.aniso_B[1][1]                            -1.10 
_refine.aniso_B[2][2]                            -0.27 
_refine.aniso_B[3][3]                            1.29 
_refine.aniso_B[1][2]                            0.00 
_refine.aniso_B[1][3]                            0.16 
_refine.aniso_B[2][3]                            -0.00 
_refine.solvent_model_details                    MASK 
_refine.solvent_model_param_ksol                 ? 
_refine.solvent_model_param_bsol                 ? 
_refine.pdbx_solvent_vdw_probe_radii             1.20 
_refine.pdbx_solvent_ion_probe_radii             0.80 
_refine.pdbx_solvent_shrinkage_radii             0.80 
_refine.pdbx_ls_cross_valid_method               THROUGHOUT 
_refine.details                                  'HYDROGENS HAVE BEEN ADDED IN THE RIDING POSITIONS' 
_refine.pdbx_starting_model                      ? 
_refine.pdbx_method_to_determine_struct          'MOLECULAR REPLACEMENT' 
_refine.pdbx_isotropic_thermal_model             ? 
_refine.pdbx_stereochemistry_target_values       'MAXIMUM LIKELIHOOD' 
_refine.pdbx_stereochem_target_val_spec_case     ? 
_refine.pdbx_R_Free_selection_details            RANDOM 
_refine.pdbx_overall_ESU_R                       0.112 
_refine.pdbx_overall_ESU_R_Free                  0.103 
_refine.overall_SU_ML                            0.062 
_refine.pdbx_overall_phase_error                 ? 
_refine.overall_SU_B                             1.777 
_refine.overall_SU_R_Cruickshank_DPI             ? 
_refine.pdbx_overall_SU_R_free_Cruickshank_DPI   ? 
_refine.pdbx_overall_SU_R_Blow_DPI               ? 
_refine.pdbx_overall_SU_R_free_Blow_DPI          ? 
# 
_refine_hist.pdbx_refine_id                   'X-RAY DIFFRACTION' 
_refine_hist.cycle_id                         LAST 
_refine_hist.pdbx_number_atoms_protein        1101 
_refine_hist.pdbx_number_atoms_nucleic_acid   0 
_refine_hist.pdbx_number_atoms_ligand         28 
_refine_hist.number_atoms_solvent             126 
_refine_hist.number_atoms_total               1255 
_refine_hist.d_res_high                       1.62 
_refine_hist.d_res_low                        32.7 
# 
loop_
_refine_ls_restr.type 
_refine_ls_restr.dev_ideal 
_refine_ls_restr.dev_ideal_target 
_refine_ls_restr.weight 
_refine_ls_restr.number 
_refine_ls_restr.pdbx_refine_id 
_refine_ls_restr.pdbx_restraint_function 
r_bond_refined_d             0.012  0.020  ? 1165 'X-RAY DIFFRACTION' ? 
r_bond_other_d               0.005  0.020  ? 1106 'X-RAY DIFFRACTION' ? 
r_angle_refined_deg          1.478  1.996  ? 1592 'X-RAY DIFFRACTION' ? 
r_angle_other_deg            1.066  3.006  ? 2556 'X-RAY DIFFRACTION' ? 
r_dihedral_angle_1_deg       4.968  5.000  ? 131  'X-RAY DIFFRACTION' ? 
r_dihedral_angle_2_deg       32.841 25.357 ? 56   'X-RAY DIFFRACTION' ? 
r_dihedral_angle_3_deg       13.487 15.000 ? 200  'X-RAY DIFFRACTION' ? 
r_dihedral_angle_4_deg       11.305 15.000 ? 4    'X-RAY DIFFRACTION' ? 
r_chiral_restr               0.086  0.200  ? 166  'X-RAY DIFFRACTION' ? 
r_gen_planes_refined         0.008  0.021  ? 1290 'X-RAY DIFFRACTION' ? 
r_gen_planes_other           0.002  0.020  ? 264  'X-RAY DIFFRACTION' ? 
r_nbd_refined                ?      ?      ? ?    'X-RAY DIFFRACTION' ? 
r_nbd_other                  ?      ?      ? ?    'X-RAY DIFFRACTION' ? 
r_nbtor_refined              ?      ?      ? ?    'X-RAY DIFFRACTION' ? 
r_nbtor_other                ?      ?      ? ?    'X-RAY DIFFRACTION' ? 
r_xyhbond_nbd_refined        ?      ?      ? ?    'X-RAY DIFFRACTION' ? 
r_xyhbond_nbd_other          ?      ?      ? ?    'X-RAY DIFFRACTION' ? 
r_metal_ion_refined          ?      ?      ? ?    'X-RAY DIFFRACTION' ? 
r_metal_ion_other            ?      ?      ? ?    'X-RAY DIFFRACTION' ? 
r_symmetry_vdw_refined       ?      ?      ? ?    'X-RAY DIFFRACTION' ? 
r_symmetry_vdw_other         ?      ?      ? ?    'X-RAY DIFFRACTION' ? 
r_symmetry_hbond_refined     ?      ?      ? ?    'X-RAY DIFFRACTION' ? 
r_symmetry_hbond_other       ?      ?      ? ?    'X-RAY DIFFRACTION' ? 
r_symmetry_metal_ion_refined ?      ?      ? ?    'X-RAY DIFFRACTION' ? 
r_symmetry_metal_ion_other   ?      ?      ? ?    'X-RAY DIFFRACTION' ? 
r_mcbond_it                  1.826  1.891  ? 527  'X-RAY DIFFRACTION' ? 
r_mcbond_other               1.827  1.877  ? 526  'X-RAY DIFFRACTION' ? 
r_mcangle_it                 3.097  2.809  ? 657  'X-RAY DIFFRACTION' ? 
r_mcangle_other              3.096  2.825  ? 658  'X-RAY DIFFRACTION' ? 
r_scbond_it                  2.268  2.214  ? 638  'X-RAY DIFFRACTION' ? 
r_scbond_other               2.266  2.212  ? 639  'X-RAY DIFFRACTION' ? 
r_scangle_it                 ?      ?      ? ?    'X-RAY DIFFRACTION' ? 
r_scangle_other              3.812  3.205  ? 936  'X-RAY DIFFRACTION' ? 
r_long_range_B_refined       6.406  15.700 ? 1463 'X-RAY DIFFRACTION' ? 
r_long_range_B_other         6.234  15.273 ? 1412 'X-RAY DIFFRACTION' ? 
r_rigid_bond_restr           ?      ?      ? ?    'X-RAY DIFFRACTION' ? 
r_sphericity_free            ?      ?      ? ?    'X-RAY DIFFRACTION' ? 
r_sphericity_bonded          ?      ?      ? ?    'X-RAY DIFFRACTION' ? 
# 
_refine_ls_shell.pdbx_refine_id                   'X-RAY DIFFRACTION' 
_refine_ls_shell.pdbx_total_number_of_bins_used   20 
_refine_ls_shell.d_res_high                       1.616 
_refine_ls_shell.d_res_low                        1.658 
_refine_ls_shell.number_reflns_R_work             1132 
_refine_ls_shell.R_factor_R_work                  0.181 
_refine_ls_shell.percent_reflns_obs               97.30 
_refine_ls_shell.R_factor_R_free                  0.259 
_refine_ls_shell.R_factor_R_free_error            ? 
_refine_ls_shell.percent_reflns_R_free            ? 
_refine_ls_shell.number_reflns_R_free             55 
_refine_ls_shell.number_reflns_all                ? 
_refine_ls_shell.R_factor_all                     ? 
_refine_ls_shell.R_factor_obs                     ? 
_refine_ls_shell.number_reflns_obs                ? 
# 
_struct.entry_id                     5COI 
_struct.title                        
'Crystal Structure of the first bromodomain of human BRD4 in complex with benzo[cd]indol-2(1H)-one ligand' 
_struct.pdbx_model_details           ? 
_struct.pdbx_formula_weight          ? 
_struct.pdbx_formula_weight_method   ? 
_struct.pdbx_model_type_details      ? 
_struct.pdbx_CASP_flag               ? 
# 
_struct_keywords.entry_id        5COI 
_struct_keywords.text            
'BRD4, Bromodomain, Four Alpha Helices, Transcription-transcr, SIGNALING PROTEIN-INHIBITOR complex' 
_struct_keywords.pdbx_keywords   'SIGNALING PROTEIN/INHIBITOR' 
# 
loop_
_struct_asym.id 
_struct_asym.pdbx_blank_PDB_chainid_flag 
_struct_asym.pdbx_modified 
_struct_asym.entity_id 
_struct_asym.details 
A N N 1 ? 
B N N 2 ? 
C N N 3 ? 
# 
_struct_ref.db_code                    BRD4_HUMAN 
_struct_ref.db_name                    UNP 
_struct_ref.details                    ? 
_struct_ref.entity_id                  1 
_struct_ref.id                         1 
_struct_ref.seq_align                  ? 
_struct_ref.seq_dif                    ? 
_struct_ref.pdbx_db_accession          O60885 
_struct_ref.pdbx_db_isoform            ? 
_struct_ref.pdbx_seq_one_letter_code   
;NPPPPETSNPNKPKRQTNQLQYLLRVVLKTLWKHQFAWPFQQPVDAVKLNLPDYYKIIKTPMDMGTIKKRLENNYYWNAQ
ECIQDFNTMFTNCYIYNKPGDDIVLMAEALEKLFLQKINELPTEE
;
_struct_ref.pdbx_align_begin           44 
_struct_ref.pdbx_align_end             ? 
# 
_struct_ref_seq.align_id                      1 
_struct_ref_seq.ref_id                        1 
_struct_ref_seq.pdbx_PDB_id_code              5COI 
_struct_ref_seq.pdbx_strand_id                A 
_struct_ref_seq.seq_align_beg                 17 
_struct_ref_seq.pdbx_seq_align_beg_ins_code   ? 
_struct_ref_seq.seq_align_end                 141 
_struct_ref_seq.pdbx_seq_align_end_ins_code   ? 
_struct_ref_seq.pdbx_db_accession             O60885 
_struct_ref_seq.db_align_beg                  44 
_struct_ref_seq.pdbx_db_align_beg_ins_code    ? 
_struct_ref_seq.db_align_end                  168 
_struct_ref_seq.pdbx_db_align_end_ins_code    ? 
_struct_ref_seq.pdbx_auth_seq_align_beg       44 
_struct_ref_seq.pdbx_auth_seq_align_end       168 
# 
loop_
_struct_ref_seq_dif.align_id 
_struct_ref_seq_dif.pdbx_pdb_id_code 
_struct_ref_seq_dif.mon_id 
_struct_ref_seq_dif.pdbx_pdb_strand_id 
_struct_ref_seq_dif.seq_num 
_struct_ref_seq_dif.pdbx_pdb_ins_code 
_struct_ref_seq_dif.pdbx_seq_db_name 
_struct_ref_seq_dif.pdbx_seq_db_accession_code 
_struct_ref_seq_dif.db_mon_id 
_struct_ref_seq_dif.pdbx_seq_db_seq_num 
_struct_ref_seq_dif.details 
_struct_ref_seq_dif.pdbx_auth_seq_num 
_struct_ref_seq_dif.pdbx_ordinal 
1 5COI MET A 1  ? UNP O60885 ? ? 'initiating methionine' 28 1  
1 5COI LYS A 2  ? UNP O60885 ? ? 'expression tag'        29 2  
1 5COI LYS A 3  ? UNP O60885 ? ? 'expression tag'        30 3  
1 5COI GLY A 4  ? UNP O60885 ? ? 'expression tag'        31 4  
1 5COI HIS A 5  ? UNP O60885 ? ? 'expression tag'        32 5  
1 5COI HIS A 6  ? UNP O60885 ? ? 'expression tag'        33 6  
1 5COI HIS A 7  ? UNP O60885 ? ? 'expression tag'        34 7  
1 5COI HIS A 8  ? UNP O60885 ? ? 'expression tag'        35 8  
1 5COI HIS A 9  ? UNP O60885 ? ? 'expression tag'        36 9  
1 5COI HIS A 10 ? UNP O60885 ? ? 'expression tag'        37 10 
1 5COI LEU A 11 ? UNP O60885 ? ? 'expression tag'        38 11 
1 5COI VAL A 12 ? UNP O60885 ? ? 'expression tag'        39 12 
1 5COI PRO A 13 ? UNP O60885 ? ? 'expression tag'        40 13 
1 5COI ARG A 14 ? UNP O60885 ? ? 'expression tag'        41 14 
1 5COI GLY A 15 ? UNP O60885 ? ? 'expression tag'        42 15 
1 5COI SER A 16 ? UNP O60885 ? ? 'expression tag'        43 16 
# 
_pdbx_struct_assembly.id                   1 
_pdbx_struct_assembly.details              author_defined_assembly 
_pdbx_struct_assembly.method_details       ? 
_pdbx_struct_assembly.oligomeric_details   monomeric 
_pdbx_struct_assembly.oligomeric_count     1 
# 
loop_
_pdbx_struct_assembly_prop.biol_id 
_pdbx_struct_assembly_prop.type 
_pdbx_struct_assembly_prop.value 
_pdbx_struct_assembly_prop.details 
1 'ABSA (A^2)' 0    ? 
1 MORE         0    ? 
1 'SSA (A^2)'  8140 ? 
# 
_pdbx_struct_assembly_gen.assembly_id       1 
_pdbx_struct_assembly_gen.oper_expression   1 
_pdbx_struct_assembly_gen.asym_id_list      A,B,C 
# 
_pdbx_struct_oper_list.id                   1 
_pdbx_struct_oper_list.type                 'identity operation' 
_pdbx_struct_oper_list.name                 1_555 
_pdbx_struct_oper_list.symmetry_operation   x,y,z 
_pdbx_struct_oper_list.matrix[1][1]         1.0000000000 
_pdbx_struct_oper_list.matrix[1][2]         0.0000000000 
_pdbx_struct_oper_list.matrix[1][3]         0.0000000000 
_pdbx_struct_oper_list.vector[1]            0.0000000000 
_pdbx_struct_oper_list.matrix[2][1]         0.0000000000 
_pdbx_struct_oper_list.matrix[2][2]         1.0000000000 
_pdbx_struct_oper_list.matrix[2][3]         0.0000000000 
_pdbx_struct_oper_list.vector[2]            0.0000000000 
_pdbx_struct_oper_list.matrix[3][1]         0.0000000000 
_pdbx_struct_oper_list.matrix[3][2]         0.0000000000 
_pdbx_struct_oper_list.matrix[3][3]         1.0000000000 
_pdbx_struct_oper_list.vector[3]            0.0000000000 
# 
loop_
_struct_conf.conf_type_id 
_struct_conf.id 
_struct_conf.pdbx_PDB_helix_id 
_struct_conf.beg_label_comp_id 
_struct_conf.beg_label_asym_id 
_struct_conf.beg_label_seq_id 
_struct_conf.pdbx_beg_PDB_ins_code 
_struct_conf.end_label_comp_id 
_struct_conf.end_label_asym_id 
_struct_conf.end_label_seq_id 
_struct_conf.pdbx_end_PDB_ins_code 
_struct_conf.beg_auth_comp_id 
_struct_conf.beg_auth_asym_id 
_struct_conf.beg_auth_seq_id 
_struct_conf.end_auth_comp_id 
_struct_conf.end_auth_asym_id 
_struct_conf.end_auth_seq_id 
_struct_conf.pdbx_PDB_helix_class 
_struct_conf.details 
_struct_conf.pdbx_PDB_helix_length 
HELX_P HELX_P1 AA1 THR A 33  ? VAL A 42  ? THR A 60  VAL A 69  1 ? 10 
HELX_P HELX_P2 AA2 VAL A 42  ? LYS A 49  ? VAL A 69  LYS A 76  1 ? 8  
HELX_P HELX_P3 AA3 ALA A 53  ? GLN A 57  ? ALA A 80  GLN A 84  5 ? 5  
HELX_P HELX_P4 AA4 ASP A 69  ? ILE A 74  ? ASP A 96  ILE A 101 1 ? 6  
HELX_P HELX_P5 AA5 ASP A 79  ? ASN A 89  ? ASP A 106 ASN A 116 1 ? 11 
HELX_P HELX_P6 AA6 ASN A 94  ? ASN A 113 ? ASN A 121 ASN A 140 1 ? 20 
HELX_P HELX_P7 AA7 ASP A 117 ? ASN A 135 ? ASP A 144 ASN A 162 1 ? 19 
# 
_struct_conf_type.id          HELX_P 
_struct_conf_type.criteria    ? 
_struct_conf_type.reference   ? 
# 
_struct_site.id                   AC1 
_struct_site.pdbx_evidence_code   Software 
_struct_site.pdbx_auth_asym_id    A 
_struct_site.pdbx_auth_comp_id    55K 
_struct_site.pdbx_auth_seq_id     201 
_struct_site.pdbx_auth_ins_code   ? 
_struct_site.pdbx_num_residues    10 
_struct_site.details              'binding site for residue 55K A 201' 
# 
loop_
_struct_site_gen.id 
_struct_site_gen.site_id 
_struct_site_gen.pdbx_num_res 
_struct_site_gen.label_comp_id 
_struct_site_gen.label_asym_id 
_struct_site_gen.label_seq_id 
_struct_site_gen.pdbx_auth_ins_code 
_struct_site_gen.auth_comp_id 
_struct_site_gen.auth_asym_id 
_struct_site_gen.auth_seq_id 
_struct_site_gen.label_atom_id 
_struct_site_gen.label_alt_id 
_struct_site_gen.symmetry 
_struct_site_gen.details 
1  AC1 10 TRP A 54  ? TRP A 81  . ? 1_555 ? 
2  AC1 10 PRO A 55  ? PRO A 82  . ? 1_555 ? 
3  AC1 10 PHE A 56  ? PHE A 83  . ? 1_555 ? 
4  AC1 10 VAL A 60  ? VAL A 87  . ? 1_555 ? 
5  AC1 10 LEU A 65  ? LEU A 92  . ? 1_555 ? 
6  AC1 10 LEU A 67  ? LEU A 94  . ? 1_555 ? 
7  AC1 10 ASN A 113 ? ASN A 140 . ? 1_555 ? 
8  AC1 10 MET A 122 ? MET A 149 . ? 1_555 ? 
9  AC1 10 HOH C .   ? HOH A 304 . ? 1_555 ? 
10 AC1 10 HOH C .   ? HOH A 364 . ? 1_555 ? 
# 
loop_
_pdbx_unobs_or_zero_occ_residues.id 
_pdbx_unobs_or_zero_occ_residues.PDB_model_num 
_pdbx_unobs_or_zero_occ_residues.polymer_flag 
_pdbx_unobs_or_zero_occ_residues.occupancy_flag 
_pdbx_unobs_or_zero_occ_residues.auth_asym_id 
_pdbx_unobs_or_zero_occ_residues.auth_comp_id 
_pdbx_unobs_or_zero_occ_residues.auth_seq_id 
_pdbx_unobs_or_zero_occ_residues.PDB_ins_code 
_pdbx_unobs_or_zero_occ_residues.label_asym_id 
_pdbx_unobs_or_zero_occ_residues.label_comp_id 
_pdbx_unobs_or_zero_occ_residues.label_seq_id 
1 1 Y 1 A MET 28  ? A MET 1   
2 1 Y 1 A LYS 29  ? A LYS 2   
3 1 Y 1 A LYS 30  ? A LYS 3   
4 1 Y 1 A GLY 31  ? A GLY 4   
5 1 Y 1 A HIS 32  ? A HIS 5   
6 1 Y 1 A HIS 33  ? A HIS 6   
7 1 Y 1 A HIS 34  ? A HIS 7   
8 1 Y 1 A HIS 35  ? A HIS 8   
9 1 Y 1 A GLU 168 ? A GLU 141 
# 
loop_
_chem_comp_atom.comp_id 
_chem_comp_atom.atom_id 
_chem_comp_atom.type_symbol 
_chem_comp_atom.pdbx_aromatic_flag 
_chem_comp_atom.pdbx_stereo_config 
_chem_comp_atom.pdbx_ordinal 
55K CAV  C N N 1   
55K CAW  C N N 2   
55K CAX  C N N 3   
55K CAY  C N N 4   
55K CAU  C N N 5   
55K CAZ  C N N 6   
55K OBB  O N N 7   
55K OBA  O N N 8   
55K CAT  C N N 9   
55K NAS  N N N 10  
55K SAP  S N N 11  
55K OAQ  O N N 12  
55K OAR  O N N 13  
55K CAC  C Y N 14  
55K CAB  C Y N 15  
55K CAA  C Y N 16  
55K CAF  C Y N 17  
55K CAE  C Y N 18  
55K CAD  C Y N 19  
55K CAG  C Y N 20  
55K CAH  C Y N 21  
55K CAI  C Y N 22  
55K CAJ  C Y N 23  
55K CAL  C N N 24  
55K OAM  O N N 25  
55K NAK  N N N 26  
55K CAN  C N N 27  
55K CAO  C N N 28  
55K H1   H N N 29  
55K H2   H N N 30  
55K H3   H N N 31  
55K H4   H N N 32  
55K H5   H N N 33  
55K H6   H N N 34  
55K H7   H N N 35  
55K H8   H N N 36  
55K H9   H N N 37  
55K H10  H N N 38  
55K H11  H N N 39  
55K H12  H N N 40  
55K H13  H N N 41  
55K H14  H N N 42  
55K H15  H N N 43  
55K H16  H N N 44  
55K H17  H N N 45  
55K H18  H N N 46  
55K H19  H N N 47  
55K H20  H N N 48  
55K H21  H N N 49  
55K H22  H N N 50  
ALA N    N N N 51  
ALA CA   C N S 52  
ALA C    C N N 53  
ALA O    O N N 54  
ALA CB   C N N 55  
ALA OXT  O N N 56  
ALA H    H N N 57  
ALA H2   H N N 58  
ALA HA   H N N 59  
ALA HB1  H N N 60  
ALA HB2  H N N 61  
ALA HB3  H N N 62  
ALA HXT  H N N 63  
ARG N    N N N 64  
ARG CA   C N S 65  
ARG C    C N N 66  
ARG O    O N N 67  
ARG CB   C N N 68  
ARG CG   C N N 69  
ARG CD   C N N 70  
ARG NE   N N N 71  
ARG CZ   C N N 72  
ARG NH1  N N N 73  
ARG NH2  N N N 74  
ARG OXT  O N N 75  
ARG H    H N N 76  
ARG H2   H N N 77  
ARG HA   H N N 78  
ARG HB2  H N N 79  
ARG HB3  H N N 80  
ARG HG2  H N N 81  
ARG HG3  H N N 82  
ARG HD2  H N N 83  
ARG HD3  H N N 84  
ARG HE   H N N 85  
ARG HH11 H N N 86  
ARG HH12 H N N 87  
ARG HH21 H N N 88  
ARG HH22 H N N 89  
ARG HXT  H N N 90  
ASN N    N N N 91  
ASN CA   C N S 92  
ASN C    C N N 93  
ASN O    O N N 94  
ASN CB   C N N 95  
ASN CG   C N N 96  
ASN OD1  O N N 97  
ASN ND2  N N N 98  
ASN OXT  O N N 99  
ASN H    H N N 100 
ASN H2   H N N 101 
ASN HA   H N N 102 
ASN HB2  H N N 103 
ASN HB3  H N N 104 
ASN HD21 H N N 105 
ASN HD22 H N N 106 
ASN HXT  H N N 107 
ASP N    N N N 108 
ASP CA   C N S 109 
ASP C    C N N 110 
ASP O    O N N 111 
ASP CB   C N N 112 
ASP CG   C N N 113 
ASP OD1  O N N 114 
ASP OD2  O N N 115 
ASP OXT  O N N 116 
ASP H    H N N 117 
ASP H2   H N N 118 
ASP HA   H N N 119 
ASP HB2  H N N 120 
ASP HB3  H N N 121 
ASP HD2  H N N 122 
ASP HXT  H N N 123 
CYS N    N N N 124 
CYS CA   C N R 125 
CYS C    C N N 126 
CYS O    O N N 127 
CYS CB   C N N 128 
CYS SG   S N N 129 
CYS OXT  O N N 130 
CYS H    H N N 131 
CYS H2   H N N 132 
CYS HA   H N N 133 
CYS HB2  H N N 134 
CYS HB3  H N N 135 
CYS HG   H N N 136 
CYS HXT  H N N 137 
GLN N    N N N 138 
GLN CA   C N S 139 
GLN C    C N N 140 
GLN O    O N N 141 
GLN CB   C N N 142 
GLN CG   C N N 143 
GLN CD   C N N 144 
GLN OE1  O N N 145 
GLN NE2  N N N 146 
GLN OXT  O N N 147 
GLN H    H N N 148 
GLN H2   H N N 149 
GLN HA   H N N 150 
GLN HB2  H N N 151 
GLN HB3  H N N 152 
GLN HG2  H N N 153 
GLN HG3  H N N 154 
GLN HE21 H N N 155 
GLN HE22 H N N 156 
GLN HXT  H N N 157 
GLU N    N N N 158 
GLU CA   C N S 159 
GLU C    C N N 160 
GLU O    O N N 161 
GLU CB   C N N 162 
GLU CG   C N N 163 
GLU CD   C N N 164 
GLU OE1  O N N 165 
GLU OE2  O N N 166 
GLU OXT  O N N 167 
GLU H    H N N 168 
GLU H2   H N N 169 
GLU HA   H N N 170 
GLU HB2  H N N 171 
GLU HB3  H N N 172 
GLU HG2  H N N 173 
GLU HG3  H N N 174 
GLU HE2  H N N 175 
GLU HXT  H N N 176 
GLY N    N N N 177 
GLY CA   C N N 178 
GLY C    C N N 179 
GLY O    O N N 180 
GLY OXT  O N N 181 
GLY H    H N N 182 
GLY H2   H N N 183 
GLY HA2  H N N 184 
GLY HA3  H N N 185 
GLY HXT  H N N 186 
HIS N    N N N 187 
HIS CA   C N S 188 
HIS C    C N N 189 
HIS O    O N N 190 
HIS CB   C N N 191 
HIS CG   C Y N 192 
HIS ND1  N Y N 193 
HIS CD2  C Y N 194 
HIS CE1  C Y N 195 
HIS NE2  N Y N 196 
HIS OXT  O N N 197 
HIS H    H N N 198 
HIS H2   H N N 199 
HIS HA   H N N 200 
HIS HB2  H N N 201 
HIS HB3  H N N 202 
HIS HD1  H N N 203 
HIS HD2  H N N 204 
HIS HE1  H N N 205 
HIS HE2  H N N 206 
HIS HXT  H N N 207 
HOH O    O N N 208 
HOH H1   H N N 209 
HOH H2   H N N 210 
ILE N    N N N 211 
ILE CA   C N S 212 
ILE C    C N N 213 
ILE O    O N N 214 
ILE CB   C N S 215 
ILE CG1  C N N 216 
ILE CG2  C N N 217 
ILE CD1  C N N 218 
ILE OXT  O N N 219 
ILE H    H N N 220 
ILE H2   H N N 221 
ILE HA   H N N 222 
ILE HB   H N N 223 
ILE HG12 H N N 224 
ILE HG13 H N N 225 
ILE HG21 H N N 226 
ILE HG22 H N N 227 
ILE HG23 H N N 228 
ILE HD11 H N N 229 
ILE HD12 H N N 230 
ILE HD13 H N N 231 
ILE HXT  H N N 232 
LEU N    N N N 233 
LEU CA   C N S 234 
LEU C    C N N 235 
LEU O    O N N 236 
LEU CB   C N N 237 
LEU CG   C N N 238 
LEU CD1  C N N 239 
LEU CD2  C N N 240 
LEU OXT  O N N 241 
LEU H    H N N 242 
LEU H2   H N N 243 
LEU HA   H N N 244 
LEU HB2  H N N 245 
LEU HB3  H N N 246 
LEU HG   H N N 247 
LEU HD11 H N N 248 
LEU HD12 H N N 249 
LEU HD13 H N N 250 
LEU HD21 H N N 251 
LEU HD22 H N N 252 
LEU HD23 H N N 253 
LEU HXT  H N N 254 
LYS N    N N N 255 
LYS CA   C N S 256 
LYS C    C N N 257 
LYS O    O N N 258 
LYS CB   C N N 259 
LYS CG   C N N 260 
LYS CD   C N N 261 
LYS CE   C N N 262 
LYS NZ   N N N 263 
LYS OXT  O N N 264 
LYS H    H N N 265 
LYS H2   H N N 266 
LYS HA   H N N 267 
LYS HB2  H N N 268 
LYS HB3  H N N 269 
LYS HG2  H N N 270 
LYS HG3  H N N 271 
LYS HD2  H N N 272 
LYS HD3  H N N 273 
LYS HE2  H N N 274 
LYS HE3  H N N 275 
LYS HZ1  H N N 276 
LYS HZ2  H N N 277 
LYS HZ3  H N N 278 
LYS HXT  H N N 279 
MET N    N N N 280 
MET CA   C N S 281 
MET C    C N N 282 
MET O    O N N 283 
MET CB   C N N 284 
MET CG   C N N 285 
MET SD   S N N 286 
MET CE   C N N 287 
MET OXT  O N N 288 
MET H    H N N 289 
MET H2   H N N 290 
MET HA   H N N 291 
MET HB2  H N N 292 
MET HB3  H N N 293 
MET HG2  H N N 294 
MET HG3  H N N 295 
MET HE1  H N N 296 
MET HE2  H N N 297 
MET HE3  H N N 298 
MET HXT  H N N 299 
PHE N    N N N 300 
PHE CA   C N S 301 
PHE C    C N N 302 
PHE O    O N N 303 
PHE CB   C N N 304 
PHE CG   C Y N 305 
PHE CD1  C Y N 306 
PHE CD2  C Y N 307 
PHE CE1  C Y N 308 
PHE CE2  C Y N 309 
PHE CZ   C Y N 310 
PHE OXT  O N N 311 
PHE H    H N N 312 
PHE H2   H N N 313 
PHE HA   H N N 314 
PHE HB2  H N N 315 
PHE HB3  H N N 316 
PHE HD1  H N N 317 
PHE HD2  H N N 318 
PHE HE1  H N N 319 
PHE HE2  H N N 320 
PHE HZ   H N N 321 
PHE HXT  H N N 322 
PRO N    N N N 323 
PRO CA   C N S 324 
PRO C    C N N 325 
PRO O    O N N 326 
PRO CB   C N N 327 
PRO CG   C N N 328 
PRO CD   C N N 329 
PRO OXT  O N N 330 
PRO H    H N N 331 
PRO HA   H N N 332 
PRO HB2  H N N 333 
PRO HB3  H N N 334 
PRO HG2  H N N 335 
PRO HG3  H N N 336 
PRO HD2  H N N 337 
PRO HD3  H N N 338 
PRO HXT  H N N 339 
SER N    N N N 340 
SER CA   C N S 341 
SER C    C N N 342 
SER O    O N N 343 
SER CB   C N N 344 
SER OG   O N N 345 
SER OXT  O N N 346 
SER H    H N N 347 
SER H2   H N N 348 
SER HA   H N N 349 
SER HB2  H N N 350 
SER HB3  H N N 351 
SER HG   H N N 352 
SER HXT  H N N 353 
THR N    N N N 354 
THR CA   C N S 355 
THR C    C N N 356 
THR O    O N N 357 
THR CB   C N R 358 
THR OG1  O N N 359 
THR CG2  C N N 360 
THR OXT  O N N 361 
THR H    H N N 362 
THR H2   H N N 363 
THR HA   H N N 364 
THR HB   H N N 365 
THR HG1  H N N 366 
THR HG21 H N N 367 
THR HG22 H N N 368 
THR HG23 H N N 369 
THR HXT  H N N 370 
TRP N    N N N 371 
TRP CA   C N S 372 
TRP C    C N N 373 
TRP O    O N N 374 
TRP CB   C N N 375 
TRP CG   C Y N 376 
TRP CD1  C Y N 377 
TRP CD2  C Y N 378 
TRP NE1  N Y N 379 
TRP CE2  C Y N 380 
TRP CE3  C Y N 381 
TRP CZ2  C Y N 382 
TRP CZ3  C Y N 383 
TRP CH2  C Y N 384 
TRP OXT  O N N 385 
TRP H    H N N 386 
TRP H2   H N N 387 
TRP HA   H N N 388 
TRP HB2  H N N 389 
TRP HB3  H N N 390 
TRP HD1  H N N 391 
TRP HE1  H N N 392 
TRP HE3  H N N 393 
TRP HZ2  H N N 394 
TRP HZ3  H N N 395 
TRP HH2  H N N 396 
TRP HXT  H N N 397 
TYR N    N N N 398 
TYR CA   C N S 399 
TYR C    C N N 400 
TYR O    O N N 401 
TYR CB   C N N 402 
TYR CG   C Y N 403 
TYR CD1  C Y N 404 
TYR CD2  C Y N 405 
TYR CE1  C Y N 406 
TYR CE2  C Y N 407 
TYR CZ   C Y N 408 
TYR OH   O N N 409 
TYR OXT  O N N 410 
TYR H    H N N 411 
TYR H2   H N N 412 
TYR HA   H N N 413 
TYR HB2  H N N 414 
TYR HB3  H N N 415 
TYR HD1  H N N 416 
TYR HD2  H N N 417 
TYR HE1  H N N 418 
TYR HE2  H N N 419 
TYR HH   H N N 420 
TYR HXT  H N N 421 
VAL N    N N N 422 
VAL CA   C N S 423 
VAL C    C N N 424 
VAL O    O N N 425 
VAL CB   C N N 426 
VAL CG1  C N N 427 
VAL CG2  C N N 428 
VAL OXT  O N N 429 
VAL H    H N N 430 
VAL H2   H N N 431 
VAL HA   H N N 432 
VAL HB   H N N 433 
VAL HG11 H N N 434 
VAL HG12 H N N 435 
VAL HG13 H N N 436 
VAL HG21 H N N 437 
VAL HG22 H N N 438 
VAL HG23 H N N 439 
VAL HXT  H N N 440 
# 
loop_
_chem_comp_bond.comp_id 
_chem_comp_bond.atom_id_1 
_chem_comp_bond.atom_id_2 
_chem_comp_bond.value_order 
_chem_comp_bond.pdbx_aromatic_flag 
_chem_comp_bond.pdbx_stereo_config 
_chem_comp_bond.pdbx_ordinal 
55K CAW CAX  sing N N 1   
55K CAW CAV  sing N N 2   
55K CAX CAY  sing N N 3   
55K CAV CAU  sing N N 4   
55K OBA CAZ  doub N N 5   
55K CAY CAU  sing N N 6   
55K CAU CAZ  sing N N 7   
55K CAU CAT  sing N N 8   
55K CAZ OBB  sing N N 9   
55K CAT NAS  sing N N 10  
55K NAS SAP  sing N N 11  
55K OAQ SAP  doub N N 12  
55K SAP OAR  doub N N 13  
55K SAP CAC  sing N N 14  
55K CAC CAD  doub Y N 15  
55K CAC CAB  sing Y N 16  
55K CAG CAD  sing Y N 17  
55K CAG CAH  doub Y N 18  
55K CAD CAE  sing Y N 19  
55K CAB CAA  doub Y N 20  
55K CAH CAI  sing Y N 21  
55K CAE CAF  doub Y N 22  
55K CAE CAJ  sing Y N 23  
55K CAA CAF  sing Y N 24  
55K CAI CAJ  doub Y N 25  
55K CAF NAK  sing N N 26  
55K CAJ CAL  sing N N 27  
55K NAK CAL  sing N N 28  
55K NAK CAN  sing N N 29  
55K CAL OAM  doub N N 30  
55K CAO CAN  sing N N 31  
55K CAV H1   sing N N 32  
55K CAV H2   sing N N 33  
55K CAW H3   sing N N 34  
55K CAW H4   sing N N 35  
55K CAX H5   sing N N 36  
55K CAX H6   sing N N 37  
55K CAY H7   sing N N 38  
55K CAY H8   sing N N 39  
55K OBB H9   sing N N 40  
55K CAT H10  sing N N 41  
55K CAT H11  sing N N 42  
55K NAS H12  sing N N 43  
55K CAB H13  sing N N 44  
55K CAA H14  sing N N 45  
55K CAG H15  sing N N 46  
55K CAH H16  sing N N 47  
55K CAI H17  sing N N 48  
55K CAN H18  sing N N 49  
55K CAN H19  sing N N 50  
55K CAO H20  sing N N 51  
55K CAO H21  sing N N 52  
55K CAO H22  sing N N 53  
ALA N   CA   sing N N 54  
ALA N   H    sing N N 55  
ALA N   H2   sing N N 56  
ALA CA  C    sing N N 57  
ALA CA  CB   sing N N 58  
ALA CA  HA   sing N N 59  
ALA C   O    doub N N 60  
ALA C   OXT  sing N N 61  
ALA CB  HB1  sing N N 62  
ALA CB  HB2  sing N N 63  
ALA CB  HB3  sing N N 64  
ALA OXT HXT  sing N N 65  
ARG N   CA   sing N N 66  
ARG N   H    sing N N 67  
ARG N   H2   sing N N 68  
ARG CA  C    sing N N 69  
ARG CA  CB   sing N N 70  
ARG CA  HA   sing N N 71  
ARG C   O    doub N N 72  
ARG C   OXT  sing N N 73  
ARG CB  CG   sing N N 74  
ARG CB  HB2  sing N N 75  
ARG CB  HB3  sing N N 76  
ARG CG  CD   sing N N 77  
ARG CG  HG2  sing N N 78  
ARG CG  HG3  sing N N 79  
ARG CD  NE   sing N N 80  
ARG CD  HD2  sing N N 81  
ARG CD  HD3  sing N N 82  
ARG NE  CZ   sing N N 83  
ARG NE  HE   sing N N 84  
ARG CZ  NH1  sing N N 85  
ARG CZ  NH2  doub N N 86  
ARG NH1 HH11 sing N N 87  
ARG NH1 HH12 sing N N 88  
ARG NH2 HH21 sing N N 89  
ARG NH2 HH22 sing N N 90  
ARG OXT HXT  sing N N 91  
ASN N   CA   sing N N 92  
ASN N   H    sing N N 93  
ASN N   H2   sing N N 94  
ASN CA  C    sing N N 95  
ASN CA  CB   sing N N 96  
ASN CA  HA   sing N N 97  
ASN C   O    doub N N 98  
ASN C   OXT  sing N N 99  
ASN CB  CG   sing N N 100 
ASN CB  HB2  sing N N 101 
ASN CB  HB3  sing N N 102 
ASN CG  OD1  doub N N 103 
ASN CG  ND2  sing N N 104 
ASN ND2 HD21 sing N N 105 
ASN ND2 HD22 sing N N 106 
ASN OXT HXT  sing N N 107 
ASP N   CA   sing N N 108 
ASP N   H    sing N N 109 
ASP N   H2   sing N N 110 
ASP CA  C    sing N N 111 
ASP CA  CB   sing N N 112 
ASP CA  HA   sing N N 113 
ASP C   O    doub N N 114 
ASP C   OXT  sing N N 115 
ASP CB  CG   sing N N 116 
ASP CB  HB2  sing N N 117 
ASP CB  HB3  sing N N 118 
ASP CG  OD1  doub N N 119 
ASP CG  OD2  sing N N 120 
ASP OD2 HD2  sing N N 121 
ASP OXT HXT  sing N N 122 
CYS N   CA   sing N N 123 
CYS N   H    sing N N 124 
CYS N   H2   sing N N 125 
CYS CA  C    sing N N 126 
CYS CA  CB   sing N N 127 
CYS CA  HA   sing N N 128 
CYS C   O    doub N N 129 
CYS C   OXT  sing N N 130 
CYS CB  SG   sing N N 131 
CYS CB  HB2  sing N N 132 
CYS CB  HB3  sing N N 133 
CYS SG  HG   sing N N 134 
CYS OXT HXT  sing N N 135 
GLN N   CA   sing N N 136 
GLN N   H    sing N N 137 
GLN N   H2   sing N N 138 
GLN CA  C    sing N N 139 
GLN CA  CB   sing N N 140 
GLN CA  HA   sing N N 141 
GLN C   O    doub N N 142 
GLN C   OXT  sing N N 143 
GLN CB  CG   sing N N 144 
GLN CB  HB2  sing N N 145 
GLN CB  HB3  sing N N 146 
GLN CG  CD   sing N N 147 
GLN CG  HG2  sing N N 148 
GLN CG  HG3  sing N N 149 
GLN CD  OE1  doub N N 150 
GLN CD  NE2  sing N N 151 
GLN NE2 HE21 sing N N 152 
GLN NE2 HE22 sing N N 153 
GLN OXT HXT  sing N N 154 
GLU N   CA   sing N N 155 
GLU N   H    sing N N 156 
GLU N   H2   sing N N 157 
GLU CA  C    sing N N 158 
GLU CA  CB   sing N N 159 
GLU CA  HA   sing N N 160 
GLU C   O    doub N N 161 
GLU C   OXT  sing N N 162 
GLU CB  CG   sing N N 163 
GLU CB  HB2  sing N N 164 
GLU CB  HB3  sing N N 165 
GLU CG  CD   sing N N 166 
GLU CG  HG2  sing N N 167 
GLU CG  HG3  sing N N 168 
GLU CD  OE1  doub N N 169 
GLU CD  OE2  sing N N 170 
GLU OE2 HE2  sing N N 171 
GLU OXT HXT  sing N N 172 
GLY N   CA   sing N N 173 
GLY N   H    sing N N 174 
GLY N   H2   sing N N 175 
GLY CA  C    sing N N 176 
GLY CA  HA2  sing N N 177 
GLY CA  HA3  sing N N 178 
GLY C   O    doub N N 179 
GLY C   OXT  sing N N 180 
GLY OXT HXT  sing N N 181 
HIS N   CA   sing N N 182 
HIS N   H    sing N N 183 
HIS N   H2   sing N N 184 
HIS CA  C    sing N N 185 
HIS CA  CB   sing N N 186 
HIS CA  HA   sing N N 187 
HIS C   O    doub N N 188 
HIS C   OXT  sing N N 189 
HIS CB  CG   sing N N 190 
HIS CB  HB2  sing N N 191 
HIS CB  HB3  sing N N 192 
HIS CG  ND1  sing Y N 193 
HIS CG  CD2  doub Y N 194 
HIS ND1 CE1  doub Y N 195 
HIS ND1 HD1  sing N N 196 
HIS CD2 NE2  sing Y N 197 
HIS CD2 HD2  sing N N 198 
HIS CE1 NE2  sing Y N 199 
HIS CE1 HE1  sing N N 200 
HIS NE2 HE2  sing N N 201 
HIS OXT HXT  sing N N 202 
HOH O   H1   sing N N 203 
HOH O   H2   sing N N 204 
ILE N   CA   sing N N 205 
ILE N   H    sing N N 206 
ILE N   H2   sing N N 207 
ILE CA  C    sing N N 208 
ILE CA  CB   sing N N 209 
ILE CA  HA   sing N N 210 
ILE C   O    doub N N 211 
ILE C   OXT  sing N N 212 
ILE CB  CG1  sing N N 213 
ILE CB  CG2  sing N N 214 
ILE CB  HB   sing N N 215 
ILE CG1 CD1  sing N N 216 
ILE CG1 HG12 sing N N 217 
ILE CG1 HG13 sing N N 218 
ILE CG2 HG21 sing N N 219 
ILE CG2 HG22 sing N N 220 
ILE CG2 HG23 sing N N 221 
ILE CD1 HD11 sing N N 222 
ILE CD1 HD12 sing N N 223 
ILE CD1 HD13 sing N N 224 
ILE OXT HXT  sing N N 225 
LEU N   CA   sing N N 226 
LEU N   H    sing N N 227 
LEU N   H2   sing N N 228 
LEU CA  C    sing N N 229 
LEU CA  CB   sing N N 230 
LEU CA  HA   sing N N 231 
LEU C   O    doub N N 232 
LEU C   OXT  sing N N 233 
LEU CB  CG   sing N N 234 
LEU CB  HB2  sing N N 235 
LEU CB  HB3  sing N N 236 
LEU CG  CD1  sing N N 237 
LEU CG  CD2  sing N N 238 
LEU CG  HG   sing N N 239 
LEU CD1 HD11 sing N N 240 
LEU CD1 HD12 sing N N 241 
LEU CD1 HD13 sing N N 242 
LEU CD2 HD21 sing N N 243 
LEU CD2 HD22 sing N N 244 
LEU CD2 HD23 sing N N 245 
LEU OXT HXT  sing N N 246 
LYS N   CA   sing N N 247 
LYS N   H    sing N N 248 
LYS N   H2   sing N N 249 
LYS CA  C    sing N N 250 
LYS CA  CB   sing N N 251 
LYS CA  HA   sing N N 252 
LYS C   O    doub N N 253 
LYS C   OXT  sing N N 254 
LYS CB  CG   sing N N 255 
LYS CB  HB2  sing N N 256 
LYS CB  HB3  sing N N 257 
LYS CG  CD   sing N N 258 
LYS CG  HG2  sing N N 259 
LYS CG  HG3  sing N N 260 
LYS CD  CE   sing N N 261 
LYS CD  HD2  sing N N 262 
LYS CD  HD3  sing N N 263 
LYS CE  NZ   sing N N 264 
LYS CE  HE2  sing N N 265 
LYS CE  HE3  sing N N 266 
LYS NZ  HZ1  sing N N 267 
LYS NZ  HZ2  sing N N 268 
LYS NZ  HZ3  sing N N 269 
LYS OXT HXT  sing N N 270 
MET N   CA   sing N N 271 
MET N   H    sing N N 272 
MET N   H2   sing N N 273 
MET CA  C    sing N N 274 
MET CA  CB   sing N N 275 
MET CA  HA   sing N N 276 
MET C   O    doub N N 277 
MET C   OXT  sing N N 278 
MET CB  CG   sing N N 279 
MET CB  HB2  sing N N 280 
MET CB  HB3  sing N N 281 
MET CG  SD   sing N N 282 
MET CG  HG2  sing N N 283 
MET CG  HG3  sing N N 284 
MET SD  CE   sing N N 285 
MET CE  HE1  sing N N 286 
MET CE  HE2  sing N N 287 
MET CE  HE3  sing N N 288 
MET OXT HXT  sing N N 289 
PHE N   CA   sing N N 290 
PHE N   H    sing N N 291 
PHE N   H2   sing N N 292 
PHE CA  C    sing N N 293 
PHE CA  CB   sing N N 294 
PHE CA  HA   sing N N 295 
PHE C   O    doub N N 296 
PHE C   OXT  sing N N 297 
PHE CB  CG   sing N N 298 
PHE CB  HB2  sing N N 299 
PHE CB  HB3  sing N N 300 
PHE CG  CD1  doub Y N 301 
PHE CG  CD2  sing Y N 302 
PHE CD1 CE1  sing Y N 303 
PHE CD1 HD1  sing N N 304 
PHE CD2 CE2  doub Y N 305 
PHE CD2 HD2  sing N N 306 
PHE CE1 CZ   doub Y N 307 
PHE CE1 HE1  sing N N 308 
PHE CE2 CZ   sing Y N 309 
PHE CE2 HE2  sing N N 310 
PHE CZ  HZ   sing N N 311 
PHE OXT HXT  sing N N 312 
PRO N   CA   sing N N 313 
PRO N   CD   sing N N 314 
PRO N   H    sing N N 315 
PRO CA  C    sing N N 316 
PRO CA  CB   sing N N 317 
PRO CA  HA   sing N N 318 
PRO C   O    doub N N 319 
PRO C   OXT  sing N N 320 
PRO CB  CG   sing N N 321 
PRO CB  HB2  sing N N 322 
PRO CB  HB3  sing N N 323 
PRO CG  CD   sing N N 324 
PRO CG  HG2  sing N N 325 
PRO CG  HG3  sing N N 326 
PRO CD  HD2  sing N N 327 
PRO CD  HD3  sing N N 328 
PRO OXT HXT  sing N N 329 
SER N   CA   sing N N 330 
SER N   H    sing N N 331 
SER N   H2   sing N N 332 
SER CA  C    sing N N 333 
SER CA  CB   sing N N 334 
SER CA  HA   sing N N 335 
SER C   O    doub N N 336 
SER C   OXT  sing N N 337 
SER CB  OG   sing N N 338 
SER CB  HB2  sing N N 339 
SER CB  HB3  sing N N 340 
SER OG  HG   sing N N 341 
SER OXT HXT  sing N N 342 
THR N   CA   sing N N 343 
THR N   H    sing N N 344 
THR N   H2   sing N N 345 
THR CA  C    sing N N 346 
THR CA  CB   sing N N 347 
THR CA  HA   sing N N 348 
THR C   O    doub N N 349 
THR C   OXT  sing N N 350 
THR CB  OG1  sing N N 351 
THR CB  CG2  sing N N 352 
THR CB  HB   sing N N 353 
THR OG1 HG1  sing N N 354 
THR CG2 HG21 sing N N 355 
THR CG2 HG22 sing N N 356 
THR CG2 HG23 sing N N 357 
THR OXT HXT  sing N N 358 
TRP N   CA   sing N N 359 
TRP N   H    sing N N 360 
TRP N   H2   sing N N 361 
TRP CA  C    sing N N 362 
TRP CA  CB   sing N N 363 
TRP CA  HA   sing N N 364 
TRP C   O    doub N N 365 
TRP C   OXT  sing N N 366 
TRP CB  CG   sing N N 367 
TRP CB  HB2  sing N N 368 
TRP CB  HB3  sing N N 369 
TRP CG  CD1  doub Y N 370 
TRP CG  CD2  sing Y N 371 
TRP CD1 NE1  sing Y N 372 
TRP CD1 HD1  sing N N 373 
TRP CD2 CE2  doub Y N 374 
TRP CD2 CE3  sing Y N 375 
TRP NE1 CE2  sing Y N 376 
TRP NE1 HE1  sing N N 377 
TRP CE2 CZ2  sing Y N 378 
TRP CE3 CZ3  doub Y N 379 
TRP CE3 HE3  sing N N 380 
TRP CZ2 CH2  doub Y N 381 
TRP CZ2 HZ2  sing N N 382 
TRP CZ3 CH2  sing Y N 383 
TRP CZ3 HZ3  sing N N 384 
TRP CH2 HH2  sing N N 385 
TRP OXT HXT  sing N N 386 
TYR N   CA   sing N N 387 
TYR N   H    sing N N 388 
TYR N   H2   sing N N 389 
TYR CA  C    sing N N 390 
TYR CA  CB   sing N N 391 
TYR CA  HA   sing N N 392 
TYR C   O    doub N N 393 
TYR C   OXT  sing N N 394 
TYR CB  CG   sing N N 395 
TYR CB  HB2  sing N N 396 
TYR CB  HB3  sing N N 397 
TYR CG  CD1  doub Y N 398 
TYR CG  CD2  sing Y N 399 
TYR CD1 CE1  sing Y N 400 
TYR CD1 HD1  sing N N 401 
TYR CD2 CE2  doub Y N 402 
TYR CD2 HD2  sing N N 403 
TYR CE1 CZ   doub Y N 404 
TYR CE1 HE1  sing N N 405 
TYR CE2 CZ   sing Y N 406 
TYR CE2 HE2  sing N N 407 
TYR CZ  OH   sing N N 408 
TYR OH  HH   sing N N 409 
TYR OXT HXT  sing N N 410 
VAL N   CA   sing N N 411 
VAL N   H    sing N N 412 
VAL N   H2   sing N N 413 
VAL CA  C    sing N N 414 
VAL CA  CB   sing N N 415 
VAL CA  HA   sing N N 416 
VAL C   O    doub N N 417 
VAL C   OXT  sing N N 418 
VAL CB  CG1  sing N N 419 
VAL CB  CG2  sing N N 420 
VAL CB  HB   sing N N 421 
VAL CG1 HG11 sing N N 422 
VAL CG1 HG12 sing N N 423 
VAL CG1 HG13 sing N N 424 
VAL CG2 HG21 sing N N 425 
VAL CG2 HG22 sing N N 426 
VAL CG2 HG23 sing N N 427 
VAL OXT HXT  sing N N 428 
# 
_atom_sites.entry_id                    5COI 
_atom_sites.fract_transf_matrix[1][1]   -0.03174680 
_atom_sites.fract_transf_matrix[1][2]   0.00606930 
_atom_sites.fract_transf_matrix[1][3]   0.00957087 
_atom_sites.fract_transf_matrix[2][1]   -0.00357698 
_atom_sites.fract_transf_matrix[2][2]   -0.02157902 
_atom_sites.fract_transf_matrix[2][3]   0.00181926 
_atom_sites.fract_transf_matrix[3][1]   0.00381737 
_atom_sites.fract_transf_matrix[3][2]   0.00113046 
_atom_sites.fract_transf_matrix[3][3]   0.02091444 
_atom_sites.fract_transf_vector[1]      0.404395 
_atom_sites.fract_transf_vector[2]      0.039125 
_atom_sites.fract_transf_vector[3]      0.236572 
# 
loop_
_atom_type.symbol 
C 
N 
O 
S 
# 
loop_
_atom_site.group_PDB 
_atom_site.id 
_atom_site.type_symbol 
_atom_site.label_atom_id 
_atom_site.label_alt_id 
_atom_site.label_comp_id 
_atom_site.label_asym_id 
_atom_site.label_entity_id 
_atom_site.label_seq_id 
_atom_site.pdbx_PDB_ins_code 
_atom_site.Cartn_x 
_atom_site.Cartn_y 
_atom_site.Cartn_z 
_atom_site.occupancy 
_atom_site.B_iso_or_equiv 
_atom_site.pdbx_formal_charge 
_atom_site.auth_seq_id 
_atom_site.auth_comp_id 
_atom_site.auth_asym_id 
_atom_site.auth_atom_id 
_atom_site.pdbx_PDB_model_num 
ATOM   1    N N   . HIS A 1 9   ? 3.393   -28.686 -2.337  1.00 69.33  ? 36  HIS A N   1 
ATOM   2    C CA  . HIS A 1 9   ? 3.609   -27.779 -1.158  1.00 66.53  ? 36  HIS A CA  1 
ATOM   3    C C   . HIS A 1 9   ? 4.605   -28.246 -0.074  1.00 62.21  ? 36  HIS A C   1 
ATOM   4    O O   . HIS A 1 9   ? 4.747   -27.587 0.967   1.00 60.36  ? 36  HIS A O   1 
ATOM   5    C CB  . HIS A 1 9   ? 2.263   -27.327 -0.545  1.00 70.20  ? 36  HIS A CB  1 
ATOM   6    C CG  . HIS A 1 9   ? 1.223   -28.405 -0.449  1.00 78.99  ? 36  HIS A CG  1 
ATOM   7    N ND1 . HIS A 1 9   ? 1.012   -29.140 0.699   1.00 81.89  ? 36  HIS A ND1 1 
ATOM   8    C CD2 . HIS A 1 9   ? 0.315   -28.852 -1.351  1.00 81.74  ? 36  HIS A CD2 1 
ATOM   9    C CE1 . HIS A 1 9   ? 0.024   -29.996 0.500   1.00 80.93  ? 36  HIS A CE1 1 
ATOM   10   N NE2 . HIS A 1 9   ? -0.416  -29.841 -0.737  1.00 81.55  ? 36  HIS A NE2 1 
ATOM   11   N N   . HIS A 1 10  ? 5.300   -29.358 -0.331  1.00 58.58  ? 37  HIS A N   1 
ATOM   12   C CA  . HIS A 1 10  ? 6.293   -29.916 0.595   1.00 52.86  ? 37  HIS A CA  1 
ATOM   13   C C   . HIS A 1 10  ? 7.687   -29.934 -0.037  1.00 43.36  ? 37  HIS A C   1 
ATOM   14   O O   . HIS A 1 10  ? 8.610   -29.291 0.481   1.00 45.11  ? 37  HIS A O   1 
ATOM   15   C CB  . HIS A 1 10  ? 5.877   -31.325 1.036   1.00 57.02  ? 37  HIS A CB  1 
ATOM   16   C CG  . HIS A 1 10  ? 4.724   -31.346 1.996   1.00 61.55  ? 37  HIS A CG  1 
ATOM   17   N ND1 . HIS A 1 10  ? 3.404   -31.346 1.584   1.00 62.21  ? 37  HIS A ND1 1 
ATOM   18   C CD2 . HIS A 1 10  ? 4.694   -31.364 3.350   1.00 62.36  ? 37  HIS A CD2 1 
ATOM   19   C CE1 . HIS A 1 10  ? 2.615   -31.359 2.643   1.00 63.13  ? 37  HIS A CE1 1 
ATOM   20   N NE2 . HIS A 1 10  ? 3.371   -31.371 3.726   1.00 63.56  ? 37  HIS A NE2 1 
ATOM   21   N N   . LEU A 1 11  ? 7.816   -30.635 -1.168  1.00 35.56  ? 38  LEU A N   1 
ATOM   22   C CA  . LEU A 1 11  ? 9.097   -30.830 -1.867  1.00 29.12  ? 38  LEU A CA  1 
ATOM   23   C C   . LEU A 1 11  ? 9.706   -29.543 -2.422  1.00 25.01  ? 38  LEU A C   1 
ATOM   24   O O   . LEU A 1 11  ? 10.926  -29.365 -2.453  1.00 24.38  ? 38  LEU A O   1 
ATOM   25   C CB  . LEU A 1 11  ? 8.933   -31.870 -3.009  1.00 28.46  ? 38  LEU A CB  1 
ATOM   26   C CG  . LEU A 1 11  ? 8.545   -33.291 -2.560  1.00 28.51  ? 38  LEU A CG  1 
ATOM   27   C CD1 . LEU A 1 11  ? 8.295   -34.206 -3.761  1.00 28.18  ? 38  LEU A CD1 1 
ATOM   28   C CD2 . LEU A 1 11  ? 9.597   -33.911 -1.645  1.00 29.22  ? 38  LEU A CD2 1 
ATOM   29   N N   . VAL A 1 12  ? 8.832   -28.651 -2.857  1.00 21.43  ? 39  VAL A N   1 
ATOM   30   C CA  . VAL A 1 12  ? 9.224   -27.352 -3.349  1.00 21.66  ? 39  VAL A CA  1 
ATOM   31   C C   . VAL A 1 12  ? 8.606   -26.331 -2.388  1.00 19.25  ? 39  VAL A C   1 
ATOM   32   O O   . VAL A 1 12  ? 7.397   -26.358 -2.217  1.00 19.87  ? 39  VAL A O   1 
ATOM   33   C CB  . VAL A 1 12  ? 8.646   -27.148 -4.762  1.00 22.92  ? 39  VAL A CB  1 
ATOM   34   C CG1 . VAL A 1 12  ? 9.002   -25.777 -5.311  1.00 23.88  ? 39  VAL A CG1 1 
ATOM   35   C CG2 . VAL A 1 12  ? 9.107   -28.280 -5.693  1.00 24.96  ? 39  VAL A CG2 1 
ATOM   36   N N   . PRO A 1 13  ? 9.420   -25.398 -1.826  1.00 18.48  ? 40  PRO A N   1 
ATOM   37   C CA  . PRO A 1 13  ? 8.798   -24.421 -0.896  1.00 17.59  ? 40  PRO A CA  1 
ATOM   38   C C   . PRO A 1 13  ? 7.763   -23.525 -1.578  1.00 16.15  ? 40  PRO A C   1 
ATOM   39   O O   . PRO A 1 13  ? 8.003   -23.028 -2.690  1.00 16.22  ? 40  PRO A O   1 
ATOM   40   C CB  . PRO A 1 13  ? 9.983   -23.575 -0.404  1.00 19.18  ? 40  PRO A CB  1 
ATOM   41   C CG  . PRO A 1 13  ? 11.195  -24.395 -0.645  1.00 20.51  ? 40  PRO A CG  1 
ATOM   42   C CD  . PRO A 1 13  ? 10.893  -25.277 -1.837  1.00 19.43  ? 40  PRO A CD  1 
ATOM   43   N N   . ARG A 1 14  ? 6.603   -23.355 -0.944  1.00 15.01  ? 41  ARG A N   1 
ATOM   44   C CA  . ARG A 1 14  ? 5.496   -22.581 -1.537  1.00 16.05  ? 41  ARG A CA  1 
ATOM   45   C C   . ARG A 1 14  ? 5.182   -21.313 -0.749  1.00 16.90  ? 41  ARG A C   1 
ATOM   46   O O   . ARG A 1 14  ? 4.438   -20.457 -1.242  1.00 18.05  ? 41  ARG A O   1 
ATOM   47   C CB  . ARG A 1 14  ? 4.250   -23.458 -1.663  1.00 15.65  ? 41  ARG A CB  1 
ATOM   48   C CG  . ARG A 1 14  ? 4.439   -24.715 -2.504  1.00 15.83  ? 41  ARG A CG  1 
ATOM   49   C CD  . ARG A 1 14  ? 4.960   -24.460 -3.904  1.00 15.02  ? 41  ARG A CD  1 
ATOM   50   N NE  . ARG A 1 14  ? 4.050   -23.603 -4.674  1.00 15.26  ? 41  ARG A NE  1 
ATOM   51   C CZ  . ARG A 1 14  ? 3.076   -24.019 -5.484  1.00 13.92  ? 41  ARG A CZ  1 
ATOM   52   N NH1 . ARG A 1 14  ? 2.330   -23.137 -6.120  1.00 13.95  ? 41  ARG A NH1 1 
ATOM   53   N NH2 . ARG A 1 14  ? 2.846   -25.317 -5.699  1.00 14.17  ? 41  ARG A NH2 1 
ATOM   54   N N   . GLY A 1 15  ? 5.787   -21.173 0.421   1.00 17.66  ? 42  GLY A N   1 
ATOM   55   C CA  . GLY A 1 15  ? 5.598   -20.018 1.259   1.00 18.18  ? 42  GLY A CA  1 
ATOM   56   C C   . GLY A 1 15  ? 4.332   -20.113 2.058   1.00 17.46  ? 42  GLY A C   1 
ATOM   57   O O   . GLY A 1 15  ? 3.677   -21.147 2.105   1.00 16.46  ? 42  GLY A O   1 
ATOM   58   N N   . SER A 1 16  ? 4.024   -18.996 2.716   1.00 16.96  ? 43  SER A N   1 
ATOM   59   C CA  . SER A 1 16  ? 2.818   -18.852 3.518   1.00 17.52  ? 43  SER A CA  1 
ATOM   60   C C   . SER A 1 16  ? 2.641   -17.374 3.829   1.00 15.99  ? 43  SER A C   1 
ATOM   61   O O   . SER A 1 16  ? 3.560   -16.575 3.658   1.00 15.36  ? 43  SER A O   1 
ATOM   62   C CB  . SER A 1 16  ? 2.836   -19.732 4.781   1.00 20.06  ? 43  SER A CB  1 
ATOM   63   O OG  . SER A 1 16  ? 3.659   -19.214 5.775   1.00 22.49  ? 43  SER A OG  1 
ATOM   64   N N   . ASN A 1 17  ? 1.425   -17.032 4.252   1.00 14.94  ? 44  ASN A N   1 
ATOM   65   C CA  . ASN A 1 17  ? 0.996   -15.639 4.345   1.00 15.09  ? 44  ASN A CA  1 
ATOM   66   C C   . ASN A 1 17  ? 0.712   -15.274 5.779   1.00 14.47  ? 44  ASN A C   1 
ATOM   67   O O   . ASN A 1 17  ? 0.100   -16.066 6.503   1.00 16.54  ? 44  ASN A O   1 
ATOM   68   C CB  . ASN A 1 17  ? -0.281  -15.412 3.550   1.00 15.40  ? 44  ASN A CB  1 
ATOM   69   C CG  . ASN A 1 17  ? -0.074  -15.662 2.076   1.00 15.39  ? 44  ASN A CG  1 
ATOM   70   O OD1 . ASN A 1 17  ? 0.891   -15.133 1.478   1.00 16.66  ? 44  ASN A OD1 1 
ATOM   71   N ND2 . ASN A 1 17  ? -0.951  -16.461 1.476   1.00 14.92  ? 44  ASN A ND2 1 
ATOM   72   N N   . PRO A 1 18  ? 1.119   -14.055 6.168   1.00 15.20  ? 45  PRO A N   1 
ATOM   73   C CA  . PRO A 1 18  ? 0.765   -13.541 7.474   1.00 14.87  ? 45  PRO A CA  1 
ATOM   74   C C   . PRO A 1 18  ? -0.672  -13.090 7.468   1.00 14.40  ? 45  PRO A C   1 
ATOM   75   O O   . PRO A 1 18  ? -1.269  -12.908 6.401   1.00 14.72  ? 45  PRO A O   1 
ATOM   76   C CB  . PRO A 1 18  ? 1.652   -12.311 7.604   1.00 14.64  ? 45  PRO A CB  1 
ATOM   77   C CG  . PRO A 1 18  ? 1.765   -11.816 6.203   1.00 15.46  ? 45  PRO A CG  1 
ATOM   78   C CD  . PRO A 1 18  ? 1.921   -13.084 5.416   1.00 14.89  ? 45  PRO A CD  1 
ATOM   79   N N   . PRO A 1 19  ? -1.210  -12.800 8.657   1.00 14.65  ? 46  PRO A N   1 
ATOM   80   C CA  . PRO A 1 19  ? -2.483  -12.097 8.654   1.00 15.58  ? 46  PRO A CA  1 
ATOM   81   C C   . PRO A 1 19  ? -2.274  -10.728 8.018   1.00 15.67  ? 46  PRO A C   1 
ATOM   82   O O   . PRO A 1 19  ? -1.154  -10.229 8.010   1.00 16.16  ? 46  PRO A O   1 
ATOM   83   C CB  . PRO A 1 19  ? -2.837  -11.985 10.148  1.00 16.69  ? 46  PRO A CB  1 
ATOM   84   C CG  . PRO A 1 19  ? -1.584  -12.272 10.865  1.00 17.20  ? 46  PRO A CG  1 
ATOM   85   C CD  . PRO A 1 19  ? -0.723  -13.121 10.010  1.00 16.01  ? 46  PRO A CD  1 
ATOM   86   N N   . PRO A 1 20  ? -3.321  -10.137 7.445   1.00 15.98  ? 47  PRO A N   1 
ATOM   87   C CA  . PRO A 1 20  ? -3.148  -8.832  6.836   1.00 16.71  ? 47  PRO A CA  1 
ATOM   88   C C   . PRO A 1 20  ? -2.807  -7.770  7.866   1.00 16.98  ? 47  PRO A C   1 
ATOM   89   O O   . PRO A 1 20  ? -3.007  -7.987  9.083   1.00 16.74  ? 47  PRO A O   1 
ATOM   90   C CB  . PRO A 1 20  ? -4.494  -8.590  6.184   1.00 16.89  ? 47  PRO A CB  1 
ATOM   91   C CG  . PRO A 1 20  ? -5.442  -9.327  7.069   1.00 17.76  ? 47  PRO A CG  1 
ATOM   92   C CD  . PRO A 1 20  ? -4.716  -10.559 7.457   1.00 17.63  ? 47  PRO A CD  1 
ATOM   93   N N   . PRO A 1 21  ? -2.256  -6.634  7.419   1.00 17.15  ? 48  PRO A N   1 
ATOM   94   C CA  . PRO A 1 21  ? -1.910  -5.616  8.408   1.00 17.25  ? 48  PRO A CA  1 
ATOM   95   C C   . PRO A 1 21  ? -3.148  -5.099  9.145   1.00 17.20  ? 48  PRO A C   1 
ATOM   96   O O   . PRO A 1 21  ? -4.257  -5.141  8.609   1.00 15.84  ? 48  PRO A O   1 
ATOM   97   C CB  . PRO A 1 21  ? -1.233  -4.524  7.575   1.00 18.38  ? 48  PRO A CB  1 
ATOM   98   C CG  . PRO A 1 21  ? -0.822  -5.219  6.310   1.00 17.59  ? 48  PRO A CG  1 
ATOM   99   C CD  . PRO A 1 21  ? -1.910  -6.202  6.046   1.00 16.62  ? 48  PRO A CD  1 
ATOM   100  N N   . GLU A 1 22  ? -2.961  -4.651  10.389  1.00 18.55  ? 49  GLU A N   1 
ATOM   101  C CA  . GLU A 1 22  ? -4.062  -4.093  11.152  1.00 19.85  ? 49  GLU A CA  1 
ATOM   102  C C   . GLU A 1 22  ? -4.551  -2.825  10.484  1.00 17.38  ? 49  GLU A C   1 
ATOM   103  O O   . GLU A 1 22  ? -3.769  -2.106  9.878   1.00 16.18  ? 49  GLU A O   1 
ATOM   104  C CB  . GLU A 1 22  ? -3.675  -3.851  12.621  1.00 23.42  ? 49  GLU A CB  1 
ATOM   105  C CG  . GLU A 1 22  ? -2.814  -2.642  12.963  1.00 28.06  ? 49  GLU A CG  1 
ATOM   106  C CD  . GLU A 1 22  ? -2.650  -2.460  14.488  1.00 33.52  ? 49  GLU A CD  1 
ATOM   107  O OE1 . GLU A 1 22  ? -2.956  -3.419  15.251  1.00 36.73  ? 49  GLU A OE1 1 
ATOM   108  O OE2 . GLU A 1 22  ? -2.202  -1.370  14.929  1.00 38.03  ? 49  GLU A OE2 1 
ATOM   109  N N   . THR A 1 23  ? -5.851  -2.595  10.555  1.00 16.28  ? 50  THR A N   1 
ATOM   110  C CA  . THR A 1 23  ? -6.483  -1.472  9.856   1.00 16.80  ? 50  THR A CA  1 
ATOM   111  C C   . THR A 1 23  ? -7.282  -0.567  10.799  1.00 17.39  ? 50  THR A C   1 
ATOM   112  O O   . THR A 1 23  ? -7.786  0.461   10.370  1.00 16.91  ? 50  THR A O   1 
ATOM   113  C CB  . THR A 1 23  ? -7.430  -1.977  8.756   1.00 17.09  ? 50  THR A CB  1 
ATOM   114  O OG1 . THR A 1 23  ? -8.398  -2.861  9.330   1.00 18.86  ? 50  THR A OG1 1 
ATOM   115  C CG2 . THR A 1 23  ? -6.683  -2.695  7.647   1.00 16.52  ? 50  THR A CG2 1 
ATOM   116  N N   . SER A 1 24  ? -7.387  -0.912  12.082  1.00 19.13  ? 51  SER A N   1 
ATOM   117  C CA  . SER A 1 24  ? -8.079  -0.027  13.001  1.00 21.96  ? 51  SER A CA  1 
ATOM   118  C C   . SER A 1 24  ? -7.319  0.042   14.307  1.00 22.67  ? 51  SER A C   1 
ATOM   119  O O   . SER A 1 24  ? -6.570  -0.876  14.671  1.00 22.79  ? 51  SER A O   1 
ATOM   120  C CB  . SER A 1 24  ? -9.532  -0.459  13.221  1.00 25.48  ? 51  SER A CB  1 
ATOM   121  O OG  . SER A 1 24  ? -9.595  -1.681  13.888  1.00 27.76  ? 51  SER A OG  1 
ATOM   122  N N   . ASN A 1 25  ? -7.496  1.177   14.970  1.00 24.11  ? 52  ASN A N   1 
ATOM   123  C CA  . ASN A 1 25  ? -6.923  1.410   16.263  1.00 25.96  ? 52  ASN A CA  1 
ATOM   124  C C   . ASN A 1 25  ? -8.055  1.826   17.223  1.00 25.94  ? 52  ASN A C   1 
ATOM   125  O O   . ASN A 1 25  ? -8.467  2.988   17.228  1.00 26.85  ? 52  ASN A O   1 
ATOM   126  C CB  . ASN A 1 25  ? -5.870  2.491   16.147  1.00 26.91  ? 52  ASN A CB  1 
ATOM   127  C CG  . ASN A 1 25  ? -5.136  2.728   17.450  1.00 28.75  ? 52  ASN A CG  1 
ATOM   128  O OD1 . ASN A 1 25  ? -5.499  2.175   18.499  1.00 28.31  ? 52  ASN A OD1 1 
ATOM   129  N ND2 . ASN A 1 25  ? -4.095  3.541   17.394  1.00 28.58  ? 52  ASN A ND2 1 
ATOM   130  N N   . PRO A 1 26  ? -8.569  0.868   18.002  1.00 28.71  ? 53  PRO A N   1 
ATOM   131  C CA  . PRO A 1 26  ? -9.728  1.145   18.842  1.00 31.86  ? 53  PRO A CA  1 
ATOM   132  C C   . PRO A 1 26  ? -9.437  2.157   19.965  1.00 33.22  ? 53  PRO A C   1 
ATOM   133  O O   . PRO A 1 26  ? -10.368 2.830   20.425  1.00 34.70  ? 53  PRO A O   1 
ATOM   134  C CB  . PRO A 1 26  ? -10.103 -0.241  19.396  1.00 32.25  ? 53  PRO A CB  1 
ATOM   135  C CG  . PRO A 1 26  ? -8.821  -0.999  19.408  1.00 31.81  ? 53  PRO A CG  1 
ATOM   136  C CD  . PRO A 1 26  ? -8.046  -0.495  18.214  1.00 31.46  ? 53  PRO A CD  1 
ATOM   137  N N   . ASN A 1 27  ? -8.168  2.278   20.364  1.00 31.28  ? 54  ASN A N   1 
ATOM   138  C CA  . ASN A 1 27  ? -7.736  3.227   21.414  1.00 29.41  ? 54  ASN A CA  1 
ATOM   139  C C   . ASN A 1 27  ? -7.579  4.651   20.921  1.00 29.77  ? 54  ASN A C   1 
ATOM   140  O O   . ASN A 1 27  ? -7.531  5.595   21.720  1.00 28.77  ? 54  ASN A O   1 
ATOM   141  C CB  . ASN A 1 27  ? -6.405  2.783   22.012  1.00 29.99  ? 54  ASN A CB  1 
ATOM   142  C CG  . ASN A 1 27  ? -6.452  1.364   22.568  1.00 33.71  ? 54  ASN A CG  1 
ATOM   143  O OD1 . ASN A 1 27  ? -7.524  0.855   22.903  1.00 36.93  ? 54  ASN A OD1 1 
ATOM   144  N ND2 . ASN A 1 27  ? -5.286  0.723   22.674  1.00 35.18  ? 54  ASN A ND2 1 
ATOM   145  N N   . LYS A 1 28  ? -7.488  4.809   19.604  1.00 27.73  ? 55  LYS A N   1 
ATOM   146  C CA  . LYS A 1 28  ? -7.229  6.089   19.001  1.00 25.89  ? 55  LYS A CA  1 
ATOM   147  C C   . LYS A 1 28  ? -8.494  6.919   18.950  1.00 29.40  ? 55  LYS A C   1 
ATOM   148  O O   . LYS A 1 28  ? -9.537  6.449   18.476  1.00 27.84  ? 55  LYS A O   1 
ATOM   149  C CB  . LYS A 1 28  ? -6.658  5.912   17.575  1.00 23.34  ? 55  LYS A CB  1 
ATOM   150  C CG  . LYS A 1 28  ? -6.505  7.217   16.850  1.00 21.49  ? 55  LYS A CG  1 
ATOM   151  C CD  . LYS A 1 28  ? -5.893  7.038   15.483  1.00 20.51  ? 55  LYS A CD  1 
ATOM   152  C CE  . LYS A 1 28  ? -5.880  8.371   14.754  1.00 19.86  ? 55  LYS A CE  1 
ATOM   153  N NZ  . LYS A 1 28  ? -7.217  8.973   14.543  1.00 19.88  ? 55  LYS A NZ  1 
ATOM   154  N N   . PRO A 1 29  ? -8.415  8.174   19.424  1.00 34.14  ? 56  PRO A N   1 
ATOM   155  C CA  . PRO A 1 29  ? -9.539  9.093   19.249  1.00 36.97  ? 56  PRO A CA  1 
ATOM   156  C C   . PRO A 1 29  ? -9.792  9.441   17.790  1.00 36.48  ? 56  PRO A C   1 
ATOM   157  O O   . PRO A 1 29  ? -8.840  9.605   17.018  1.00 39.07  ? 56  PRO A O   1 
ATOM   158  C CB  . PRO A 1 29  ? -9.078  10.363  19.987  1.00 36.31  ? 56  PRO A CB  1 
ATOM   159  C CG  . PRO A 1 29  ? -8.047  9.901   20.947  1.00 36.63  ? 56  PRO A CG  1 
ATOM   160  C CD  . PRO A 1 29  ? -7.359  8.756   20.277  1.00 36.08  ? 56  PRO A CD  1 
ATOM   161  N N   . LYS A 1 30  ? -11.061 9.571   17.422  1.00 38.15  ? 57  LYS A N   1 
ATOM   162  C CA  . LYS A 1 30  ? -11.408 10.011  16.083  1.00 40.99  ? 57  LYS A CA  1 
ATOM   163  C C   . LYS A 1 30  ? -10.893 11.449  15.920  1.00 44.83  ? 57  LYS A C   1 
ATOM   164  O O   . LYS A 1 30  ? -11.110 12.305  16.794  1.00 45.31  ? 57  LYS A O   1 
ATOM   165  C CB  . LYS A 1 30  ? -12.920 9.930   15.833  1.00 44.69  ? 57  LYS A CB  1 
ATOM   166  C CG  . LYS A 1 30  ? -13.327 10.164  14.389  1.00 48.54  ? 57  LYS A CG  1 
ATOM   167  C CD  . LYS A 1 30  ? -14.789 9.805   14.162  1.00 53.96  ? 57  LYS A CD  1 
ATOM   168  C CE  . LYS A 1 30  ? -15.246 10.147  12.746  1.00 57.04  ? 57  LYS A CE  1 
ATOM   169  N NZ  . LYS A 1 30  ? -16.731 10.051  12.579  1.00 58.04  ? 57  LYS A NZ  1 
ATOM   170  N N   . ARG A 1 31  ? -10.135 11.664  14.852  1.00 44.17  ? 58  ARG A N   1 
ATOM   171  C CA  . ARG A 1 31  ? -9.611  12.973  14.467  1.00 45.97  ? 58  ARG A CA  1 
ATOM   172  C C   . ARG A 1 31  ? -9.712  13.029  12.952  1.00 43.22  ? 58  ARG A C   1 
ATOM   173  O O   . ARG A 1 31  ? -8.867  12.502  12.243  1.00 36.01  ? 58  ARG A O   1 
ATOM   174  C CB  . ARG A 1 31  ? -8.149  13.152  14.917  1.00 51.76  ? 58  ARG A CB  1 
ATOM   175  C CG  . ARG A 1 31  ? -7.959  13.928  16.212  1.00 57.43  ? 58  ARG A CG  1 
ATOM   176  C CD  . ARG A 1 31  ? -6.489  13.985  16.612  1.00 63.05  ? 58  ARG A CD  1 
ATOM   177  N NE  . ARG A 1 31  ? -5.699  14.967  15.867  1.00 67.38  ? 58  ARG A NE  1 
ATOM   178  C CZ  . ARG A 1 31  ? -4.437  15.319  16.155  1.00 72.70  ? 58  ARG A CZ  1 
ATOM   179  N NH1 . ARG A 1 31  ? -3.820  16.212  15.394  1.00 79.12  ? 58  ARG A NH1 1 
ATOM   180  N NH2 . ARG A 1 31  ? -3.777  14.805  17.195  1.00 71.79  ? 58  ARG A NH2 1 
ATOM   181  N N   . GLN A 1 32  ? -10.785 13.632  12.470  1.00 44.13  ? 59  GLN A N   1 
ATOM   182  C CA  . GLN A 1 32  ? -10.976 13.837  11.048  1.00 45.12  ? 59  GLN A CA  1 
ATOM   183  C C   . GLN A 1 32  ? -10.173 15.079  10.628  1.00 41.15  ? 59  GLN A C   1 
ATOM   184  O O   . GLN A 1 32  ? -10.073 16.042  11.408  1.00 39.63  ? 59  GLN A O   1 
ATOM   185  C CB  . GLN A 1 32  ? -12.470 14.016  10.769  1.00 51.48  ? 59  GLN A CB  1 
ATOM   186  C CG  . GLN A 1 32  ? -12.849 13.913  9.297   1.00 60.10  ? 59  GLN A CG  1 
ATOM   187  C CD  . GLN A 1 32  ? -14.323 13.608  9.072   1.00 68.34  ? 59  GLN A CD  1 
ATOM   188  O OE1 . GLN A 1 32  ? -14.922 12.784  9.781   1.00 74.79  ? 59  GLN A OE1 1 
ATOM   189  N NE2 . GLN A 1 32  ? -14.913 14.255  8.059   1.00 70.38  ? 59  GLN A NE2 1 
ATOM   190  N N   . THR A 1 33  ? -9.557  15.038  9.439   1.00 34.25  ? 60  THR A N   1 
ATOM   191  C CA  . THR A 1 33  ? -8.881  16.221  8.872   1.00 31.33  ? 60  THR A CA  1 
ATOM   192  C C   . THR A 1 33  ? -9.124  16.319  7.382   1.00 33.09  ? 60  THR A C   1 
ATOM   193  O O   . THR A 1 33  ? -9.397  15.314  6.717   1.00 29.68  ? 60  THR A O   1 
ATOM   194  C CB  . THR A 1 33  ? -7.343  16.250  9.094   1.00 30.04  ? 60  THR A CB  1 
ATOM   195  O OG1 . THR A 1 33  ? -6.682  15.338  8.197   1.00 27.07  ? 60  THR A OG1 1 
ATOM   196  C CG2 . THR A 1 33  ? -6.968  15.936  10.548  1.00 30.70  ? 60  THR A CG2 1 
ATOM   197  N N   . ASN A 1 34  ? -9.011  17.544  6.863   1.00 32.15  ? 61  ASN A N   1 
ATOM   198  C CA  . ASN A 1 34  ? -9.209  17.795  5.432   1.00 32.42  ? 61  ASN A CA  1 
ATOM   199  C C   . ASN A 1 34  ? -8.167  17.080  4.552   1.00 27.45  ? 61  ASN A C   1 
ATOM   200  O O   . ASN A 1 34  ? -8.488  16.604  3.471   1.00 25.92  ? 61  ASN A O   1 
ATOM   201  C CB  . ASN A 1 34  ? -9.244  19.309  5.134   1.00 38.59  ? 61  ASN A CB  1 
ATOM   202  C CG  . ASN A 1 34  ? -7.914  20.000  5.410   1.00 44.86  ? 61  ASN A CG  1 
ATOM   203  O OD1 . ASN A 1 34  ? -7.076  19.487  6.156   1.00 52.51  ? 61  ASN A OD1 1 
ATOM   204  N ND2 . ASN A 1 34  ? -7.715  21.171  4.806   1.00 50.82  ? 61  ASN A ND2 1 
ATOM   205  N N   . GLN A 1 35  ? -6.929  16.975  5.013   1.00 24.38  ? 62  GLN A N   1 
ATOM   206  C CA  . GLN A 1 35  ? -5.914  16.280  4.205   1.00 23.55  ? 62  GLN A CA  1 
ATOM   207  C C   . GLN A 1 35  ? -6.182  14.782  4.130   1.00 20.80  ? 62  GLN A C   1 
ATOM   208  O O   . GLN A 1 35  ? -6.040  14.176  3.052   1.00 19.26  ? 62  GLN A O   1 
ATOM   209  C CB  . GLN A 1 35  ? -4.526  16.523  4.742   1.00 24.91  ? 62  GLN A CB  1 
ATOM   210  C CG  . GLN A 1 35  ? -4.137  17.980  4.636   1.00 27.25  ? 62  GLN A CG  1 
ATOM   211  C CD  . GLN A 1 35  ? -2.669  18.162  4.814   1.00 28.67  ? 62  GLN A CD  1 
ATOM   212  O OE1 . GLN A 1 35  ? -1.974  17.280  5.330   1.00 30.01  ? 62  GLN A OE1 1 
ATOM   213  N NE2 . GLN A 1 35  ? -2.174  19.306  4.378   1.00 30.92  ? 62  GLN A NE2 1 
ATOM   214  N N   . LEU A 1 36  ? -6.558  14.201  5.262   1.00 21.27  ? 63  LEU A N   1 
ATOM   215  C CA  . LEU A 1 36  ? -6.896  12.765  5.303   1.00 20.04  ? 63  LEU A CA  1 
ATOM   216  C C   . LEU A 1 36  ? -8.136  12.478  4.473   1.00 19.96  ? 63  LEU A C   1 
ATOM   217  O O   . LEU A 1 36  ? -8.204  11.465  3.758   1.00 17.62  ? 63  LEU A O   1 
ATOM   218  C CB  . LEU A 1 36  ? -7.079  12.279  6.758   1.00 21.07  ? 63  LEU A CB  1 
ATOM   219  C CG  . LEU A 1 36  ? -5.760  12.130  7.535   1.00 21.89  ? 63  LEU A CG  1 
ATOM   220  C CD1 . LEU A 1 36  ? -6.040  11.910  9.016   1.00 22.48  ? 63  LEU A CD1 1 
ATOM   221  C CD2 . LEU A 1 36  ? -4.885  11.027  6.980   1.00 22.54  ? 63  LEU A CD2 1 
ATOM   222  N N   . GLN A 1 37  ? -9.125  13.363  4.567   1.00 21.38  ? 64  GLN A N   1 
ATOM   223  C CA  . GLN A 1 37  ? -10.313 13.268  3.733   1.00 22.07  ? 64  GLN A CA  1 
ATOM   224  C C   . GLN A 1 37  ? -9.947  13.346  2.262   1.00 19.55  ? 64  GLN A C   1 
ATOM   225  O O   . GLN A 1 37  ? -10.475 12.569  1.470   1.00 18.66  ? 64  GLN A O   1 
ATOM   226  C CB  . GLN A 1 37  ? -11.362 14.337  4.101   1.00 25.62  ? 64  GLN A CB  1 
ATOM   227  C CG  . GLN A 1 37  ? -12.414 13.841  5.091   1.00 29.36  ? 64  GLN A CG  1 
ATOM   228  C CD  . GLN A 1 37  ? -13.435 12.906  4.433   1.00 33.99  ? 64  GLN A CD  1 
ATOM   229  O OE1 . GLN A 1 37  ? -14.319 13.351  3.700   1.00 38.14  ? 64  GLN A OE1 1 
ATOM   230  N NE2 . GLN A 1 37  ? -13.306 11.607  4.687   1.00 37.15  ? 64  GLN A NE2 1 
ATOM   231  N N   . TYR A 1 38  ? -9.042  14.268  1.908   1.00 17.52  ? 65  TYR A N   1 
ATOM   232  C CA  . TYR A 1 38  ? -8.590  14.397  0.523   1.00 17.43  ? 65  TYR A CA  1 
ATOM   233  C C   . TYR A 1 38  ? -7.781  13.179  0.037   1.00 16.97  ? 65  TYR A C   1 
ATOM   234  O O   . TYR A 1 38  ? -7.926  12.711  -1.104  1.00 19.31  ? 65  TYR A O   1 
ATOM   235  C CB  . TYR A 1 38  ? -7.733  15.641  0.381   1.00 18.11  ? 65  TYR A CB  1 
ATOM   236  C CG  . TYR A 1 38  ? -7.526  16.055  -1.039  1.00 18.75  ? 65  TYR A CG  1 
ATOM   237  C CD1 . TYR A 1 38  ? -8.410  16.936  -1.657  1.00 19.16  ? 65  TYR A CD1 1 
ATOM   238  C CD2 . TYR A 1 38  ? -6.448  15.586  -1.781  1.00 18.45  ? 65  TYR A CD2 1 
ATOM   239  C CE1 . TYR A 1 38  ? -8.230  17.326  -2.983  1.00 19.08  ? 65  TYR A CE1 1 
ATOM   240  C CE2 . TYR A 1 38  ? -6.257  15.974  -3.109  1.00 18.34  ? 65  TYR A CE2 1 
ATOM   241  C CZ  . TYR A 1 38  ? -7.158  16.848  -3.695  1.00 19.03  ? 65  TYR A CZ  1 
ATOM   242  O OH  . TYR A 1 38  ? -6.980  17.246  -4.987  1.00 21.12  ? 65  TYR A OH  1 
ATOM   243  N N   . LEU A 1 39  ? -6.907  12.692  0.900   1.00 17.42  ? 66  LEU A N   1 
ATOM   244  C CA  . LEU A 1 39  ? -6.229  11.424  0.647   1.00 17.41  ? 66  LEU A CA  1 
ATOM   245  C C   . LEU A 1 39  ? -7.175  10.255  0.328   1.00 17.28  ? 66  LEU A C   1 
ATOM   246  O O   . LEU A 1 39  ? -6.880  9.473   -0.560  1.00 17.54  ? 66  LEU A O   1 
ATOM   247  C CB  . LEU A 1 39  ? -5.317  11.048  1.804   1.00 18.02  ? 66  LEU A CB  1 
ATOM   248  C CG  . LEU A 1 39  ? -3.915  11.668  1.816   1.00 19.27  ? 66  LEU A CG  1 
ATOM   249  C CD1 . LEU A 1 39  ? -3.300  11.540  3.200   1.00 20.42  ? 66  LEU A CD1 1 
ATOM   250  C CD2 . LEU A 1 39  ? -3.022  11.037  0.774   1.00 20.32  ? 66  LEU A CD2 1 
ATOM   251  N N   . LEU A 1 40  ? -8.297  10.157  1.026   1.00 16.93  ? 67  LEU A N   1 
ATOM   252  C CA  . LEU A 1 40  ? -9.234  9.034   0.795   1.00 17.17  ? 67  LEU A CA  1 
ATOM   253  C C   . LEU A 1 40  ? -10.061 9.264   -0.443  1.00 17.89  ? 67  LEU A C   1 
ATOM   254  O O   . LEU A 1 40  ? -10.125 8.413   -1.345  1.00 18.81  ? 67  LEU A O   1 
ATOM   255  C CB  . LEU A 1 40  ? -10.132 8.822   2.008   1.00 17.43  ? 67  LEU A CB  1 
ATOM   256  C CG  . LEU A 1 40  ? -11.178 7.694   1.886   1.00 17.49  ? 67  LEU A CG  1 
ATOM   257  C CD1 . LEU A 1 40  ? -10.524 6.332   1.639   1.00 18.00  ? 67  LEU A CD1 1 
ATOM   258  C CD2 . LEU A 1 40  ? -11.970 7.652   3.164   1.00 17.04  ? 67  LEU A CD2 1 
ATOM   259  N N   . ARG A 1 41  ? -10.669 10.441  -0.510  1.00 18.29  ? 68  ARG A N   1 
ATOM   260  C CA  . ARG A 1 41  ? -11.682 10.728  -1.520  1.00 20.65  ? 68  ARG A CA  1 
ATOM   261  C C   . ARG A 1 41  ? -11.102 11.046  -2.901  1.00 19.41  ? 68  ARG A C   1 
ATOM   262  O O   . ARG A 1 41  ? -11.784 10.857  -3.916  1.00 20.19  ? 68  ARG A O   1 
ATOM   263  C CB  . ARG A 1 41  ? -12.564 11.886  -1.055  1.00 25.22  ? 68  ARG A CB  1 
ATOM   264  C CG  . ARG A 1 41  ? -13.607 11.489  -0.030  1.00 28.88  ? 68  ARG A CG  1 
ATOM   265  C CD  . ARG A 1 41  ? -14.776 12.480  -0.051  1.00 35.72  ? 68  ARG A CD  1 
ATOM   266  N NE  . ARG A 1 41  ? -14.603 13.541  0.934   1.00 41.17  ? 68  ARG A NE  1 
ATOM   267  C CZ  . ARG A 1 41  ? -15.339 14.653  1.029   1.00 45.42  ? 68  ARG A CZ  1 
ATOM   268  N NH1 . ARG A 1 41  ? -16.345 14.919  0.181   1.00 48.94  ? 68  ARG A NH1 1 
ATOM   269  N NH2 . ARG A 1 41  ? -15.052 15.518  1.997   1.00 45.62  ? 68  ARG A NH2 1 
ATOM   270  N N   . VAL A 1 42  ? -9.859  11.521  -2.957  1.00 18.88  ? 69  VAL A N   1 
ATOM   271  C CA  . VAL A 1 42  ? -9.243  11.932  -4.229  1.00 18.42  ? 69  VAL A CA  1 
ATOM   272  C C   . VAL A 1 42  ? -7.975  11.137  -4.568  1.00 18.63  ? 69  VAL A C   1 
ATOM   273  O O   . VAL A 1 42  ? -7.896  10.498  -5.610  1.00 19.35  ? 69  VAL A O   1 
ATOM   274  C CB  . VAL A 1 42  ? -8.921  13.436  -4.223  1.00 19.12  ? 69  VAL A CB  1 
ATOM   275  C CG1 . VAL A 1 42  ? -8.225  13.836  -5.513  1.00 19.05  ? 69  VAL A CG1 1 
ATOM   276  C CG2 . VAL A 1 42  ? -10.192 14.234  -3.999  1.00 19.35  ? 69  VAL A CG2 1 
ATOM   277  N N   . VAL A 1 43  ? -6.979  11.200  -3.708  1.00 18.21  ? 70  VAL A N   1 
ATOM   278  C CA  . VAL A 1 43  ? -5.686  10.579  -4.019  1.00 17.56  ? 70  VAL A CA  1 
ATOM   279  C C   . VAL A 1 43  ? -5.828  9.047   -4.155  1.00 18.58  ? 70  VAL A C   1 
ATOM   280  O O   . VAL A 1 43  ? -5.522  8.489   -5.208  1.00 18.36  ? 70  VAL A O   1 
ATOM   281  C CB  . VAL A 1 43  ? -4.583  10.950  -3.006  1.00 17.74  ? 70  VAL A CB  1 
ATOM   282  C CG1 . VAL A 1 43  ? -3.245  10.310  -3.391  1.00 17.54  ? 70  VAL A CG1 1 
ATOM   283  C CG2 . VAL A 1 43  ? -4.439  12.468  -2.904  1.00 17.91  ? 70  VAL A CG2 1 
ATOM   284  N N   . LEU A 1 44  ? -6.302  8.377   -3.107  1.00 17.72  ? 71  LEU A N   1 
ATOM   285  C CA  . LEU A 1 44  ? -6.409  6.922   -3.158  1.00 18.54  ? 71  LEU A CA  1 
ATOM   286  C C   . LEU A 1 44  ? -7.340  6.487   -4.265  1.00 18.04  ? 71  LEU A C   1 
ATOM   287  O O   . LEU A 1 44  ? -7.053  5.555   -5.002  1.00 17.44  ? 71  LEU A O   1 
ATOM   288  C CB  . LEU A 1 44  ? -6.876  6.349   -1.829  1.00 20.21  ? 71  LEU A CB  1 
ATOM   289  C CG  . LEU A 1 44  ? -6.955  4.799   -1.877  1.00 22.36  ? 71  LEU A CG  1 
ATOM   290  C CD1 . LEU A 1 44  ? -5.871  4.153   -1.057  1.00 22.97  ? 71  LEU A CD1 1 
ATOM   291  C CD2 . LEU A 1 44  ? -8.315  4.310   -1.423  1.00 24.42  ? 71  LEU A CD2 1 
ATOM   292  N N   . LYS A 1 45  ? -8.479  7.163   -4.386  1.00 17.85  ? 72  LYS A N   1 
ATOM   293  C CA  . LYS A 1 45  ? -9.432  6.832   -5.437  1.00 19.56  ? 72  LYS A CA  1 
ATOM   294  C C   . LYS A 1 45  ? -8.803  6.954   -6.834  1.00 18.06  ? 72  LYS A C   1 
ATOM   295  O O   . LYS A 1 45  ? -8.959  6.060   -7.662  1.00 18.45  ? 72  LYS A O   1 
ATOM   296  C CB  . LYS A 1 45  ? -10.717 7.685   -5.307  1.00 21.50  ? 72  LYS A CB  1 
ATOM   297  C CG  . LYS A 1 45  ? -11.974 6.909   -5.659  1.00 24.03  ? 72  LYS A CG  1 
ATOM   298  C CD  . LYS A 1 45  ? -13.250 7.538   -5.110  1.00 25.15  ? 72  LYS A CD  1 
ATOM   299  C CE  . LYS A 1 45  ? -13.716 8.629   -6.037  1.00 24.68  ? 72  LYS A CE  1 
ATOM   300  N NZ  . LYS A 1 45  ? -15.003 9.217   -5.581  1.00 24.63  ? 72  LYS A NZ  1 
ATOM   301  N N   . THR A 1 46  ? -8.034  8.019   -7.074  1.00 19.07  ? 73  THR A N   1 
ATOM   302  C CA  . THR A 1 46  ? -7.310  8.178   -8.345  1.00 19.84  ? 73  THR A CA  1 
ATOM   303  C C   . THR A 1 46  ? -6.271  7.072   -8.598  1.00 19.29  ? 73  THR A C   1 
ATOM   304  O O   . THR A 1 46  ? -6.170  6.527   -9.718  1.00 20.10  ? 73  THR A O   1 
ATOM   305  C CB  . THR A 1 46  ? -6.634  9.563   -8.429  1.00 20.10  ? 73  THR A CB  1 
ATOM   306  O OG1 . THR A 1 46  ? -7.648  10.566  -8.313  1.00 21.02  ? 73  THR A OG1 1 
ATOM   307  C CG2 . THR A 1 46  ? -5.905  9.738   -9.741  1.00 20.17  ? 73  THR A CG2 1 
ATOM   308  N N   . LEU A 1 47  ? -5.507  6.756   -7.565  1.00 19.01  ? 74  LEU A N   1 
ATOM   309  C CA  . LEU A 1 47  ? -4.513  5.700   -7.656  1.00 19.10  ? 74  LEU A CA  1 
ATOM   310  C C   . LEU A 1 47  ? -5.178  4.347   -7.900  1.00 16.61  ? 74  LEU A C   1 
ATOM   311  O O   . LEU A 1 47  ? -4.706  3.567   -8.708  1.00 16.65  ? 74  LEU A O   1 
ATOM   312  C CB  . LEU A 1 47  ? -3.650  5.613   -6.389  1.00 20.84  ? 74  LEU A CB  1 
ATOM   313  C CG  . LEU A 1 47  ? -2.334  6.415   -6.357  1.00 24.15  ? 74  LEU A CG  1 
ATOM   314  C CD1 . LEU A 1 47  ? -1.225  5.686   -7.096  1.00 25.27  ? 74  LEU A CD1 1 
ATOM   315  C CD2 . LEU A 1 47  ? -2.517  7.811   -6.926  1.00 24.86  ? 74  LEU A CD2 1 
ATOM   316  N N   . TRP A 1 48  ? -6.289  4.088   -7.202  1.00 14.49  ? 75  TRP A N   1 
ATOM   317  C CA  . TRP A 1 48  ? -6.985  2.805   -7.316  1.00 13.56  ? 75  TRP A CA  1 
ATOM   318  C C   . TRP A 1 48  ? -7.399  2.476   -8.763  1.00 14.31  ? 75  TRP A C   1 
ATOM   319  O O   . TRP A 1 48  ? -7.317  1.342   -9.193  1.00 13.80  ? 75  TRP A O   1 
ATOM   320  C CB  . TRP A 1 48  ? -8.217  2.764   -6.406  1.00 13.51  ? 75  TRP A CB  1 
ATOM   321  C CG  . TRP A 1 48  ? -8.759  1.420   -6.253  1.00 12.84  ? 75  TRP A CG  1 
ATOM   322  C CD1 . TRP A 1 48  ? -9.604  0.759   -7.105  1.00 13.14  ? 75  TRP A CD1 1 
ATOM   323  C CD2 . TRP A 1 48  ? -8.529  0.534   -5.160  1.00 13.27  ? 75  TRP A CD2 1 
ATOM   324  N NE1 . TRP A 1 48  ? -9.873  -0.485  -6.638  1.00 13.02  ? 75  TRP A NE1 1 
ATOM   325  C CE2 . TRP A 1 48  ? -9.245  -0.654  -5.431  1.00 12.64  ? 75  TRP A CE2 1 
ATOM   326  C CE3 . TRP A 1 48  ? -7.767  0.625   -3.982  1.00 13.99  ? 75  TRP A CE3 1 
ATOM   327  C CZ2 . TRP A 1 48  ? -9.259  -1.743  -4.540  1.00 13.40  ? 75  TRP A CZ2 1 
ATOM   328  C CZ3 . TRP A 1 48  ? -7.761  -0.457  -3.109  1.00 14.27  ? 75  TRP A CZ3 1 
ATOM   329  C CH2 . TRP A 1 48  ? -8.497  -1.623  -3.397  1.00 13.37  ? 75  TRP A CH2 1 
ATOM   330  N N   . LYS A 1 49  ? -7.892  3.476   -9.487  1.00 13.81  ? 76  LYS A N   1 
ATOM   331  C CA  . LYS A 1 49  ? -8.398  3.293   -10.819 1.00 14.93  ? 76  LYS A CA  1 
ATOM   332  C C   . LYS A 1 49  ? -7.350  3.315   -11.917 1.00 14.26  ? 76  LYS A C   1 
ATOM   333  O O   . LYS A 1 49  ? -7.663  3.069   -13.081 1.00 15.97  ? 76  LYS A O   1 
ATOM   334  C CB  . LYS A 1 49  ? -9.480  4.342   -11.077 1.00 15.03  ? 76  LYS A CB  1 
ATOM   335  C CG  . LYS A 1 49  ? -10.634 4.173   -10.089 1.00 15.95  ? 76  LYS A CG  1 
ATOM   336  C CD  . LYS A 1 49  ? -11.768 5.110   -10.442 1.00 16.16  ? 76  LYS A CD  1 
ATOM   337  C CE  . LYS A 1 49  ? -12.910 4.957   -9.434  1.00 16.57  ? 76  LYS A CE  1 
ATOM   338  N NZ  . LYS A 1 49  ? -14.069 5.833   -9.760  1.00 16.36  ? 76  LYS A NZ  1 
ATOM   339  N N   . HIS A 1 50  ? -6.097  3.616   -11.566 1.00 13.89  ? 77  HIS A N   1 
ATOM   340  C CA  . HIS A 1 50  ? -5.043  3.605   -12.550 1.00 13.99  ? 77  HIS A CA  1 
ATOM   341  C C   . HIS A 1 50  ? -4.915  2.222   -13.153 1.00 14.38  ? 77  HIS A C   1 
ATOM   342  O O   . HIS A 1 50  ? -5.096  1.205   -12.475 1.00 12.66  ? 77  HIS A O   1 
ATOM   343  C CB  . HIS A 1 50  ? -3.723  4.072   -11.914 1.00 14.02  ? 77  HIS A CB  1 
ATOM   344  C CG  . HIS A 1 50  ? -2.620  4.318   -12.908 1.00 14.86  ? 77  HIS A CG  1 
ATOM   345  N ND1 . HIS A 1 50  ? -1.861  3.300   -13.430 1.00 14.86  ? 77  HIS A ND1 1 
ATOM   346  C CD2 . HIS A 1 50  ? -2.110  5.461   -13.434 1.00 15.92  ? 77  HIS A CD2 1 
ATOM   347  C CE1 . HIS A 1 50  ? -0.967  3.779   -14.276 1.00 14.87  ? 77  HIS A CE1 1 
ATOM   348  N NE2 . HIS A 1 50  ? -1.078  5.095   -14.274 1.00 15.84  ? 77  HIS A NE2 1 
ATOM   349  N N   . GLN A 1 51  ? -4.574  2.166   -14.435 1.00 15.62  ? 78  GLN A N   1 
ATOM   350  C CA  . GLN A 1 51  ? -4.483  0.897   -15.154 1.00 17.42  ? 78  GLN A CA  1 
ATOM   351  C C   . GLN A 1 51  ? -3.484  -0.107  -14.518 1.00 15.49  ? 78  GLN A C   1 
ATOM   352  O O   . GLN A 1 51  ? -3.627  -1.305  -14.670 1.00 14.26  ? 78  GLN A O   1 
ATOM   353  C CB  . GLN A 1 51  ? -4.093  1.121   -16.629 1.00 20.60  ? 78  GLN A CB  1 
ATOM   354  C CG  . GLN A 1 51  ? -2.777  1.854   -16.866 1.00 24.54  ? 78  GLN A CG  1 
ATOM   355  C CD  . GLN A 1 51  ? -2.299  1.839   -18.325 1.00 31.52  ? 78  GLN A CD  1 
ATOM   356  O OE1 . GLN A 1 51  ? -2.853  1.152   -19.184 1.00 33.54  ? 78  GLN A OE1 1 
ATOM   357  N NE2 . GLN A 1 51  ? -1.222  2.595   -18.591 1.00 37.08  ? 78  GLN A NE2 1 
ATOM   358  N N   . PHE A 1 52  ? -2.484  0.406   -13.828 1.00 14.08  ? 79  PHE A N   1 
ATOM   359  C CA  . PHE A 1 52  ? -1.447  -0.411  -13.200 1.00 13.87  ? 79  PHE A CA  1 
ATOM   360  C C   . PHE A 1 52  ? -1.655  -0.685  -11.713 1.00 13.12  ? 79  PHE A C   1 
ATOM   361  O O   . PHE A 1 52  ? -0.778  -1.260  -11.071 1.00 13.24  ? 79  PHE A O   1 
ATOM   362  C CB  . PHE A 1 52  ? -0.042  0.217   -13.374 1.00 13.61  ? 79  PHE A CB  1 
ATOM   363  C CG  . PHE A 1 52  ? 0.479   0.258   -14.803 1.00 14.25  ? 79  PHE A CG  1 
ATOM   364  C CD1 . PHE A 1 52  ? -0.054  -0.539  -15.821 1.00 14.53  ? 79  PHE A CD1 1 
ATOM   365  C CD2 . PHE A 1 52  ? 1.540   1.122   -15.103 1.00 15.24  ? 79  PHE A CD2 1 
ATOM   366  C CE1 . PHE A 1 52  ? 0.471   -0.488  -17.104 1.00 16.79  ? 79  PHE A CE1 1 
ATOM   367  C CE2 . PHE A 1 52  ? 2.068   1.165   -16.386 1.00 16.26  ? 79  PHE A CE2 1 
ATOM   368  C CZ  . PHE A 1 52  ? 1.526   0.378   -17.380 1.00 16.88  ? 79  PHE A CZ  1 
ATOM   369  N N   . ALA A 1 53  ? -2.814  -0.311  -11.187 1.00 12.51  ? 80  ALA A N   1 
ATOM   370  C CA  . ALA A 1 53  ? -3.064  -0.431  -9.733  1.00 12.07  ? 80  ALA A CA  1 
ATOM   371  C C   . ALA A 1 53  ? -3.344  -1.830  -9.246  1.00 12.53  ? 80  ALA A C   1 
ATOM   372  O O   . ALA A 1 53  ? -3.115  -2.105  -8.066  1.00 11.17  ? 80  ALA A O   1 
ATOM   373  C CB  . ALA A 1 53  ? -4.221  0.459   -9.338  1.00 12.82  ? 80  ALA A CB  1 
ATOM   374  N N   . TRP A 1 54  ? -3.957  -2.675  -10.079 1.00 12.31  ? 81  TRP A N   1 
ATOM   375  C CA  . TRP A 1 54  ? -4.512  -3.945  -9.585  1.00 13.29  ? 81  TRP A CA  1 
ATOM   376  C C   . TRP A 1 54  ? -3.571  -4.827  -8.777  1.00 12.03  ? 81  TRP A C   1 
ATOM   377  O O   . TRP A 1 54  ? -3.991  -5.412  -7.766  1.00 12.86  ? 81  TRP A O   1 
ATOM   378  C CB  . TRP A 1 54  ? -5.229  -4.770  -10.672 1.00 13.38  ? 81  TRP A CB  1 
ATOM   379  C CG  . TRP A 1 54  ? -4.385  -5.230  -11.748 1.00 14.04  ? 81  TRP A CG  1 
ATOM   380  C CD1 . TRP A 1 54  ? -4.141  -4.571  -12.918 1.00 14.31  ? 81  TRP A CD1 1 
ATOM   381  C CD2 . TRP A 1 54  ? -3.650  -6.437  -11.787 1.00 14.64  ? 81  TRP A CD2 1 
ATOM   382  N NE1 . TRP A 1 54  ? -3.278  -5.308  -13.687 1.00 14.35  ? 81  TRP A NE1 1 
ATOM   383  C CE2 . TRP A 1 54  ? -2.979  -6.469  -13.021 1.00 15.22  ? 81  TRP A CE2 1 
ATOM   384  C CE3 . TRP A 1 54  ? -3.487  -7.517  -10.899 1.00 15.23  ? 81  TRP A CE3 1 
ATOM   385  C CZ2 . TRP A 1 54  ? -2.159  -7.529  -13.388 1.00 16.25  ? 81  TRP A CZ2 1 
ATOM   386  C CZ3 . TRP A 1 54  ? -2.680  -8.575  -11.272 1.00 16.51  ? 81  TRP A CZ3 1 
ATOM   387  C CH2 . TRP A 1 54  ? -2.032  -8.574  -12.504 1.00 16.58  ? 81  TRP A CH2 1 
ATOM   388  N N   . PRO A 1 55  ? -2.284  -4.916  -9.160  1.00 11.59  ? 82  PRO A N   1 
ATOM   389  C CA  . PRO A 1 55  ? -1.402  -5.767  -8.354  1.00 11.90  ? 82  PRO A CA  1 
ATOM   390  C C   . PRO A 1 55  ? -1.186  -5.289  -6.915  1.00 11.81  ? 82  PRO A C   1 
ATOM   391  O O   . PRO A 1 55  ? -0.714  -6.068  -6.077  1.00 13.93  ? 82  PRO A O   1 
ATOM   392  C CB  . PRO A 1 55  ? -0.073  -5.704  -9.095  1.00 11.65  ? 82  PRO A CB  1 
ATOM   393  C CG  . PRO A 1 55  ? -0.438  -5.295  -10.498 1.00 11.76  ? 82  PRO A CG  1 
ATOM   394  C CD  . PRO A 1 55  ? -1.553  -4.343  -10.316 1.00 12.08  ? 82  PRO A CD  1 
ATOM   395  N N   . PHE A 1 56  ? -1.457  -4.002  -6.696  1.00 11.72  ? 83  PHE A N   1 
ATOM   396  C CA  . PHE A 1 56  ? -1.225  -3.312  -5.412  1.00 11.75  ? 83  PHE A CA  1 
ATOM   397  C C   . PHE A 1 56  ? -2.496  -3.157  -4.579  1.00 11.74  ? 83  PHE A C   1 
ATOM   398  O O   . PHE A 1 56  ? -2.459  -2.516  -3.532  1.00 13.45  ? 83  PHE A O   1 
ATOM   399  C CB  . PHE A 1 56  ? -0.626  -1.924  -5.699  1.00 11.63  ? 83  PHE A CB  1 
ATOM   400  C CG  . PHE A 1 56  ? 0.606   -1.978  -6.553  1.00 11.33  ? 83  PHE A CG  1 
ATOM   401  C CD1 . PHE A 1 56  ? 0.502   -2.052  -7.967  1.00 11.54  ? 83  PHE A CD1 1 
ATOM   402  C CD2 . PHE A 1 56  ? 1.854   -2.070  -5.961  1.00 12.43  ? 83  PHE A CD2 1 
ATOM   403  C CE1 . PHE A 1 56  ? 1.614   -2.163  -8.729  1.00 12.29  ? 83  PHE A CE1 1 
ATOM   404  C CE2 . PHE A 1 56  ? 2.997   -2.168  -6.750  1.00 12.07  ? 83  PHE A CE2 1 
ATOM   405  C CZ  . PHE A 1 56  ? 2.861   -2.233  -8.134  1.00 12.12  ? 83  PHE A CZ  1 
ATOM   406  N N   . GLN A 1 57  ? -3.614  -3.716  -5.028  1.00 12.58  ? 84  GLN A N   1 
ATOM   407  C CA  . GLN A 1 57  ? -4.881  -3.494  -4.349  1.00 12.28  ? 84  GLN A CA  1 
ATOM   408  C C   . GLN A 1 57  ? -5.194  -4.376  -3.155  1.00 13.08  ? 84  GLN A C   1 
ATOM   409  O O   . GLN A 1 57  ? -6.166  -4.125  -2.457  1.00 13.99  ? 84  GLN A O   1 
ATOM   410  C CB  . GLN A 1 57  ? -6.010  -3.616  -5.356  1.00 12.19  ? 84  GLN A CB  1 
ATOM   411  C CG  . GLN A 1 57  ? -6.092  -2.373  -6.212  1.00 12.33  ? 84  GLN A CG  1 
ATOM   412  C CD  . GLN A 1 57  ? -7.040  -2.533  -7.387  1.00 13.25  ? 84  GLN A CD  1 
ATOM   413  O OE1 . GLN A 1 57  ? -7.643  -3.610  -7.588  1.00 14.38  ? 84  GLN A OE1 1 
ATOM   414  N NE2 . GLN A 1 57  ? -7.166  -1.493  -8.174  1.00 13.96  ? 84  GLN A NE2 1 
ATOM   415  N N   . GLN A 1 58  ? -4.444  -5.448  -2.965  1.00 12.39  ? 85  GLN A N   1 
ATOM   416  C CA  . GLN A 1 58  ? -4.683  -6.384  -1.879  1.00 13.04  ? 85  GLN A CA  1 
ATOM   417  C C   . GLN A 1 58  ? -3.337  -6.901  -1.408  1.00 12.27  ? 85  GLN A C   1 
ATOM   418  O O   . GLN A 1 58  ? -2.336  -6.838  -2.149  1.00 12.94  ? 85  GLN A O   1 
ATOM   419  C CB  . GLN A 1 58  ? -5.534  -7.573  -2.334  1.00 14.10  ? 85  GLN A CB  1 
ATOM   420  C CG  . GLN A 1 58  ? -4.993  -8.300  -3.537  1.00 15.54  ? 85  GLN A CG  1 
ATOM   421  C CD  . GLN A 1 58  ? -5.244  -7.525  -4.826  1.00 17.85  ? 85  GLN A CD  1 
ATOM   422  O OE1 . GLN A 1 58  ? -6.365  -7.006  -5.030  1.00 21.42  ? 85  GLN A OE1 1 
ATOM   423  N NE2 . GLN A 1 58  ? -4.204  -7.384  -5.672  1.00 19.07  ? 85  GLN A NE2 1 
ATOM   424  N N   . PRO A 1 59  ? -3.308  -7.517  -0.207  1.00 11.84  ? 86  PRO A N   1 
ATOM   425  C CA  . PRO A 1 59  ? -2.059  -8.097  0.251   1.00 12.08  ? 86  PRO A CA  1 
ATOM   426  C C   . PRO A 1 59  ? -1.533  -9.150  -0.736  1.00 11.80  ? 86  PRO A C   1 
ATOM   427  O O   . PRO A 1 59  ? -2.317  -9.886  -1.347  1.00 14.87  ? 86  PRO A O   1 
ATOM   428  C CB  . PRO A 1 59  ? -2.440  -8.716  1.599   1.00 11.75  ? 86  PRO A CB  1 
ATOM   429  C CG  . PRO A 1 59  ? -3.604  -7.929  2.053   1.00 12.04  ? 86  PRO A CG  1 
ATOM   430  C CD  . PRO A 1 59  ? -4.364  -7.615  0.825   1.00 12.10  ? 86  PRO A CD  1 
ATOM   431  N N   . VAL A 1 60  ? -0.208  -9.195  -0.881  1.00 12.47  ? 87  VAL A N   1 
ATOM   432  C CA  . VAL A 1 60  ? 0.438   -10.241 -1.670  1.00 12.73  ? 87  VAL A CA  1 
ATOM   433  C C   . VAL A 1 60  ? 0.103   -11.594 -1.057  1.00 12.56  ? 87  VAL A C   1 
ATOM   434  O O   . VAL A 1 60  ? 0.303   -11.813 0.146   1.00 13.93  ? 87  VAL A O   1 
ATOM   435  C CB  . VAL A 1 60  ? 1.956   -10.058 -1.617  1.00 12.92  ? 87  VAL A CB  1 
ATOM   436  C CG1 . VAL A 1 60  ? 2.689   -11.334 -2.039  1.00 14.46  ? 87  VAL A CG1 1 
ATOM   437  C CG2 . VAL A 1 60  ? 2.400   -8.812  -2.395  1.00 13.79  ? 87  VAL A CG2 1 
ATOM   438  N N   . ASP A 1 61  ? -0.429  -12.491 -1.887  1.00 12.14  ? 88  ASP A N   1 
ATOM   439  C CA  . ASP A 1 61  ? -0.611  -13.896 -1.522  1.00 13.56  ? 88  ASP A CA  1 
ATOM   440  C C   . ASP A 1 61  ? 0.610   -14.624 -2.069  1.00 13.98  ? 88  ASP A C   1 
ATOM   441  O O   . ASP A 1 61  ? 0.694   -14.911 -3.276  1.00 14.26  ? 88  ASP A O   1 
ATOM   442  C CB  . ASP A 1 61  ? -1.920  -14.428 -2.095  1.00 13.75  ? 88  ASP A CB  1 
ATOM   443  C CG  . ASP A 1 61  ? -2.236  -15.834 -1.641  1.00 14.34  ? 88  ASP A CG  1 
ATOM   444  O OD1 . ASP A 1 61  ? -1.319  -16.643 -1.365  1.00 14.92  ? 88  ASP A OD1 1 
ATOM   445  O OD2 . ASP A 1 61  ? -3.443  -16.156 -1.577  1.00 16.02  ? 88  ASP A OD2 1 
ATOM   446  N N   . ALA A 1 62  ? 1.563   -14.871 -1.178  1.00 13.81  ? 89  ALA A N   1 
ATOM   447  C CA  . ALA A 1 62  ? 2.858   -15.446 -1.528  1.00 14.33  ? 89  ALA A CA  1 
ATOM   448  C C   . ALA A 1 62  ? 2.694   -16.834 -2.162  1.00 14.25  ? 89  ALA A C   1 
ATOM   449  O O   . ALA A 1 62  ? 3.459   -17.197 -3.059  1.00 14.26  ? 89  ALA A O   1 
ATOM   450  C CB  . ALA A 1 62  ? 3.745   -15.532 -0.285  1.00 15.22  ? 89  ALA A CB  1 
ATOM   451  N N   . VAL A 1 63  ? 1.676   -17.571 -1.704  1.00 13.65  ? 90  VAL A N   1 
ATOM   452  C CA  . VAL A 1 63  ? 1.400   -18.908 -2.219  1.00 14.56  ? 90  VAL A CA  1 
ATOM   453  C C   . VAL A 1 63  ? 0.790   -18.841 -3.616  1.00 14.45  ? 90  VAL A C   1 
ATOM   454  O O   . VAL A 1 63  ? 1.292   -19.450 -4.550  1.00 14.28  ? 90  VAL A O   1 
ATOM   455  C CB  . VAL A 1 63  ? 0.509   -19.734 -1.265  1.00 16.03  ? 90  VAL A CB  1 
ATOM   456  C CG1 . VAL A 1 63  ? 0.200   -21.105 -1.892  1.00 17.02  ? 90  VAL A CG1 1 
ATOM   457  C CG2 . VAL A 1 63  ? 1.182   -19.869 0.090   1.00 16.91  ? 90  VAL A CG2 1 
ATOM   458  N N   . LYS A 1 64  ? -0.311  -18.112 -3.774  1.00 14.11  ? 91  LYS A N   1 
ATOM   459  C CA  . LYS A 1 64  ? -1.008  -18.055 -5.087  1.00 14.95  ? 91  LYS A CA  1 
ATOM   460  C C   . LYS A 1 64  ? -0.256  -17.295 -6.154  1.00 14.37  ? 91  LYS A C   1 
ATOM   461  O O   . LYS A 1 64  ? -0.404  -17.586 -7.347  1.00 15.00  ? 91  LYS A O   1 
ATOM   462  C CB  . LYS A 1 64  ? -2.416  -17.473 -4.925  1.00 16.46  ? 91  LYS A CB  1 
ATOM   463  C CG  . LYS A 1 64  ? -3.394  -18.413 -4.230  1.00 18.55  ? 91  LYS A CG  1 
ATOM   464  C CD  . LYS A 1 64  ? -4.800  -17.817 -4.241  1.00 21.19  ? 91  LYS A CD  1 
ATOM   465  C CE  . LYS A 1 64  ? -5.743  -18.500 -3.262  1.00 24.18  ? 91  LYS A CE  1 
ATOM   466  N NZ  . LYS A 1 64  ? -6.013  -19.933 -3.548  1.00 25.66  ? 91  LYS A NZ  1 
ATOM   467  N N   . LEU A 1 65  ? 0.569   -16.332 -5.759  1.00 13.17  ? 92  LEU A N   1 
ATOM   468  C CA  . LEU A 1 65  ? 1.402   -15.617 -6.716  1.00 12.95  ? 92  LEU A CA  1 
ATOM   469  C C   . LEU A 1 65  ? 2.768   -16.292 -6.963  1.00 12.62  ? 92  LEU A C   1 
ATOM   470  O O   . LEU A 1 65  ? 3.549   -15.782 -7.756  1.00 12.78  ? 92  LEU A O   1 
ATOM   471  C CB  . LEU A 1 65  ? 1.638   -14.176 -6.266  1.00 13.60  ? 92  LEU A CB  1 
ATOM   472  C CG  . LEU A 1 65  ? 0.414   -13.276 -6.145  1.00 13.91  ? 92  LEU A CG  1 
ATOM   473  C CD1 . LEU A 1 65  ? 0.886   -11.892 -5.713  1.00 14.15  ? 92  LEU A CD1 1 
ATOM   474  C CD2 . LEU A 1 65  ? -0.401  -13.197 -7.419  1.00 15.02  ? 92  LEU A CD2 1 
ATOM   475  N N   . ASN A 1 66  ? 3.027   -17.445 -6.348  1.00 12.61  ? 93  ASN A N   1 
ATOM   476  C CA  . ASN A 1 66  ? 4.303   -18.154 -6.527  1.00 12.91  ? 93  ASN A CA  1 
ATOM   477  C C   . ASN A 1 66  ? 5.484   -17.252 -6.214  1.00 13.50  ? 93  ASN A C   1 
ATOM   478  O O   . ASN A 1 66  ? 6.484   -17.218 -6.949  1.00 14.47  ? 93  ASN A O   1 
ATOM   479  C CB  . ASN A 1 66  ? 4.382   -18.807 -7.917  1.00 13.32  ? 93  ASN A CB  1 
ATOM   480  C CG  . ASN A 1 66  ? 3.533   -20.049 -8.004  1.00 13.27  ? 93  ASN A CG  1 
ATOM   481  O OD1 . ASN A 1 66  ? 3.060   -20.551 -6.987  1.00 14.18  ? 93  ASN A OD1 1 
ATOM   482  N ND2 . ASN A 1 66  ? 3.366   -20.571 -9.199  1.00 13.45  ? 93  ASN A ND2 1 
ATOM   483  N N   . LEU A 1 67  ? 5.381   -16.572 -5.078  1.00 14.40  ? 94  LEU A N   1 
ATOM   484  C CA  . LEU A 1 67  ? 6.455   -15.750 -4.531  1.00 15.36  ? 94  LEU A CA  1 
ATOM   485  C C   . LEU A 1 67  ? 6.780   -16.323 -3.142  1.00 16.85  ? 94  LEU A C   1 
ATOM   486  O O   . LEU A 1 67  ? 6.514   -15.692 -2.134  1.00 15.45  ? 94  LEU A O   1 
ATOM   487  C CB  . LEU A 1 67  ? 6.016   -14.285 -4.439  1.00 15.40  ? 94  LEU A CB  1 
ATOM   488  C CG  . LEU A 1 67  ? 5.491   -13.628 -5.729  1.00 16.18  ? 94  LEU A CG  1 
ATOM   489  C CD1 . LEU A 1 67  ? 5.023   -12.206 -5.441  1.00 16.07  ? 94  LEU A CD1 1 
ATOM   490  C CD2 . LEU A 1 67  ? 6.503   -13.663 -6.877  1.00 17.30  ? 94  LEU A CD2 1 
ATOM   491  N N   . PRO A 1 68  ? 7.348   -17.551 -3.090  1.00 18.97  ? 95  PRO A N   1 
ATOM   492  C CA  . PRO A 1 68  ? 7.333   -18.227 -1.779  1.00 20.46  ? 95  PRO A CA  1 
ATOM   493  C C   . PRO A 1 68  ? 8.145   -17.568 -0.669  1.00 22.91  ? 95  PRO A C   1 
ATOM   494  O O   . PRO A 1 68  ? 7.764   -17.676 0.514   1.00 25.46  ? 95  PRO A O   1 
ATOM   495  C CB  . PRO A 1 68  ? 7.873   -19.642 -2.086  1.00 21.22  ? 95  PRO A CB  1 
ATOM   496  C CG  . PRO A 1 68  ? 8.393   -19.615 -3.451  1.00 21.69  ? 95  PRO A CG  1 
ATOM   497  C CD  . PRO A 1 68  ? 7.790   -18.438 -4.170  1.00 20.51  ? 95  PRO A CD  1 
ATOM   498  N N   . ASP A 1 69  ? 9.195   -16.842 -1.048  1.00 21.60  ? 96  ASP A N   1 
ATOM   499  C CA  . ASP A 1 69  ? 10.063  -16.110 -0.113  1.00 23.97  ? 96  ASP A CA  1 
ATOM   500  C C   . ASP A 1 69  ? 9.676   -14.649 0.092   1.00 21.37  ? 96  ASP A C   1 
ATOM   501  O O   . ASP A 1 69  ? 10.442  -13.895 0.679   1.00 22.71  ? 96  ASP A O   1 
ATOM   502  C CB  . ASP A 1 69  ? 11.503  -16.151 -0.625  1.00 25.88  ? 96  ASP A CB  1 
ATOM   503  C CG  . ASP A 1 69  ? 11.664  -15.501 -2.005  1.00 30.57  ? 96  ASP A CG  1 
ATOM   504  O OD1 . ASP A 1 69  ? 10.654  -15.405 -2.767  1.00 29.39  ? 96  ASP A OD1 1 
ATOM   505  O OD2 . ASP A 1 69  ? 12.814  -15.106 -2.327  1.00 35.26  ? 96  ASP A OD2 1 
ATOM   506  N N   . TYR A 1 70  ? 8.482   -14.251 -0.358  1.00 18.90  ? 97  TYR A N   1 
ATOM   507  C CA  . TYR A 1 70  ? 8.087   -12.852 -0.282  1.00 16.59  ? 97  TYR A CA  1 
ATOM   508  C C   . TYR A 1 70  ? 8.169   -12.319 1.148   1.00 16.80  ? 97  TYR A C   1 
ATOM   509  O O   . TYR A 1 70  ? 8.773   -11.264 1.383   1.00 16.82  ? 97  TYR A O   1 
ATOM   510  C CB  . TYR A 1 70  ? 6.681   -12.629 -0.855  1.00 15.44  ? 97  TYR A CB  1 
ATOM   511  C CG  . TYR A 1 70  ? 6.328   -11.170 -0.928  1.00 15.07  ? 97  TYR A CG  1 
ATOM   512  C CD1 . TYR A 1 70  ? 6.716   -10.401 -2.006  1.00 14.38  ? 97  TYR A CD1 1 
ATOM   513  C CD2 . TYR A 1 70  ? 5.591   -10.558 0.080   1.00 14.30  ? 97  TYR A CD2 1 
ATOM   514  C CE1 . TYR A 1 70  ? 6.418   -9.039  -2.065  1.00 14.12  ? 97  TYR A CE1 1 
ATOM   515  C CE2 . TYR A 1 70  ? 5.282   -9.196  0.040   1.00 14.06  ? 97  TYR A CE2 1 
ATOM   516  C CZ  . TYR A 1 70  ? 5.688   -8.443  -1.056  1.00 14.13  ? 97  TYR A CZ  1 
ATOM   517  O OH  . TYR A 1 70  ? 5.396   -7.092  -1.120  1.00 13.42  ? 97  TYR A OH  1 
ATOM   518  N N   . TYR A 1 71  ? 7.568   -13.042 2.084   1.00 18.40  ? 98  TYR A N   1 
ATOM   519  C CA  . TYR A 1 71  ? 7.454   -12.585 3.455   1.00 18.63  ? 98  TYR A CA  1 
ATOM   520  C C   . TYR A 1 71  ? 8.706   -12.888 4.303   1.00 21.64  ? 98  TYR A C   1 
ATOM   521  O O   . TYR A 1 71  ? 8.812   -12.440 5.427   1.00 26.04  ? 98  TYR A O   1 
ATOM   522  C CB  . TYR A 1 71  ? 6.157   -13.077 4.094   1.00 18.87  ? 98  TYR A CB  1 
ATOM   523  C CG  . TYR A 1 71  ? 4.907   -12.411 3.515   1.00 17.82  ? 98  TYR A CG  1 
ATOM   524  C CD1 . TYR A 1 71  ? 4.632   -11.067 3.748   1.00 16.98  ? 98  TYR A CD1 1 
ATOM   525  C CD2 . TYR A 1 71  ? 4.035   -13.107 2.677   1.00 16.07  ? 98  TYR A CD2 1 
ATOM   526  C CE1 . TYR A 1 71  ? 3.507   -10.451 3.222   1.00 16.64  ? 98  TYR A CE1 1 
ATOM   527  C CE2 . TYR A 1 71  ? 2.900   -12.491 2.138   1.00 15.71  ? 98  TYR A CE2 1 
ATOM   528  C CZ  . TYR A 1 71  ? 2.634   -11.154 2.417   1.00 16.04  ? 98  TYR A CZ  1 
ATOM   529  O OH  . TYR A 1 71  ? 1.523   -10.490 1.915   1.00 15.98  ? 98  TYR A OH  1 
ATOM   530  N N   . LYS A 1 72  ? 9.657   -13.596 3.737   1.00 23.06  ? 99  LYS A N   1 
ATOM   531  C CA  . LYS A 1 72  ? 10.983  -13.661 4.316   1.00 25.29  ? 99  LYS A CA  1 
ATOM   532  C C   . LYS A 1 72  ? 11.657  -12.320 4.080   1.00 25.28  ? 99  LYS A C   1 
ATOM   533  O O   . LYS A 1 72  ? 12.325  -11.788 4.969   1.00 26.70  ? 99  LYS A O   1 
ATOM   534  C CB  . LYS A 1 72  ? 11.805  -14.774 3.672   1.00 29.98  ? 99  LYS A CB  1 
ATOM   535  C CG  . LYS A 1 72  ? 13.055  -15.124 4.454   1.00 33.74  ? 99  LYS A CG  1 
ATOM   536  C CD  . LYS A 1 72  ? 13.763  -16.314 3.838   1.00 36.92  ? 99  LYS A CD  1 
ATOM   537  C CE  . LYS A 1 72  ? 15.040  -16.632 4.601   1.00 40.33  ? 99  LYS A CE  1 
ATOM   538  N NZ  . LYS A 1 72  ? 16.040  -17.327 3.738   1.00 43.31  ? 99  LYS A NZ  1 
ATOM   539  N N   . ILE A 1 73  ? 11.450  -11.776 2.888   1.00 21.77  ? 100 ILE A N   1 
ATOM   540  C CA  . ILE A 1 73  ? 12.169  -10.580 2.411   1.00 20.21  ? 100 ILE A CA  1 
ATOM   541  C C   . ILE A 1 73  ? 11.467  -9.278  2.840   1.00 19.55  ? 100 ILE A C   1 
ATOM   542  O O   . ILE A 1 73  ? 12.144  -8.294  3.182   1.00 19.15  ? 100 ILE A O   1 
ATOM   543  C CB  . ILE A 1 73  ? 12.343  -10.647 0.868   1.00 20.13  ? 100 ILE A CB  1 
ATOM   544  C CG1 . ILE A 1 73  ? 13.349  -11.752 0.496   1.00 22.42  ? 100 ILE A CG1 1 
ATOM   545  C CG2 . ILE A 1 73  ? 12.790  -9.309  0.290   1.00 20.17  ? 100 ILE A CG2 1 
ATOM   546  C CD1 . ILE A 1 73  ? 13.316  -12.200 -0.944  1.00 24.22  ? 100 ILE A CD1 1 
ATOM   547  N N   . ILE A 1 74  ? 10.127  -9.279  2.830   1.00 16.93  ? 101 ILE A N   1 
ATOM   548  C CA  . ILE A 1 74  ? 9.332   -8.094  3.128   1.00 17.67  ? 101 ILE A CA  1 
ATOM   549  C C   . ILE A 1 74  ? 8.768   -8.210  4.535   1.00 18.13  ? 101 ILE A C   1 
ATOM   550  O O   . ILE A 1 74  ? 7.834   -8.999  4.800   1.00 18.32  ? 101 ILE A O   1 
ATOM   551  C CB  . ILE A 1 74  ? 8.198   -7.921  2.105   1.00 16.81  ? 101 ILE A CB  1 
ATOM   552  C CG1 . ILE A 1 74  ? 8.760   -7.693  0.685   1.00 16.53  ? 101 ILE A CG1 1 
ATOM   553  C CG2 . ILE A 1 74  ? 7.294   -6.752  2.493   1.00 17.72  ? 101 ILE A CG2 1 
ATOM   554  C CD1 . ILE A 1 74  ? 9.742   -6.527  0.515   1.00 16.76  ? 101 ILE A CD1 1 
ATOM   555  N N   . LYS A 1 75  ? 9.341   -7.433  5.439   1.00 19.91  ? 102 LYS A N   1 
ATOM   556  C CA  . LYS A 1 75  ? 8.977   -7.487  6.845   1.00 23.51  ? 102 LYS A CA  1 
ATOM   557  C C   . LYS A 1 75  ? 7.804   -6.580  7.191   1.00 20.85  ? 102 LYS A C   1 
ATOM   558  O O   . LYS A 1 75  ? 7.151   -6.769  8.211   1.00 19.86  ? 102 LYS A O   1 
ATOM   559  C CB  . LYS A 1 75  ? 10.165  -7.076  7.728   1.00 27.52  ? 102 LYS A CB  1 
ATOM   560  C CG  . LYS A 1 75  ? 11.509  -7.727  7.407   1.00 32.30  ? 102 LYS A CG  1 
ATOM   561  C CD  . LYS A 1 75  ? 11.559  -9.214  7.721   1.00 36.99  ? 102 LYS A CD  1 
ATOM   562  C CE  . LYS A 1 75  ? 13.006  -9.700  7.703   1.00 41.48  ? 102 LYS A CE  1 
ATOM   563  N NZ  . LYS A 1 75  ? 13.148  -11.191 7.760   1.00 44.60  ? 102 LYS A NZ  1 
ATOM   564  N N   . THR A 1 76  ? 7.560   -5.557  6.375   1.00 18.99  ? 103 THR A N   1 
ATOM   565  C CA  . THR A 1 76  ? 6.482   -4.604  6.606   1.00 20.06  ? 103 THR A CA  1 
ATOM   566  C C   . THR A 1 76  ? 5.610   -4.539  5.359   1.00 18.79  ? 103 THR A C   1 
ATOM   567  O O   . THR A 1 76  ? 5.709   -3.610  4.566   1.00 17.82  ? 103 THR A O   1 
ATOM   568  C CB  . THR A 1 76  ? 7.030   -3.199  6.967   1.00 21.06  ? 103 THR A CB  1 
ATOM   569  O OG1 . THR A 1 76  ? 8.006   -3.343  8.020   1.00 23.45  ? 103 THR A OG1 1 
ATOM   570  C CG2 . THR A 1 76  ? 5.915   -2.299  7.429   1.00 22.21  ? 103 THR A CG2 1 
ATOM   571  N N   . PRO A 1 77  ? 4.775   -5.556  5.156   1.00 17.28  ? 104 PRO A N   1 
ATOM   572  C CA  . PRO A 1 77  ? 3.945   -5.542  3.962   1.00 16.45  ? 104 PRO A CA  1 
ATOM   573  C C   . PRO A 1 77  ? 2.968   -4.388  3.960   1.00 15.69  ? 104 PRO A C   1 
ATOM   574  O O   . PRO A 1 77  ? 2.543   -3.921  5.004   1.00 14.68  ? 104 PRO A O   1 
ATOM   575  C CB  . PRO A 1 77  ? 3.168   -6.857  4.034   1.00 17.29  ? 104 PRO A CB  1 
ATOM   576  C CG  . PRO A 1 77  ? 3.713   -7.601  5.184   1.00 18.11  ? 104 PRO A CG  1 
ATOM   577  C CD  . PRO A 1 77  ? 4.463   -6.673  6.057   1.00 18.02  ? 104 PRO A CD  1 
ATOM   578  N N   . MET A 1 78  ? 2.598   -3.942  2.772   1.00 13.54  ? 105 MET A N   1 
ATOM   579  C CA  . MET A 1 78  ? 1.571   -2.932  2.647   1.00 13.28  ? 105 MET A CA  1 
ATOM   580  C C   . MET A 1 78  ? 0.943   -2.983  1.269   1.00 13.65  ? 105 MET A C   1 
ATOM   581  O O   . MET A 1 78  ? 1.608   -3.304  0.295   1.00 14.17  ? 105 MET A O   1 
ATOM   582  C CB  . MET A 1 78  ? 2.183   -1.559  2.880   1.00 13.41  ? 105 MET A CB  1 
ATOM   583  C CG  . MET A 1 78  ? 1.198   -0.417  2.981   1.00 13.90  ? 105 MET A CG  1 
ATOM   584  S SD  . MET A 1 78  ? -0.137  -0.615  4.158   1.00 14.13  ? 105 MET A SD  1 
ATOM   585  C CE  . MET A 1 78  ? 0.721   -1.050  5.680   1.00 15.42  ? 105 MET A CE  1 
ATOM   586  N N   . ASP A 1 79  ? -0.337  -2.635  1.210   1.00 12.47  ? 106 ASP A N   1 
ATOM   587  C CA  . ASP A 1 79  ? -1.097  -2.630  -0.038  1.00 13.29  ? 106 ASP A CA  1 
ATOM   588  C C   . ASP A 1 79  ? -2.157  -1.544  0.040   1.00 12.83  ? 106 ASP A C   1 
ATOM   589  O O   . ASP A 1 79  ? -2.478  -1.069  1.131   1.00 11.56  ? 106 ASP A O   1 
ATOM   590  C CB  . ASP A 1 79  ? -1.761  -3.985  -0.252  1.00 13.05  ? 106 ASP A CB  1 
ATOM   591  C CG  . ASP A 1 79  ? -2.765  -4.291  0.819   1.00 12.81  ? 106 ASP A CG  1 
ATOM   592  O OD1 . ASP A 1 79  ? -2.310  -4.697  1.904   1.00 13.13  ? 106 ASP A OD1 1 
ATOM   593  O OD2 . ASP A 1 79  ? -3.996  -4.039  0.627   1.00 12.83  ? 106 ASP A OD2 1 
ATOM   594  N N   . MET A 1 80  ? -2.730  -1.186  -1.111  1.00 12.41  ? 107 MET A N   1 
ATOM   595  C CA  . MET A 1 80  ? -3.720  -0.110  -1.166  1.00 13.17  ? 107 MET A CA  1 
ATOM   596  C C   . MET A 1 80  ? -5.047  -0.474  -0.504  1.00 12.73  ? 107 MET A C   1 
ATOM   597  O O   . MET A 1 80  ? -5.745  0.428   -0.029  1.00 13.81  ? 107 MET A O   1 
ATOM   598  C CB  . MET A 1 80  ? -3.942  0.381   -2.599  1.00 16.21  ? 107 MET A CB  1 
ATOM   599  C CG  . MET A 1 80  ? -2.778  1.162   -3.121  1.00 17.65  ? 107 MET A CG  1 
ATOM   600  S SD  . MET A 1 80  ? -3.229  2.192   -4.546  1.00 25.67  ? 107 MET A SD  1 
ATOM   601  C CE  . MET A 1 80  ? -3.786  0.934   -5.620  1.00 22.30  ? 107 MET A CE  1 
ATOM   602  N N   . GLY A 1 81  ? -5.423  -1.765  -0.472  1.00 11.64  ? 108 GLY A N   1 
ATOM   603  C CA  . GLY A 1 81  ? -6.604  -2.143  0.243   1.00 11.50  ? 108 GLY A CA  1 
ATOM   604  C C   . GLY A 1 81  ? -6.466  -1.839  1.736   1.00 11.36  ? 108 GLY A C   1 
ATOM   605  O O   . GLY A 1 81  ? -7.399  -1.371  2.383   1.00 11.63  ? 108 GLY A O   1 
ATOM   606  N N   . THR A 1 82  ? -5.286  -2.116  2.267   1.00 10.50  ? 109 THR A N   1 
ATOM   607  C CA  . THR A 1 82  ? -4.991  -1.824  3.677   1.00 10.71  ? 109 THR A CA  1 
ATOM   608  C C   . THR A 1 82  ? -4.999  -0.321  3.916   1.00 10.74  ? 109 THR A C   1 
ATOM   609  O O   . THR A 1 82  ? -5.515  0.117   4.949   1.00 11.43  ? 109 THR A O   1 
ATOM   610  C CB  . THR A 1 82  ? -3.643  -2.428  4.080   1.00 11.53  ? 109 THR A CB  1 
ATOM   611  O OG1 . THR A 1 82  ? -3.750  -3.855  4.025   1.00 12.19  ? 109 THR A OG1 1 
ATOM   612  C CG2 . THR A 1 82  ? -3.214  -2.026  5.509   1.00 11.95  ? 109 THR A CG2 1 
ATOM   613  N N   . ILE A 1 83  ? -4.382  0.433   3.009   1.00 11.58  ? 110 ILE A N   1 
ATOM   614  C CA  . ILE A 1 83  ? -4.312  1.904   3.176   1.00 11.59  ? 110 ILE A CA  1 
ATOM   615  C C   . ILE A 1 83  ? -5.730  2.486   3.153   1.00 11.80  ? 110 ILE A C   1 
ATOM   616  O O   . ILE A 1 83  ? -6.080  3.341   3.949   1.00 10.98  ? 110 ILE A O   1 
ATOM   617  C CB  . ILE A 1 83  ? -3.411  2.566   2.096   1.00 12.11  ? 110 ILE A CB  1 
ATOM   618  C CG1 . ILE A 1 83  ? -1.960  2.112   2.272   1.00 12.38  ? 110 ILE A CG1 1 
ATOM   619  C CG2 . ILE A 1 83  ? -3.507  4.110   2.182   1.00 12.73  ? 110 ILE A CG2 1 
ATOM   620  C CD1 . ILE A 1 83  ? -1.027  2.481   1.137   1.00 12.47  ? 110 ILE A CD1 1 
ATOM   621  N N   . LYS A 1 84  ? -6.534  1.973   2.250   1.00 11.63  ? 111 LYS A N   1 
ATOM   622  C CA  . LYS A 1 84  ? -7.938  2.395   2.125   1.00 11.48  ? 111 LYS A CA  1 
ATOM   623  C C   . LYS A 1 84  ? -8.679  2.136   3.415   1.00 11.44  ? 111 LYS A C   1 
ATOM   624  O O   . LYS A 1 84  ? -9.356  3.024   3.897   1.00 11.71  ? 111 LYS A O   1 
ATOM   625  C CB  . LYS A 1 84  ? -8.618  1.659   0.967   1.00 11.41  ? 111 LYS A CB  1 
ATOM   626  C CG  . LYS A 1 84  ? -10.080 2.048   0.697   1.00 12.18  ? 111 LYS A CG  1 
ATOM   627  C CD  . LYS A 1 84  ? -10.593 1.346   -0.559  1.00 13.37  ? 111 LYS A CD  1 
ATOM   628  C CE  . LYS A 1 84  ? -12.086 1.581   -0.813  1.00 13.93  ? 111 LYS A CE  1 
ATOM   629  N NZ  . LYS A 1 84  ? -12.920 0.760   0.089   1.00 14.91  ? 111 LYS A NZ  1 
ATOM   630  N N   . LYS A 1 85  ? -8.525  0.934   3.996   1.00 11.36  ? 112 LYS A N   1 
ATOM   631  C CA  . LYS A 1 85  ? -9.172  0.638   5.256   1.00 12.50  ? 112 LYS A CA  1 
ATOM   632  C C   . LYS A 1 85  ? -8.691  1.491   6.411   1.00 12.63  ? 112 LYS A C   1 
ATOM   633  O O   . LYS A 1 85  ? -9.491  1.922   7.264   1.00 12.52  ? 112 LYS A O   1 
ATOM   634  C CB  . LYS A 1 85  ? -9.009  -0.830  5.635   1.00 14.95  ? 112 LYS A CB  1 
ATOM   635  C CG  . LYS A 1 85  ? -9.819  -1.760  4.762   1.00 18.15  ? 112 LYS A CG  1 
ATOM   636  C CD  . LYS A 1 85  ? -9.598  -3.205  5.151   1.00 21.19  ? 112 LYS A CD  1 
ATOM   637  C CE  . LYS A 1 85  ? -10.374 -4.162  4.244   1.00 24.55  ? 112 LYS A CE  1 
ATOM   638  N NZ  . LYS A 1 85  ? -11.825 -3.809  4.053   1.00 27.24  ? 112 LYS A NZ  1 
ATOM   639  N N   . ARG A 1 86  ? -7.391  1.748   6.439   1.00 11.10  ? 113 ARG A N   1 
ATOM   640  C CA  . ARG A 1 86  ? -6.804  2.629   7.474   1.00 11.89  ? 113 ARG A CA  1 
ATOM   641  C C   . ARG A 1 86  ? -7.378  4.060   7.390   1.00 12.67  ? 113 ARG A C   1 
ATOM   642  O O   . ARG A 1 86  ? -7.728  4.642   8.406   1.00 12.25  ? 113 ARG A O   1 
ATOM   643  C CB  . ARG A 1 86  ? -5.270  2.648   7.374   1.00 12.08  ? 113 ARG A CB  1 
ATOM   644  C CG  . ARG A 1 86  ? -4.658  1.392   7.924   1.00 11.84  ? 113 ARG A CG  1 
ATOM   645  C CD  . ARG A 1 86  ? -3.154  1.308   7.738   1.00 12.27  ? 113 ARG A CD  1 
ATOM   646  N NE  . ARG A 1 86  ? -2.667  0.131   8.457   1.00 12.21  ? 113 ARG A NE  1 
ATOM   647  C CZ  . ARG A 1 86  ? -1.403  -0.097  8.806   1.00 13.58  ? 113 ARG A CZ  1 
ATOM   648  N NH1 . ARG A 1 86  ? -0.434  0.759   8.517   1.00 13.93  ? 113 ARG A NH1 1 
ATOM   649  N NH2 . ARG A 1 86  ? -1.133  -1.210  9.515   1.00 14.33  ? 113 ARG A NH2 1 
ATOM   650  N N   . LEU A 1 87  ? -7.530  4.587   6.179   1.00 12.83  ? 114 LEU A N   1 
ATOM   651  C CA  . LEU A 1 87  ? -8.182  5.895   5.995   1.00 13.24  ? 114 LEU A CA  1 
ATOM   652  C C   . LEU A 1 87  ? -9.657  5.836   6.407   1.00 13.40  ? 114 LEU A C   1 
ATOM   653  O O   . LEU A 1 87  ? -10.125 6.677   7.160   1.00 15.04  ? 114 LEU A O   1 
ATOM   654  C CB  . LEU A 1 87  ? -8.064  6.375   4.543   1.00 12.77  ? 114 LEU A CB  1 
ATOM   655  C CG  . LEU A 1 87  ? -6.671  6.848   4.118   1.00 13.08  ? 114 LEU A CG  1 
ATOM   656  C CD1 . LEU A 1 87  ? -6.537  6.827   2.614   1.00 12.91  ? 114 LEU A CD1 1 
ATOM   657  C CD2 . LEU A 1 87  ? -6.384  8.258   4.667   1.00 14.13  ? 114 LEU A CD2 1 
ATOM   658  N N   . GLU A 1 88  ? -10.361 4.806   5.989   1.00 13.56  ? 115 GLU A N   1 
ATOM   659  C CA  . GLU A 1 88  ? -11.766 4.654   6.386   1.00 13.73  ? 115 GLU A CA  1 
ATOM   660  C C   . GLU A 1 88  ? -11.971 4.576   7.887   1.00 14.93  ? 115 GLU A C   1 
ATOM   661  O O   . GLU A 1 88  ? -12.990 5.100   8.402   1.00 16.58  ? 115 GLU A O   1 
ATOM   662  C CB  . GLU A 1 88  ? -12.367 3.387   5.744   1.00 14.28  ? 115 GLU A CB  1 
ATOM   663  C CG  . GLU A 1 88  ? -12.477 3.528   4.245   1.00 14.00  ? 115 GLU A CG  1 
ATOM   664  C CD  . GLU A 1 88  ? -12.604 2.217   3.510   1.00 14.61  ? 115 GLU A CD  1 
ATOM   665  O OE1 . GLU A 1 88  ? -12.387 1.140   4.121   1.00 16.27  ? 115 GLU A OE1 1 
ATOM   666  O OE2 . GLU A 1 88  ? -12.867 2.281   2.286   1.00 14.37  ? 115 GLU A OE2 1 
ATOM   667  N N   . ASN A 1 89  ? -11.060 3.911   8.599   1.00 14.22  ? 116 ASN A N   1 
ATOM   668  C CA  . ASN A 1 89  ? -11.175 3.672   10.026  1.00 15.34  ? 116 ASN A CA  1 
ATOM   669  C C   . ASN A 1 89  ? -10.479 4.743   10.870  1.00 15.03  ? 116 ASN A C   1 
ATOM   670  O O   . ASN A 1 89  ? -10.343 4.556   12.098  1.00 17.68  ? 116 ASN A O   1 
ATOM   671  C CB  . ASN A 1 89  ? -10.617 2.301   10.375  1.00 16.29  ? 116 ASN A CB  1 
ATOM   672  C CG  . ASN A 1 89  ? -11.360 1.186   9.669   1.00 18.13  ? 116 ASN A CG  1 
ATOM   673  O OD1 . ASN A 1 89  ? -12.513 1.348   9.257   1.00 21.61  ? 116 ASN A OD1 1 
ATOM   674  N ND2 . ASN A 1 89  ? -10.720 0.037   9.545   1.00 20.62  ? 116 ASN A ND2 1 
ATOM   675  N N   . ASN A 1 90  ? -10.041 5.836   10.230  1.00 15.69  ? 117 ASN A N   1 
ATOM   676  C CA  . ASN A 1 90  ? -9.349  6.933   10.899  1.00 16.77  ? 117 ASN A CA  1 
ATOM   677  C C   . ASN A 1 90  ? -8.133  6.412   11.701  1.00 16.01  ? 117 ASN A C   1 
ATOM   678  O O   . ASN A 1 90  ? -7.855  6.837   12.851  1.00 17.80  ? 117 ASN A O   1 
ATOM   679  C CB  . ASN A 1 90  ? -10.333 7.692   11.816  1.00 17.12  ? 117 ASN A CB  1 
ATOM   680  C CG  . ASN A 1 90  ? -9.863  9.104   12.142  1.00 20.02  ? 117 ASN A CG  1 
ATOM   681  O OD1 . ASN A 1 90  ? -9.714  9.461   13.315  1.00 21.83  ? 117 ASN A OD1 1 
ATOM   682  N ND2 . ASN A 1 90  ? -9.599  9.893   11.124  1.00 22.05  ? 117 ASN A ND2 1 
ATOM   683  N N   . TYR A 1 91  ? -7.424  5.455   11.108  1.00 15.36  ? 118 TYR A N   1 
ATOM   684  C CA  . TYR A 1 91  ? -6.260  4.868   11.731  1.00 14.48  ? 118 TYR A CA  1 
ATOM   685  C C   . TYR A 1 91  ? -5.087  5.854   11.782  1.00 13.95  ? 118 TYR A C   1 
ATOM   686  O O   . TYR A 1 91  ? -4.252  5.770   12.686  1.00 15.45  ? 118 TYR A O   1 
ATOM   687  C CB  . TYR A 1 91  ? -5.867  3.632   10.919  1.00 14.00  ? 118 TYR A CB  1 
ATOM   688  C CG  . TYR A 1 91  ? -4.693  2.856   11.386  1.00 14.09  ? 118 TYR A CG  1 
ATOM   689  C CD1 . TYR A 1 91  ? -3.429  3.122   10.913  1.00 15.31  ? 118 TYR A CD1 1 
ATOM   690  C CD2 . TYR A 1 91  ? -4.859  1.809   12.263  1.00 16.06  ? 118 TYR A CD2 1 
ATOM   691  C CE1 . TYR A 1 91  ? -2.359  2.369   11.302  1.00 16.21  ? 118 TYR A CE1 1 
ATOM   692  C CE2 . TYR A 1 91  ? -3.790  1.032   12.650  1.00 17.47  ? 118 TYR A CE2 1 
ATOM   693  C CZ  . TYR A 1 91  ? -2.546  1.326   12.171  1.00 17.85  ? 118 TYR A CZ  1 
ATOM   694  O OH  . TYR A 1 91  ? -1.485  0.571   12.569  1.00 22.34  ? 118 TYR A OH  1 
ATOM   695  N N   . TYR A 1 92  ? -4.951  6.706   10.749  1.00 13.67  ? 119 TYR A N   1 
ATOM   696  C CA  . TYR A 1 92  ? -3.849  7.653   10.663  1.00 13.53  ? 119 TYR A CA  1 
ATOM   697  C C   . TYR A 1 92  ? -4.155  8.937   11.404  1.00 13.44  ? 119 TYR A C   1 
ATOM   698  O O   . TYR A 1 92  ? -5.278  9.446   11.376  1.00 14.13  ? 119 TYR A O   1 
ATOM   699  C CB  . TYR A 1 92  ? -3.556  8.045   9.222   1.00 13.37  ? 119 TYR A CB  1 
ATOM   700  C CG  . TYR A 1 92  ? -3.262  6.899   8.306   1.00 13.01  ? 119 TYR A CG  1 
ATOM   701  C CD1 . TYR A 1 92  ? -2.119  6.133   8.491   1.00 13.15  ? 119 TYR A CD1 1 
ATOM   702  C CD2 . TYR A 1 92  ? -4.083  6.617   7.202   1.00 13.15  ? 119 TYR A CD2 1 
ATOM   703  C CE1 . TYR A 1 92  ? -1.799  5.092   7.636   1.00 12.92  ? 119 TYR A CE1 1 
ATOM   704  C CE2 . TYR A 1 92  ? -3.774  5.567   6.338   1.00 12.90  ? 119 TYR A CE2 1 
ATOM   705  C CZ  . TYR A 1 92  ? -2.632  4.805   6.555   1.00 13.83  ? 119 TYR A CZ  1 
ATOM   706  O OH  . TYR A 1 92  ? -2.325  3.769   5.717   1.00 14.07  ? 119 TYR A OH  1 
ATOM   707  N N   . TRP A 1 93  ? -3.118  9.437   12.047  1.00 15.23  ? 120 TRP A N   1 
ATOM   708  C CA  . TRP A 1 93  ? -3.172  10.719  12.773  1.00 15.77  ? 120 TRP A CA  1 
ATOM   709  C C   . TRP A 1 93  ? -3.011  11.891  11.846  1.00 15.72  ? 120 TRP A C   1 
ATOM   710  O O   . TRP A 1 93  ? -3.539  12.975  12.100  1.00 15.93  ? 120 TRP A O   1 
ATOM   711  C CB  . TRP A 1 93  ? -2.055  10.784  13.773  1.00 15.81  ? 120 TRP A CB  1 
ATOM   712  C CG  . TRP A 1 93  ? -2.264  9.904   14.947  1.00 16.59  ? 120 TRP A CG  1 
ATOM   713  C CD1 . TRP A 1 93  ? -1.775  8.643   15.139  1.00 17.28  ? 120 TRP A CD1 1 
ATOM   714  C CD2 . TRP A 1 93  ? -2.998  10.235  16.124  1.00 17.28  ? 120 TRP A CD2 1 
ATOM   715  N NE1 . TRP A 1 93  ? -2.171  8.169   16.376  1.00 17.00  ? 120 TRP A NE1 1 
ATOM   716  C CE2 . TRP A 1 93  ? -2.911  9.134   16.993  1.00 17.39  ? 120 TRP A CE2 1 
ATOM   717  C CE3 . TRP A 1 93  ? -3.738  11.358  16.526  1.00 18.33  ? 120 TRP A CE3 1 
ATOM   718  C CZ2 . TRP A 1 93  ? -3.532  9.114   18.227  1.00 17.74  ? 120 TRP A CZ2 1 
ATOM   719  C CZ3 . TRP A 1 93  ? -4.343  11.334  17.770  1.00 19.25  ? 120 TRP A CZ3 1 
ATOM   720  C CH2 . TRP A 1 93  ? -4.245  10.210  18.595  1.00 18.09  ? 120 TRP A CH2 1 
ATOM   721  N N   . ASN A 1 94  ? -2.300  11.668  10.739  1.00 15.33  ? 121 ASN A N   1 
ATOM   722  C CA  . ASN A 1 94  ? -1.980  12.766  9.836   1.00 15.71  ? 121 ASN A CA  1 
ATOM   723  C C   . ASN A 1 94  ? -1.675  12.230  8.462   1.00 15.56  ? 121 ASN A C   1 
ATOM   724  O O   . ASN A 1 94  ? -1.539  10.995  8.263   1.00 15.65  ? 121 ASN A O   1 
ATOM   725  C CB  . ASN A 1 94  ? -0.813  13.609  10.374  1.00 16.60  ? 121 ASN A CB  1 
ATOM   726  C CG  . ASN A 1 94  ? 0.455   12.813  10.633  1.00 18.03  ? 121 ASN A CG  1 
ATOM   727  O OD1 . ASN A 1 94  ? 0.949   12.102  9.766   1.00 19.16  ? 121 ASN A OD1 1 
ATOM   728  N ND2 . ASN A 1 94  ? 0.998   12.947  11.856  1.00 19.49  ? 121 ASN A ND2 1 
ATOM   729  N N   . ALA A 1 95  ? -1.579  13.153  7.520   1.00 16.77  ? 122 ALA A N   1 
ATOM   730  C CA  . ALA A 1 95  ? -1.284  12.784  6.126   1.00 15.99  ? 122 ALA A CA  1 
ATOM   731  C C   . ALA A 1 95  ? 0.062   12.071  5.991   1.00 16.07  ? 122 ALA A C   1 
ATOM   732  O O   . ALA A 1 95  ? 0.194   11.179  5.164   1.00 14.33  ? 122 ALA A O   1 
ATOM   733  C CB  . ALA A 1 95  ? -1.359  14.015  5.225   1.00 17.09  ? 122 ALA A CB  1 
ATOM   734  N N   . GLN A 1 96  ? 1.053   12.471  6.778   1.00 15.84  ? 123 GLN A N   1 
ATOM   735  C CA  . GLN A 1 96  ? 2.393   11.893  6.675   1.00 18.12  ? 123 GLN A CA  1 
ATOM   736  C C   . GLN A 1 96  ? 2.388   10.402  6.935   1.00 16.98  ? 123 GLN A C   1 
ATOM   737  O O   . GLN A 1 96  ? 3.063   9.670   6.241   1.00 15.12  ? 123 GLN A O   1 
ATOM   738  C CB  . GLN A 1 96  ? 3.413   12.581  7.592   1.00 21.95  ? 123 GLN A CB  1 
ATOM   739  C CG  . GLN A 1 96  ? 4.273   13.627  6.915   1.00 29.10  ? 123 GLN A CG  1 
ATOM   740  C CD  . GLN A 1 96  ? 5.072   13.079  5.725   1.00 33.80  ? 123 GLN A CD  1 
ATOM   741  O OE1 . GLN A 1 96  ? 5.453   11.891  5.686   1.00 37.94  ? 123 GLN A OE1 1 
ATOM   742  N NE2 . GLN A 1 96  ? 5.314   13.945  4.738   1.00 39.29  ? 123 GLN A NE2 1 
ATOM   743  N N   . GLU A 1 97  ? 1.605   9.954   7.913   1.00 14.89  ? 124 GLU A N   1 
ATOM   744  C CA  . GLU A 1 97  ? 1.554   8.534   8.184   1.00 14.83  ? 124 GLU A CA  1 
ATOM   745  C C   . GLU A 1 97  ? 1.012   7.756   7.000   1.00 14.33  ? 124 GLU A C   1 
ATOM   746  O O   . GLU A 1 97  ? 1.442   6.617   6.730   1.00 14.73  ? 124 GLU A O   1 
ATOM   747  C CB  . GLU A 1 97  ? 0.698   8.212   9.402   1.00 15.85  ? 124 GLU A CB  1 
ATOM   748  C CG  . GLU A 1 97  ? 1.310   8.642   10.692  1.00 17.28  ? 124 GLU A CG  1 
ATOM   749  C CD  . GLU A 1 97  ? 0.522   8.125   11.864  1.00 17.94  ? 124 GLU A CD  1 
ATOM   750  O OE1 . GLU A 1 97  ? -0.729  8.184   11.856  1.00 18.42  ? 124 GLU A OE1 1 
ATOM   751  O OE2 . GLU A 1 97  ? 1.165   7.649   12.779  1.00 21.54  ? 124 GLU A OE2 1 
ATOM   752  N N   . CYS A 1 98  ? 0.016   8.336   6.344   1.00 13.94  ? 125 CYS A N   1 
ATOM   753  C CA  . CYS A 1 98  ? -0.594  7.713   5.178   1.00 13.43  ? 125 CYS A CA  1 
ATOM   754  C C   . CYS A 1 98  ? 0.414   7.666   4.034   1.00 12.95  ? 125 CYS A C   1 
ATOM   755  O O   . CYS A 1 98  ? 0.631   6.619   3.407   1.00 11.65  ? 125 CYS A O   1 
ATOM   756  C CB  . CYS A 1 98  ? -1.874  8.459   4.773   1.00 13.61  ? 125 CYS A CB  1 
ATOM   757  S SG  . CYS A 1 98  ? -2.607  7.793   3.282   1.00 14.13  ? 125 CYS A SG  1 
ATOM   758  N N   . ILE A 1 99  ? 1.068   8.805   3.787   1.00 13.67  ? 126 ILE A N   1 
ATOM   759  C CA  . ILE A 1 99  ? 2.111   8.859   2.766   1.00 13.32  ? 126 ILE A CA  1 
ATOM   760  C C   . ILE A 1 99  ? 3.221   7.821   3.021   1.00 13.62  ? 126 ILE A C   1 
ATOM   761  O O   . ILE A 1 99  ? 3.689   7.136   2.088   1.00 13.35  ? 126 ILE A O   1 
ATOM   762  C CB  . ILE A 1 99  ? 2.676   10.295  2.667   1.00 14.34  ? 126 ILE A CB  1 
ATOM   763  C CG1 . ILE A 1 99  ? 1.591   11.212  2.097   1.00 14.18  ? 126 ILE A CG1 1 
ATOM   764  C CG2 . ILE A 1 99  ? 4.000   10.321  1.914   1.00 14.93  ? 126 ILE A CG2 1 
ATOM   765  C CD1 . ILE A 1 99  ? 1.839   12.679  2.368   1.00 14.88  ? 126 ILE A CD1 1 
ATOM   766  N N   . GLN A 1 100 ? 3.592   7.652   4.280   1.00 13.79  ? 127 GLN A N   1 
ATOM   767  C CA  . GLN A 1 100 ? 4.606   6.677   4.666   1.00 15.54  ? 127 GLN A CA  1 
ATOM   768  C C   . GLN A 1 100 ? 4.187   5.247   4.274   1.00 14.85  ? 127 GLN A C   1 
ATOM   769  O O   . GLN A 1 100 ? 4.995   4.464   3.815   1.00 14.36  ? 127 GLN A O   1 
ATOM   770  C CB  . GLN A 1 100 ? 4.854   6.786   6.166   1.00 19.23  ? 127 GLN A CB  1 
ATOM   771  C CG  . GLN A 1 100 ? 5.905   5.869   6.750   1.00 25.62  ? 127 GLN A CG  1 
ATOM   772  C CD  . GLN A 1 100 ? 5.765   5.831   8.260   1.00 31.37  ? 127 GLN A CD  1 
ATOM   773  O OE1 . GLN A 1 100 ? 5.528   6.873   8.909   1.00 39.15  ? 127 GLN A OE1 1 
ATOM   774  N NE2 . GLN A 1 100 ? 5.851   4.630   8.826   1.00 36.79  ? 127 GLN A NE2 1 
ATOM   775  N N   . ASP A 1 101 ? 2.918   4.920   4.467   1.00 13.97  ? 128 ASP A N   1 
ATOM   776  C CA  . ASP A 1 101 ? 2.409   3.613   4.051   1.00 12.43  ? 128 ASP A CA  1 
ATOM   777  C C   . ASP A 1 101 ? 2.448   3.436   2.542   1.00 11.97  ? 128 ASP A C   1 
ATOM   778  O O   . ASP A 1 101 ? 2.751   2.369   2.077   1.00 12.53  ? 128 ASP A O   1 
ATOM   779  C CB  . ASP A 1 101 ? 0.986   3.377   4.582   1.00 13.05  ? 128 ASP A CB  1 
ATOM   780  C CG  . ASP A 1 101 ? 0.939   2.798   6.003   1.00 13.87  ? 128 ASP A CG  1 
ATOM   781  O OD1 . ASP A 1 101 ? 1.985   2.503   6.633   1.00 15.04  ? 128 ASP A OD1 1 
ATOM   782  O OD2 . ASP A 1 101 ? -0.204  2.615   6.479   1.00 13.59  ? 128 ASP A OD2 1 
ATOM   783  N N   . PHE A 1 102 ? 2.162   4.478   1.767   1.00 11.79  ? 129 PHE A N   1 
ATOM   784  C CA  . PHE A 1 102 ? 2.313   4.376   0.305   1.00 12.23  ? 129 PHE A CA  1 
ATOM   785  C C   . PHE A 1 102 ? 3.776   4.129   -0.054  1.00 12.67  ? 129 PHE A C   1 
ATOM   786  O O   . PHE A 1 102 ? 4.067   3.299   -0.902  1.00 12.28  ? 129 PHE A O   1 
ATOM   787  C CB  . PHE A 1 102 ? 1.810   5.641   -0.392  1.00 12.91  ? 129 PHE A CB  1 
ATOM   788  C CG  . PHE A 1 102 ? 0.341   5.629   -0.736  1.00 13.40  ? 129 PHE A CG  1 
ATOM   789  C CD1 . PHE A 1 102 ? -0.106  4.982   -1.880  1.00 13.84  ? 129 PHE A CD1 1 
ATOM   790  C CD2 . PHE A 1 102 ? -0.599  6.270   0.092   1.00 14.56  ? 129 PHE A CD2 1 
ATOM   791  C CE1 . PHE A 1 102 ? -1.457  4.998   -2.211  1.00 14.91  ? 129 PHE A CE1 1 
ATOM   792  C CE2 . PHE A 1 102 ? -1.967  6.264   -0.236  1.00 14.15  ? 129 PHE A CE2 1 
ATOM   793  C CZ  . PHE A 1 102 ? -2.381  5.625   -1.396  1.00 14.95  ? 129 PHE A CZ  1 
ATOM   794  N N   . ASN A 1 103 ? 4.674   4.878   0.583   1.00 12.52  ? 130 ASN A N   1 
ATOM   795  C CA  . ASN A 1 103 ? 6.103   4.700   0.389   1.00 13.47  ? 130 ASN A CA  1 
ATOM   796  C C   . ASN A 1 103 ? 6.529   3.280   0.714   1.00 12.97  ? 130 ASN A C   1 
ATOM   797  O O   . ASN A 1 103 ? 7.281   2.694   -0.054  1.00 12.58  ? 130 ASN A O   1 
ATOM   798  C CB  . ASN A 1 103 ? 6.922   5.716   1.187   1.00 14.98  ? 130 ASN A CB  1 
ATOM   799  C CG  . ASN A 1 103 ? 8.408   5.570   0.953   1.00 18.05  ? 130 ASN A CG  1 
ATOM   800  O OD1 . ASN A 1 103 ? 8.939   5.997   -0.087  1.00 21.39  ? 130 ASN A OD1 1 
ATOM   801  N ND2 . ASN A 1 103 ? 9.079   4.899   1.877   1.00 19.15  ? 130 ASN A ND2 1 
ATOM   802  N N   . THR A 1 104 ? 6.025   2.702   1.799   1.00 12.86  ? 131 THR A N   1 
ATOM   803  C CA  . THR A 1 104 ? 6.336   1.322   2.172   1.00 12.93  ? 131 THR A CA  1 
ATOM   804  C C   . THR A 1 104 ? 5.861   0.363   1.090   1.00 13.00  ? 131 THR A C   1 
ATOM   805  O O   . THR A 1 104 ? 6.577   -0.527  0.692   1.00 12.78  ? 131 THR A O   1 
ATOM   806  C CB  . THR A 1 104 ? 5.716   0.979   3.534   1.00 14.01  ? 131 THR A CB  1 
ATOM   807  O OG1 . THR A 1 104 ? 6.385   1.747   4.546   1.00 15.21  ? 131 THR A OG1 1 
ATOM   808  C CG2 . THR A 1 104 ? 5.795   -0.493  3.836   1.00 14.09  ? 131 THR A CG2 1 
ATOM   809  N N   . MET A 1 105 ? 4.654   0.565   0.598   1.00 12.57  ? 132 MET A N   1 
ATOM   810  C CA  . MET A 1 105 ? 4.133   -0.239  -0.504  1.00 11.34  ? 132 MET A CA  1 
ATOM   811  C C   . MET A 1 105 ? 5.014   -0.209  -1.740  1.00 11.43  ? 132 MET A C   1 
ATOM   812  O O   . MET A 1 105 ? 5.340   -1.252  -2.302  1.00 11.31  ? 132 MET A O   1 
ATOM   813  C CB  . MET A 1 105 ? 2.698   0.216   -0.870  1.00 11.49  ? 132 MET A CB  1 
ATOM   814  C CG  . MET A 1 105 ? 2.087   -0.596  -2.007  1.00 12.07  ? 132 MET A CG  1 
ATOM   815  S SD  . MET A 1 105 ? 0.432   -0.015  -2.385  1.00 12.50  ? 132 MET A SD  1 
ATOM   816  C CE  . MET A 1 105 ? 0.816   1.565   -3.133  1.00 14.14  ? 132 MET A CE  1 
ATOM   817  N N   . PHE A 1 106 ? 5.397   1.000   -2.175  1.00 11.55  ? 133 PHE A N   1 
ATOM   818  C CA  . PHE A 1 106 ? 6.198   1.088   -3.399  1.00 11.50  ? 133 PHE A CA  1 
ATOM   819  C C   . PHE A 1 106 ? 7.585   0.485   -3.194  1.00 11.49  ? 133 PHE A C   1 
ATOM   820  O O   . PHE A 1 106 ? 8.067   -0.267  -4.053  1.00 12.64  ? 133 PHE A O   1 
ATOM   821  C CB  . PHE A 1 106 ? 6.308   2.527   -3.935  1.00 11.76  ? 133 PHE A CB  1 
ATOM   822  C CG  . PHE A 1 106 ? 4.989   3.129   -4.315  1.00 12.49  ? 133 PHE A CG  1 
ATOM   823  C CD1 . PHE A 1 106 ? 4.166   2.507   -5.227  1.00 12.36  ? 133 PHE A CD1 1 
ATOM   824  C CD2 . PHE A 1 106 ? 4.606   4.343   -3.781  1.00 12.59  ? 133 PHE A CD2 1 
ATOM   825  C CE1 . PHE A 1 106 ? 2.943   3.074   -5.570  1.00 13.15  ? 133 PHE A CE1 1 
ATOM   826  C CE2 . PHE A 1 106 ? 3.397   4.895   -4.104  1.00 13.37  ? 133 PHE A CE2 1 
ATOM   827  C CZ  . PHE A 1 106 ? 2.574   4.260   -4.983  1.00 13.24  ? 133 PHE A CZ  1 
ATOM   828  N N   . THR A 1 107 ? 8.206   0.835   -2.079  1.00 12.38  ? 134 THR A N   1 
ATOM   829  C CA  . THR A 1 107 ? 9.585   0.409   -1.826  1.00 12.30  ? 134 THR A CA  1 
ATOM   830  C C   . THR A 1 107 ? 9.611   -1.094  -1.599  1.00 11.87  ? 134 THR A C   1 
ATOM   831  O O   . THR A 1 107 ? 10.585  -1.738  -1.986  1.00 11.35  ? 134 THR A O   1 
ATOM   832  C CB  . THR A 1 107 ? 10.280  1.154   -0.670  1.00 12.62  ? 134 THR A CB  1 
ATOM   833  O OG1 . THR A 1 107 ? 9.550   1.026   0.537   1.00 14.62  ? 134 THR A OG1 1 
ATOM   834  C CG2 . THR A 1 107 ? 10.444  2.599   -1.004  1.00 13.16  ? 134 THR A CG2 1 
ATOM   835  N N   . ASN A 1 108 ? 8.565   -1.676  -1.017  1.00 11.63  ? 135 ASN A N   1 
ATOM   836  C CA  . ASN A 1 108 ? 8.514   -3.144  -0.904  1.00 11.53  ? 135 ASN A CA  1 
ATOM   837  C C   . ASN A 1 108 ? 8.641   -3.777  -2.284  1.00 11.68  ? 135 ASN A C   1 
ATOM   838  O O   . ASN A 1 108 ? 9.302   -4.770  -2.459  1.00 11.88  ? 135 ASN A O   1 
ATOM   839  C CB  . ASN A 1 108 ? 7.200   -3.644  -0.267  1.00 11.94  ? 135 ASN A CB  1 
ATOM   840  C CG  . ASN A 1 108 ? 7.143   -3.439  1.226   1.00 13.26  ? 135 ASN A CG  1 
ATOM   841  O OD1 . ASN A 1 108 ? 8.152   -3.148  1.876   1.00 13.95  ? 135 ASN A OD1 1 
ATOM   842  N ND2 . ASN A 1 108 ? 5.930   -3.555  1.780   1.00 13.54  ? 135 ASN A ND2 1 
ATOM   843  N N   . CYS A 1 109 ? 7.949   -3.216  -3.254  1.00 11.60  ? 136 CYS A N   1 
ATOM   844  C CA  . CYS A 1 109 ? 7.990   -3.711  -4.600  1.00 11.52  ? 136 CYS A CA  1 
ATOM   845  C C   . CYS A 1 109 ? 9.417   -3.651  -5.166  1.00 11.82  ? 136 CYS A C   1 
ATOM   846  O O   . CYS A 1 109 ? 9.894   -4.627  -5.785  1.00 12.58  ? 136 CYS A O   1 
ATOM   847  C CB  . CYS A 1 109 ? 7.009   -2.949  -5.477  1.00 11.85  ? 136 CYS A CB  1 
ATOM   848  S SG  . CYS A 1 109 ? 6.847   -3.616  -7.122  1.00 13.17  ? 136 CYS A SG  1 
ATOM   849  N N   . TYR A 1 110 ? 10.077  -2.526  -4.915  1.00 11.74  ? 137 TYR A N   1 
ATOM   850  C CA  . TYR A 1 110 ? 11.447  -2.322  -5.386  1.00 12.00  ? 137 TYR A CA  1 
ATOM   851  C C   . TYR A 1 110 ? 12.425  -3.271  -4.682  1.00 12.77  ? 137 TYR A C   1 
ATOM   852  O O   . TYR A 1 110 ? 13.393  -3.707  -5.301  1.00 13.35  ? 137 TYR A O   1 
ATOM   853  C CB  . TYR A 1 110 ? 11.899  -0.878  -5.239  1.00 11.90  ? 137 TYR A CB  1 
ATOM   854  C CG  . TYR A 1 110 ? 10.951  0.145   -5.774  1.00 12.46  ? 137 TYR A CG  1 
ATOM   855  C CD1 . TYR A 1 110 ? 10.158  -0.134  -6.889  1.00 12.76  ? 137 TYR A CD1 1 
ATOM   856  C CD2 . TYR A 1 110 ? 10.927  1.426   -5.244  1.00 12.27  ? 137 TYR A CD2 1 
ATOM   857  C CE1 . TYR A 1 110 ? 9.292   0.813   -7.422  1.00 13.38  ? 137 TYR A CE1 1 
ATOM   858  C CE2 . TYR A 1 110 ? 10.046  2.392   -5.760  1.00 13.16  ? 137 TYR A CE2 1 
ATOM   859  C CZ  . TYR A 1 110 ? 9.253   2.071   -6.865  1.00 13.18  ? 137 TYR A CZ  1 
ATOM   860  O OH  . TYR A 1 110 ? 8.387   2.992   -7.413  1.00 14.45  ? 137 TYR A OH  1 
ATOM   861  N N   . ILE A 1 111 ? 12.191  -3.533  -3.402  1.00 11.67  ? 138 ILE A N   1 
ATOM   862  C CA  . ILE A 1 111 ? 13.031  -4.419  -2.594  1.00 12.08  ? 138 ILE A CA  1 
ATOM   863  C C   . ILE A 1 111 ? 12.921  -5.843  -3.092  1.00 12.52  ? 138 ILE A C   1 
ATOM   864  O O   . ILE A 1 111 ? 13.955  -6.512  -3.280  1.00 12.12  ? 138 ILE A O   1 
ATOM   865  C CB  . ILE A 1 111 ? 12.660  -4.327  -1.097  1.00 12.48  ? 138 ILE A CB  1 
ATOM   866  C CG1 . ILE A 1 111 ? 13.120  -3.001  -0.511  1.00 12.33  ? 138 ILE A CG1 1 
ATOM   867  C CG2 . ILE A 1 111 ? 13.291  -5.458  -0.275  1.00 13.28  ? 138 ILE A CG2 1 
ATOM   868  C CD1 . ILE A 1 111 ? 12.516  -2.645  0.830   1.00 13.39  ? 138 ILE A CD1 1 
ATOM   869  N N   . TYR A 1 112 ? 11.686  -6.323  -3.263  1.00 13.10  ? 139 TYR A N   1 
ATOM   870  C CA  . TYR A 1 112 ? 11.485  -7.724  -3.589  1.00 13.40  ? 139 TYR A CA  1 
ATOM   871  C C   . TYR A 1 112 ? 11.931  -8.071  -5.000  1.00 14.91  ? 139 TYR A C   1 
ATOM   872  O O   . TYR A 1 112 ? 12.543  -9.135  -5.245  1.00 16.44  ? 139 TYR A O   1 
ATOM   873  C CB  . TYR A 1 112 ? 10.027  -8.166  -3.377  1.00 13.59  ? 139 TYR A CB  1 
ATOM   874  C CG  . TYR A 1 112 ? 9.868   -9.631  -3.630  1.00 14.23  ? 139 TYR A CG  1 
ATOM   875  C CD1 . TYR A 1 112 ? 10.358  -10.560 -2.728  1.00 15.09  ? 139 TYR A CD1 1 
ATOM   876  C CD2 . TYR A 1 112 ? 9.299   -10.088 -4.793  1.00 15.25  ? 139 TYR A CD2 1 
ATOM   877  C CE1 . TYR A 1 112 ? 10.277  -11.908 -2.990  1.00 16.36  ? 139 TYR A CE1 1 
ATOM   878  C CE2 . TYR A 1 112 ? 9.204   -11.445 -5.053  1.00 16.90  ? 139 TYR A CE2 1 
ATOM   879  C CZ  . TYR A 1 112 ? 9.701   -12.342 -4.143  1.00 17.82  ? 139 TYR A CZ  1 
ATOM   880  O OH  . TYR A 1 112 ? 9.614   -13.698 -4.407  1.00 20.96  ? 139 TYR A OH  1 
ATOM   881  N N   . ASN A 1 113 ? 11.640  -7.179  -5.931  1.00 15.35  ? 140 ASN A N   1 
ATOM   882  C CA  . ASN A 1 113 ? 11.734  -7.470  -7.356  1.00 16.35  ? 140 ASN A CA  1 
ATOM   883  C C   . ASN A 1 113 ? 12.999  -6.879  -7.936  1.00 17.79  ? 140 ASN A C   1 
ATOM   884  O O   . ASN A 1 113 ? 13.684  -6.133  -7.274  1.00 19.39  ? 140 ASN A O   1 
ATOM   885  C CB  . ASN A 1 113 ? 10.504  -6.915  -8.076  1.00 15.82  ? 140 ASN A CB  1 
ATOM   886  C CG  . ASN A 1 113 ? 9.236   -7.574  -7.590  1.00 15.37  ? 140 ASN A CG  1 
ATOM   887  O OD1 . ASN A 1 113 ? 9.021   -8.768  -7.867  1.00 16.89  ? 140 ASN A OD1 1 
ATOM   888  N ND2 . ASN A 1 113 ? 8.427   -6.854  -6.793  1.00 14.35  ? 140 ASN A ND2 1 
ATOM   889  N N   . LYS A 1 114 ? 13.294  -7.249  -9.174  1.00 21.42  ? 141 LYS A N   1 
ATOM   890  C CA  . LYS A 1 114 ? 14.488  -6.733  -9.849  1.00 23.17  ? 141 LYS A CA  1 
ATOM   891  C C   . LYS A 1 114 ? 14.147  -5.406  -10.567 1.00 20.05  ? 141 LYS A C   1 
ATOM   892  O O   . LYS A 1 114 ? 13.003  -5.232  -11.031 1.00 18.09  ? 141 LYS A O   1 
ATOM   893  C CB  . LYS A 1 114 ? 15.068  -7.785  -10.789 1.00 27.59  ? 141 LYS A CB  1 
ATOM   894  C CG  . LYS A 1 114 ? 15.768  -8.909  -10.011 1.00 32.75  ? 141 LYS A CG  1 
ATOM   895  C CD  . LYS A 1 114 ? 15.765  -10.238 -10.764 1.00 38.27  ? 141 LYS A CD  1 
ATOM   896  C CE  . LYS A 1 114 ? 16.706  -11.248 -10.104 1.00 40.82  ? 141 LYS A CE  1 
ATOM   897  N NZ  . LYS A 1 114 ? 18.155  -10.918 -10.339 1.00 42.78  ? 141 LYS A NZ  1 
ATOM   898  N N   . PRO A 1 115 ? 15.104  -4.467  -10.611 1.00 17.44  ? 142 PRO A N   1 
ATOM   899  C CA  . PRO A 1 115 ? 14.804  -3.163  -11.183 1.00 17.40  ? 142 PRO A CA  1 
ATOM   900  C C   . PRO A 1 115 ? 14.196  -3.157  -12.578 1.00 17.01  ? 142 PRO A C   1 
ATOM   901  O O   . PRO A 1 115 ? 13.427  -2.248  -12.871 1.00 15.89  ? 142 PRO A O   1 
ATOM   902  C CB  . PRO A 1 115 ? 16.159  -2.448  -11.165 1.00 18.10  ? 142 PRO A CB  1 
ATOM   903  C CG  . PRO A 1 115 ? 16.836  -3.026  -9.992  1.00 18.69  ? 142 PRO A CG  1 
ATOM   904  C CD  . PRO A 1 115 ? 16.411  -4.451  -9.930  1.00 17.66  ? 142 PRO A CD  1 
ATOM   905  N N   . GLY A 1 116 ? 14.519  -4.142  -13.418 1.00 16.53  ? 143 GLY A N   1 
ATOM   906  C CA  . GLY A 1 116 ? 13.983  -4.207  -14.775 1.00 16.59  ? 143 GLY A CA  1 
ATOM   907  C C   . GLY A 1 116 ? 12.632  -4.904  -14.935 1.00 15.74  ? 143 GLY A C   1 
ATOM   908  O O   . GLY A 1 116 ? 12.137  -5.036  -16.059 1.00 14.37  ? 143 GLY A O   1 
ATOM   909  N N   . ASP A 1 117 ? 12.035  -5.328  -13.815 1.00 15.48  ? 144 ASP A N   1 
ATOM   910  C CA  . ASP A 1 117 ? 10.799  -6.103  -13.859 1.00 15.55  ? 144 ASP A CA  1 
ATOM   911  C C   . ASP A 1 117 ? 9.570   -5.270  -14.238 1.00 15.62  ? 144 ASP A C   1 
ATOM   912  O O   . ASP A 1 117 ? 9.462   -4.059  -13.926 1.00 14.40  ? 144 ASP A O   1 
ATOM   913  C CB  . ASP A 1 117 ? 10.532  -6.834  -12.506 1.00 16.94  ? 144 ASP A CB  1 
ATOM   914  C CG  . ASP A 1 117 ? 11.479  -8.031  -12.249 1.00 18.90  ? 144 ASP A CG  1 
ATOM   915  O OD1 . ASP A 1 117 ? 12.098  -8.555  -13.211 1.00 20.11  ? 144 ASP A OD1 1 
ATOM   916  O OD2 . ASP A 1 117 ? 11.565  -8.462  -11.055 1.00 20.00  ? 144 ASP A OD2 1 
ATOM   917  N N   . ASP A 1 118 ? 8.632   -5.916  -14.913 1.00 14.96  ? 145 ASP A N   1 
ATOM   918  C CA  . ASP A 1 118 ? 7.346   -5.303  -15.260 1.00 15.26  ? 145 ASP A CA  1 
ATOM   919  C C   . ASP A 1 118 ? 6.634   -4.698  -14.022 1.00 13.81  ? 145 ASP A C   1 
ATOM   920  O O   . ASP A 1 118 ? 6.177   -3.568  -14.042 1.00 12.53  ? 145 ASP A O   1 
ATOM   921  C CB  . ASP A 1 118 ? 6.418   -6.314  -15.947 1.00 17.06  ? 145 ASP A CB  1 
ATOM   922  C CG  . ASP A 1 118 ? 6.907   -6.743  -17.349 1.00 17.93  ? 145 ASP A CG  1 
ATOM   923  O OD1 . ASP A 1 118 ? 7.833   -6.118  -17.920 1.00 17.94  ? 145 ASP A OD1 1 
ATOM   924  O OD2 . ASP A 1 118 ? 6.351   -7.742  -17.847 1.00 21.26  ? 145 ASP A OD2 1 
ATOM   925  N N   . ILE A 1 119 ? 6.569   -5.457  -12.937 1.00 13.44  ? 146 ILE A N   1 
ATOM   926  C CA  . ILE A 1 119 ? 5.874   -5.000  -11.740 1.00 13.01  ? 146 ILE A CA  1 
ATOM   927  C C   . ILE A 1 119 ? 6.538   -3.731  -11.180 1.00 12.81  ? 146 ILE A C   1 
ATOM   928  O O   . ILE A 1 119 ? 5.865   -2.889  -10.617 1.00 11.98  ? 146 ILE A O   1 
ATOM   929  C CB  . ILE A 1 119 ? 5.770   -6.127  -10.686 1.00 13.62  ? 146 ILE A CB  1 
ATOM   930  C CG1 . ILE A 1 119 ? 4.810   -5.797  -9.537  1.00 13.66  ? 146 ILE A CG1 1 
ATOM   931  C CG2 . ILE A 1 119 ? 7.120   -6.422  -10.065 1.00 13.79  ? 146 ILE A CG2 1 
ATOM   932  C CD1 . ILE A 1 119 ? 3.363   -5.884  -9.872  1.00 14.41  ? 146 ILE A CD1 1 
ATOM   933  N N   . VAL A 1 120 ? 7.860   -3.600  -11.354 1.00 10.94  ? 147 VAL A N   1 
ATOM   934  C CA  . VAL A 1 120 ? 8.570   -2.395  -10.939 1.00 11.54  ? 147 VAL A CA  1 
ATOM   935  C C   . VAL A 1 120 ? 8.216   -1.212  -11.807 1.00 11.59  ? 147 VAL A C   1 
ATOM   936  O O   . VAL A 1 120 ? 8.055   -0.133  -11.276 1.00 12.08  ? 147 VAL A O   1 
ATOM   937  C CB  . VAL A 1 120 ? 10.102  -2.628  -10.861 1.00 11.82  ? 147 VAL A CB  1 
ATOM   938  C CG1 . VAL A 1 120 ? 10.851  -1.325  -10.598 1.00 12.23  ? 147 VAL A CG1 1 
ATOM   939  C CG2 . VAL A 1 120 ? 10.420  -3.651  -9.763  1.00 13.03  ? 147 VAL A CG2 1 
ATOM   940  N N   . LEU A 1 121 ? 8.128   -1.389  -13.124 1.00 12.07  ? 148 LEU A N   1 
ATOM   941  C CA  . LEU A 1 121 ? 7.639   -0.298  -13.971 1.00 12.32  ? 148 LEU A CA  1 
ATOM   942  C C   . LEU A 1 121 ? 6.266   0.210   -13.527 1.00 11.81  ? 148 LEU A C   1 
ATOM   943  O O   . LEU A 1 121 ? 6.045   1.428   -13.410 1.00 11.82  ? 148 LEU A O   1 
ATOM   944  C CB  . LEU A 1 121 ? 7.591   -0.697  -15.451 1.00 13.39  ? 148 LEU A CB  1 
ATOM   945  C CG  . LEU A 1 121 ? 6.937   0.287   -16.454 1.00 15.69  ? 148 LEU A CG  1 
ATOM   946  C CD1 . LEU A 1 121 ? 5.427   0.251   -16.559 1.00 16.14  ? 148 LEU A CD1 1 
ATOM   947  C CD2 . LEU A 1 121 ? 7.338   1.713   -16.275 1.00 17.84  ? 148 LEU A CD2 1 
ATOM   948  N N   . MET A 1 122 ? 5.387   -0.740  -13.201 1.00 12.05  ? 149 MET A N   1 
ATOM   949  C CA  . MET A 1 122 ? 4.038   -0.425  -12.738 1.00 12.36  ? 149 MET A CA  1 
ATOM   950  C C   . MET A 1 122 ? 4.089   0.388   -11.456 1.00 12.11  ? 149 MET A C   1 
ATOM   951  O O   . MET A 1 122 ? 3.414   1.433   -11.328 1.00 12.00  ? 149 MET A O   1 
ATOM   952  C CB  . MET A 1 122 ? 3.239   -1.708  -12.550 1.00 12.47  ? 149 MET A CB  1 
ATOM   953  C CG  . MET A 1 122 ? 2.936   -2.391  -13.863 1.00 12.77  ? 149 MET A CG  1 
ATOM   954  S SD  . MET A 1 122 ? 2.229   -4.031  -13.716 1.00 13.76  ? 149 MET A SD  1 
ATOM   955  C CE  . MET A 1 122 ? 0.478   -3.677  -13.599 1.00 13.29  ? 149 MET A CE  1 
ATOM   956  N N   . ALA A 1 123 ? 4.898   -0.047  -10.514 1.00 12.21  ? 150 ALA A N   1 
ATOM   957  C CA  . ALA A 1 123 ? 5.007   0.603   -9.215  1.00 12.22  ? 150 ALA A CA  1 
ATOM   958  C C   . ALA A 1 123 ? 5.563   2.001   -9.378  1.00 11.97  ? 150 ALA A C   1 
ATOM   959  O O   . ALA A 1 123 ? 5.072   2.924   -8.775  1.00 12.83  ? 150 ALA A O   1 
ATOM   960  C CB  . ALA A 1 123 ? 5.872   -0.201  -8.278  1.00 12.53  ? 150 ALA A CB  1 
ATOM   961  N N   . GLU A 1 124 ? 6.583   2.123   -10.223 1.00 12.34  ? 151 GLU A N   1 
ATOM   962  C CA  . GLU A 1 124 ? 7.163   3.447   -10.501 1.00 12.92  ? 151 GLU A CA  1 
ATOM   963  C C   . GLU A 1 124 ? 6.137   4.428   -11.129 1.00 13.39  ? 151 GLU A C   1 
ATOM   964  O O   . GLU A 1 124 ? 6.136   5.583   -10.784 1.00 13.69  ? 151 GLU A O   1 
ATOM   965  C CB  . GLU A 1 124 ? 8.387   3.305   -11.413 1.00 12.95  ? 151 GLU A CB  1 
ATOM   966  C CG  . GLU A 1 124 ? 9.631   2.749   -10.729 1.00 13.22  ? 151 GLU A CG  1 
ATOM   967  C CD  . GLU A 1 124 ? 10.783  2.573   -11.682 1.00 14.12  ? 151 GLU A CD  1 
ATOM   968  O OE1 . GLU A 1 124 ? 10.675  2.937   -12.882 1.00 14.93  ? 151 GLU A OE1 1 
ATOM   969  O OE2 . GLU A 1 124 ? 11.817  2.107   -11.205 1.00 14.02  ? 151 GLU A OE2 1 
ATOM   970  N N   . ALA A 1 125 ? 5.284   3.934   -12.023 1.00 13.66  ? 152 ALA A N   1 
ATOM   971  C CA  . ALA A 1 125 ? 4.250   4.793   -12.636 1.00 14.03  ? 152 ALA A CA  1 
ATOM   972  C C   . ALA A 1 125 ? 3.245   5.241   -11.621 1.00 14.28  ? 152 ALA A C   1 
ATOM   973  O O   . ALA A 1 125 ? 2.828   6.380   -11.634 1.00 13.53  ? 152 ALA A O   1 
ATOM   974  C CB  . ALA A 1 125 ? 3.541   4.068   -13.753 1.00 14.09  ? 152 ALA A CB  1 
ATOM   975  N N   . LEU A 1 126 ? 2.856   4.328   -10.734 1.00 14.44  ? 153 LEU A N   1 
ATOM   976  C CA  . LEU A 1 126 ? 1.939   4.678   -9.632  1.00 14.75  ? 153 LEU A CA  1 
ATOM   977  C C   . LEU A 1 126 ? 2.546   5.647   -8.642  1.00 15.01  ? 153 LEU A C   1 
ATOM   978  O O   . LEU A 1 126 ? 1.864   6.533   -8.146  1.00 15.00  ? 153 LEU A O   1 
ATOM   979  C CB  . LEU A 1 126 ? 1.495   3.421   -8.895  1.00 15.89  ? 153 LEU A CB  1 
ATOM   980  C CG  . LEU A 1 126 ? 0.589   2.504   -9.668  1.00 16.50  ? 153 LEU A CG  1 
ATOM   981  C CD1 . LEU A 1 126 ? 0.506   1.171   -8.920  1.00 16.50  ? 153 LEU A CD1 1 
ATOM   982  C CD2 . LEU A 1 126 ? -0.783  3.133   -9.877  1.00 17.27  ? 153 LEU A CD2 1 
ATOM   983  N N   . GLU A 1 127 ? 3.815   5.445   -8.314  1.00 13.84  ? 154 GLU A N   1 
ATOM   984  C CA  . GLU A 1 127 ? 4.501   6.292   -7.401  1.00 13.83  ? 154 GLU A CA  1 
ATOM   985  C C   . GLU A 1 127 ? 4.612   7.710   -7.921  1.00 14.00  ? 154 GLU A C   1 
ATOM   986  O O   . GLU A 1 127 ? 4.434   8.659   -7.158  1.00 14.05  ? 154 GLU A O   1 
ATOM   987  C CB  . GLU A 1 127 ? 5.889   5.730   -7.096  1.00 14.60  ? 154 GLU A CB  1 
ATOM   988  C CG  . GLU A 1 127 ? 6.594   6.541   -6.027  1.00 15.36  ? 154 GLU A CG  1 
ATOM   989  C CD  . GLU A 1 127 ? 7.935   5.961   -5.665  1.00 16.87  ? 154 GLU A CD  1 
ATOM   990  O OE1 . GLU A 1 127 ? 8.646   5.514   -6.590  1.00 17.31  ? 154 GLU A OE1 1 
ATOM   991  O OE2 . GLU A 1 127 ? 8.263   5.975   -4.473  1.00 18.98  ? 154 GLU A OE2 1 
ATOM   992  N N   . LYS A 1 128 ? 4.942   7.844   -9.202  1.00 15.56  ? 155 LYS A N   1 
ATOM   993  C CA  . LYS A 1 128 ? 5.009   9.158   -9.838  1.00 17.26  ? 155 LYS A CA  1 
ATOM   994  C C   . LYS A 1 128 ? 3.657   9.881   -9.779  1.00 16.67  ? 155 LYS A C   1 
ATOM   995  O O   . LYS A 1 128 ? 3.617   11.071  -9.462  1.00 15.84  ? 155 LYS A O   1 
ATOM   996  C CB  . LYS A 1 128 ? 5.498   9.019   -11.285 1.00 21.19  ? 155 LYS A CB  1 
ATOM   997  C CG  . LYS A 1 128 ? 5.802   10.360  -11.940 1.00 25.96  ? 155 LYS A CG  1 
ATOM   998  C CD  . LYS A 1 128 ? 6.565   10.185  -13.234 1.00 31.36  ? 155 LYS A CD  1 
ATOM   999  C CE  . LYS A 1 128 ? 6.670   11.520  -13.970 1.00 36.76  ? 155 LYS A CE  1 
ATOM   1000 N NZ  . LYS A 1 128 ? 5.420   11.834  -14.735 1.00 39.74  ? 155 LYS A NZ  1 
ATOM   1001 N N   . LEU A 1 129 ? 2.577   9.178   -10.073 1.00 14.86  ? 156 LEU A N   1 
ATOM   1002 C CA  . LEU A 1 129 ? 1.230   9.761   -9.980  1.00 14.77  ? 156 LEU A CA  1 
ATOM   1003 C C   . LEU A 1 129 ? 0.929   10.147  -8.543  1.00 14.18  ? 156 LEU A C   1 
ATOM   1004 O O   . LEU A 1 129 ? 0.383   11.221  -8.271  1.00 14.18  ? 156 LEU A O   1 
ATOM   1005 C CB  . LEU A 1 129 ? 0.183   8.802   -10.531 1.00 15.99  ? 156 LEU A CB  1 
ATOM   1006 C CG  . LEU A 1 129 ? -1.298  9.188   -10.411 1.00 17.01  ? 156 LEU A CG  1 
ATOM   1007 C CD1 . LEU A 1 129 ? -1.530  10.539  -11.063 1.00 17.89  ? 156 LEU A CD1 1 
ATOM   1008 C CD2 . LEU A 1 129 ? -2.117  8.107   -11.070 1.00 18.08  ? 156 LEU A CD2 1 
ATOM   1009 N N   . PHE A 1 130 ? 1.247   9.259   -7.605  1.00 13.44  ? 157 PHE A N   1 
ATOM   1010 C CA  . PHE A 1 130 ? 1.043   9.561   -6.196  1.00 13.47  ? 157 PHE A CA  1 
ATOM   1011 C C   . PHE A 1 130 ? 1.755   10.848  -5.741  1.00 15.17  ? 157 PHE A C   1 
ATOM   1012 O O   . PHE A 1 130 ? 1.177   11.681  -5.057  1.00 14.94  ? 157 PHE A O   1 
ATOM   1013 C CB  . PHE A 1 130 ? 1.474   8.357   -5.331  1.00 14.25  ? 157 PHE A CB  1 
ATOM   1014 C CG  . PHE A 1 130 ? 1.273   8.577   -3.863  1.00 15.35  ? 157 PHE A CG  1 
ATOM   1015 C CD1 . PHE A 1 130 ? -0.008  8.585   -3.330  1.00 15.36  ? 157 PHE A CD1 1 
ATOM   1016 C CD2 . PHE A 1 130 ? 2.355   8.770   -3.015  1.00 16.86  ? 157 PHE A CD2 1 
ATOM   1017 C CE1 . PHE A 1 130 ? -0.199  8.809   -1.974  1.00 16.66  ? 157 PHE A CE1 1 
ATOM   1018 C CE2 . PHE A 1 130 ? 2.165   8.987   -1.652  1.00 17.33  ? 157 PHE A CE2 1 
ATOM   1019 C CZ  . PHE A 1 130 ? 0.897   9.002   -1.144  1.00 17.40  ? 157 PHE A CZ  1 
ATOM   1020 N N   . LEU A 1 131 ? 3.002   11.012  -6.149  1.00 15.75  ? 158 LEU A N   1 
ATOM   1021 C CA  . LEU A 1 131 ? 3.770   12.185  -5.778  1.00 17.71  ? 158 LEU A CA  1 
ATOM   1022 C C   . LEU A 1 131 ? 3.144   13.432  -6.381  1.00 19.12  ? 158 LEU A C   1 
ATOM   1023 O O   . LEU A 1 131 ? 3.148   14.463  -5.731  1.00 21.90  ? 158 LEU A O   1 
ATOM   1024 C CB  . LEU A 1 131 ? 5.236   12.033  -6.176  1.00 18.66  ? 158 LEU A CB  1 
ATOM   1025 C CG  . LEU A 1 131 ? 6.006   10.996  -5.369  1.00 19.96  ? 158 LEU A CG  1 
ATOM   1026 C CD1 . LEU A 1 131 ? 7.410   10.802  -5.931  1.00 21.62  ? 158 LEU A CD1 1 
ATOM   1027 C CD2 . LEU A 1 131 ? 6.033   11.342  -3.881  1.00 19.87  ? 158 LEU A CD2 1 
ATOM   1028 N N   . GLN A 1 132 ? 2.613   13.342  -7.600  1.00 20.16  ? 159 GLN A N   1 
ATOM   1029 C CA  . GLN A 1 132 ? 1.879   14.487  -8.194  1.00 23.06  ? 159 GLN A CA  1 
ATOM   1030 C C   . GLN A 1 132 ? 0.648   14.825  -7.355  1.00 22.15  ? 159 GLN A C   1 
ATOM   1031 O O   . GLN A 1 132 ? 0.415   15.999  -7.007  1.00 25.58  ? 159 GLN A O   1 
ATOM   1032 C CB  . GLN A 1 132 ? 1.434   14.192  -9.614  1.00 26.25  ? 159 GLN A CB  1 
ATOM   1033 C CG  . GLN A 1 132 ? 2.566   14.064  -10.628 1.00 32.61  ? 159 GLN A CG  1 
ATOM   1034 C CD  . GLN A 1 132 ? 2.096   13.484  -11.967 1.00 38.78  ? 159 GLN A CD  1 
ATOM   1035 O OE1 . GLN A 1 132 ? 0.901   13.567  -12.319 1.00 47.96  ? 159 GLN A OE1 1 
ATOM   1036 N NE2 . GLN A 1 132 ? 3.030   12.904  -12.724 1.00 41.24  ? 159 GLN A NE2 1 
ATOM   1037 N N   . LYS A 1 133 ? -0.134  13.801  -7.019  1.00 21.01  ? 160 LYS A N   1 
ATOM   1038 C CA  . LYS A 1 133 ? -1.392  14.004  -6.308  1.00 21.21  ? 160 LYS A CA  1 
ATOM   1039 C C   . LYS A 1 133 ? -1.153  14.541  -4.899  1.00 21.68  ? 160 LYS A C   1 
ATOM   1040 O O   . LYS A 1 133 ? -1.983  15.245  -4.367  1.00 20.13  ? 160 LYS A O   1 
ATOM   1041 C CB  . LYS A 1 133 ? -2.194  12.697  -6.227  1.00 22.87  ? 160 LYS A CB  1 
ATOM   1042 C CG  . LYS A 1 133 ? -2.609  12.033  -7.546  1.00 24.65  ? 160 LYS A CG  1 
ATOM   1043 C CD  . LYS A 1 133 ? -3.482  12.872  -8.443  1.00 24.79  ? 160 LYS A CD  1 
ATOM   1044 C CE  . LYS A 1 133 ? -4.866  13.078  -7.843  1.00 25.38  ? 160 LYS A CE  1 
ATOM   1045 N NZ  . LYS A 1 133 ? -5.572  14.155  -8.580  1.00 26.36  ? 160 LYS A NZ  1 
ATOM   1046 N N   . ILE A 1 134 ? -0.038  14.161  -4.275  1.00 22.51  ? 161 ILE A N   1 
ATOM   1047 C CA  . ILE A 1 134 ? 0.320   14.660  -2.940  1.00 25.60  ? 161 ILE A CA  1 
ATOM   1048 C C   . ILE A 1 134 ? 0.506   16.177  -2.949  1.00 24.01  ? 161 ILE A C   1 
ATOM   1049 O O   . ILE A 1 134 ? 0.231   16.841  -1.939  1.00 24.11  ? 161 ILE A O   1 
ATOM   1050 C CB  . ILE A 1 134 ? 1.614   13.934  -2.381  1.00 28.88  ? 161 ILE A CB  1 
ATOM   1051 C CG1 . ILE A 1 134 ? 1.280   12.517  -1.891  1.00 31.73  ? 161 ILE A CG1 1 
ATOM   1052 C CG2 . ILE A 1 134 ? 2.301   14.734  -1.273  1.00 31.50  ? 161 ILE A CG2 1 
ATOM   1053 C CD1 . ILE A 1 134 ? 0.049   12.399  -1.034  1.00 31.74  ? 161 ILE A CD1 1 
ATOM   1054 N N   . ASN A 1 135 ? 0.967   16.727  -4.072  1.00 24.31  ? 162 ASN A N   1 
ATOM   1055 C CA  . ASN A 1 135 ? 1.104   18.191  -4.186  1.00 25.75  ? 162 ASN A CA  1 
ATOM   1056 C C   . ASN A 1 135 ? -0.224  18.948  -4.102  1.00 25.31  ? 162 ASN A C   1 
ATOM   1057 O O   . ASN A 1 135 ? -0.222  20.164  -3.863  1.00 26.50  ? 162 ASN A O   1 
ATOM   1058 C CB  . ASN A 1 135 ? 1.824   18.591  -5.472  1.00 27.71  ? 162 ASN A CB  1 
ATOM   1059 C CG  . ASN A 1 135 ? 3.291   18.226  -5.459  1.00 31.52  ? 162 ASN A CG  1 
ATOM   1060 O OD1 . ASN A 1 135 ? 3.911   18.093  -4.398  1.00 30.72  ? 162 ASN A OD1 1 
ATOM   1061 N ND2 . ASN A 1 135 ? 3.865   18.067  -6.658  1.00 33.79  ? 162 ASN A ND2 1 
ATOM   1062 N N   . GLU A 1 136 ? -1.337  18.240  -4.287  1.00 23.18  ? 163 GLU A N   1 
ATOM   1063 C CA  . GLU A 1 136 ? -2.672  18.825  -4.258  1.00 23.75  ? 163 GLU A CA  1 
ATOM   1064 C C   . GLU A 1 136 ? -3.296  18.937  -2.901  1.00 26.05  ? 163 GLU A C   1 
ATOM   1065 O O   . GLU A 1 136 ? -4.393  19.512  -2.795  1.00 27.68  ? 163 GLU A O   1 
ATOM   1066 C CB  . GLU A 1 136 ? -3.631  17.976  -5.075  1.00 24.23  ? 163 GLU A CB  1 
ATOM   1067 C CG  . GLU A 1 136 ? -3.246  17.721  -6.506  1.00 23.22  ? 163 GLU A CG  1 
ATOM   1068 C CD  . GLU A 1 136 ? -4.068  16.580  -7.089  1.00 22.16  ? 163 GLU A CD  1 
ATOM   1069 O OE1 . GLU A 1 136 ? -3.723  16.204  -8.211  1.00 22.43  ? 163 GLU A OE1 1 
ATOM   1070 O OE2 . GLU A 1 136 ? -5.039  16.098  -6.426  1.00 24.65  ? 163 GLU A OE2 1 
ATOM   1071 N N   . LEU A 1 137 ? -2.676  18.377  -1.866  1.00 26.24  ? 164 LEU A N   1 
ATOM   1072 C CA  . LEU A 1 137 ? -3.323  18.308  -0.556  1.00 29.70  ? 164 LEU A CA  1 
ATOM   1073 C C   . LEU A 1 137 ? -3.746  19.678  -0.034  1.00 33.56  ? 164 LEU A C   1 
ATOM   1074 O O   . LEU A 1 137 ? -2.958  20.628  -0.116  1.00 34.87  ? 164 LEU A O   1 
ATOM   1075 C CB  . LEU A 1 137 ? -2.422  17.642  0.484   1.00 28.77  ? 164 LEU A CB  1 
ATOM   1076 C CG  . LEU A 1 137 ? -2.294  16.116  0.408   1.00 29.82  ? 164 LEU A CG  1 
ATOM   1077 C CD1 . LEU A 1 137 ? -1.188  15.648  1.331   1.00 30.34  ? 164 LEU A CD1 1 
ATOM   1078 C CD2 . LEU A 1 137 ? -3.584  15.414  0.775   1.00 31.04  ? 164 LEU A CD2 1 
ATOM   1079 N N   . PRO A 1 138 ? -4.979  19.781  0.507   1.00 35.97  ? 165 PRO A N   1 
ATOM   1080 C CA  . PRO A 1 138 ? -5.449  21.043  1.086   1.00 39.73  ? 165 PRO A CA  1 
ATOM   1081 C C   . PRO A 1 138 ? -4.524  21.626  2.141   1.00 43.16  ? 165 PRO A C   1 
ATOM   1082 O O   . PRO A 1 138 ? -3.700  20.924  2.696   1.00 39.62  ? 165 PRO A O   1 
ATOM   1083 C CB  . PRO A 1 138 ? -6.784  20.651  1.727   1.00 40.72  ? 165 PRO A CB  1 
ATOM   1084 C CG  . PRO A 1 138 ? -7.293  19.542  0.865   1.00 38.54  ? 165 PRO A CG  1 
ATOM   1085 C CD  . PRO A 1 138 ? -6.068  18.790  0.420   1.00 35.75  ? 165 PRO A CD  1 
ATOM   1086 N N   . THR A 1 139 ? -4.676  22.919  2.390   1.00 53.16  ? 166 THR A N   1 
ATOM   1087 C CA  . THR A 1 139 ? -3.939  23.612  3.448   1.00 63.60  ? 166 THR A CA  1 
ATOM   1088 C C   . THR A 1 139 ? -4.708  23.468  4.763   1.00 71.23  ? 166 THR A C   1 
ATOM   1089 O O   . THR A 1 139 ? -5.695  24.169  4.982   1.00 78.45  ? 166 THR A O   1 
ATOM   1090 C CB  . THR A 1 139 ? -3.667  25.114  3.116   1.00 66.01  ? 166 THR A CB  1 
ATOM   1091 O OG1 . THR A 1 139 ? -3.312  25.815  4.313   1.00 69.47  ? 166 THR A OG1 1 
ATOM   1092 C CG2 . THR A 1 139 ? -4.871  25.831  2.465   1.00 65.70  ? 166 THR A CG2 1 
ATOM   1093 N N   . GLU A 1 140 ? -4.254  22.563  5.633   1.00 80.17  ? 167 GLU A N   1 
ATOM   1094 C CA  . GLU A 1 140 ? -4.965  22.269  6.890   1.00 89.67  ? 167 GLU A CA  1 
ATOM   1095 C C   . GLU A 1 140 ? -4.835  23.412  7.897   1.00 91.04  ? 167 GLU A C   1 
ATOM   1096 O O   . GLU A 1 140 ? -5.759  24.215  8.054   1.00 91.58  ? 167 GLU A O   1 
ATOM   1097 C CB  . GLU A 1 140 ? -4.481  20.943  7.506   1.00 94.73  ? 167 GLU A CB  1 
ATOM   1098 C CG  . GLU A 1 140 ? -5.487  20.271  8.447   1.00 99.88  ? 167 GLU A CG  1 
ATOM   1099 C CD  . GLU A 1 140 ? -5.283  20.551  9.925   1.00 106.69 ? 167 GLU A CD  1 
ATOM   1100 O OE1 . GLU A 1 140 ? -4.389  21.341  10.302  1.00 113.75 ? 167 GLU A OE1 1 
ATOM   1101 O OE2 . GLU A 1 140 ? -6.042  19.960  10.724  1.00 111.32 ? 167 GLU A OE2 1 
HETATM 1102 C CAV . 55K B 2 .   ? 1.695   -9.617  -14.595 1.00 23.17  ? 201 55K A CAV 1 
HETATM 1103 C CAW . 55K B 2 .   ? 1.093   -8.571  -15.486 1.00 23.16  ? 201 55K A CAW 1 
HETATM 1104 C CAX . 55K B 2 .   ? 1.337   -7.266  -14.742 1.00 24.54  ? 201 55K A CAX 1 
HETATM 1105 C CAY . 55K B 2 .   ? 2.381   -7.406  -13.741 1.00 25.67  ? 201 55K A CAY 1 
HETATM 1106 C CAU . 55K B 2 .   ? 2.491   -8.911  -13.486 1.00 25.82  ? 201 55K A CAU 1 
HETATM 1107 C CAZ . 55K B 2 .   ? 4.004   -9.251  -13.495 1.00 30.56  ? 201 55K A CAZ 1 
HETATM 1108 O OBB . 55K B 2 .   ? 4.566   -9.377  -12.388 1.00 38.37  ? 201 55K A OBB 1 
HETATM 1109 O OBA . 55K B 2 .   ? 4.589   -9.327  -14.595 1.00 37.24  ? 201 55K A OBA 1 
HETATM 1110 C CAT . 55K B 2 .   ? 1.861   -9.232  -12.150 1.00 23.12  ? 201 55K A CAT 1 
HETATM 1111 N NAS . 55K B 2 .   ? 2.168   -10.658 -11.877 1.00 21.00  ? 201 55K A NAS 1 
HETATM 1112 S SAP . 55K B 2 .   ? 1.377   -11.195 -10.467 1.00 19.31  ? 201 55K A SAP 1 
HETATM 1113 O OAQ . 55K B 2 .   ? -0.061  -10.989 -10.586 1.00 18.47  ? 201 55K A OAQ 1 
HETATM 1114 O OAR . 55K B 2 .   ? 1.778   -12.631 -10.234 1.00 19.28  ? 201 55K A OAR 1 
HETATM 1115 C CAC . 55K B 2 .   ? 1.946   -10.186 -9.117  1.00 15.94  ? 201 55K A CAC 1 
HETATM 1116 C CAB . 55K B 2 .   ? 1.005   -9.426  -8.409  1.00 14.78  ? 201 55K A CAB 1 
HETATM 1117 C CAA . 55K B 2 .   ? 1.472   -8.607  -7.373  1.00 13.59  ? 201 55K A CAA 1 
HETATM 1118 C CAF . 55K B 2 .   ? 2.777   -8.563  -7.076  1.00 13.36  ? 201 55K A CAF 1 
HETATM 1119 C CAE . 55K B 2 .   ? 3.667   -9.268  -7.804  1.00 13.64  ? 201 55K A CAE 1 
HETATM 1120 C CAD . 55K B 2 .   ? 3.312   -10.105 -8.807  1.00 14.46  ? 201 55K A CAD 1 
HETATM 1121 C CAG . 55K B 2 .   ? 4.357   -10.826 -9.460  1.00 14.42  ? 201 55K A CAG 1 
HETATM 1122 C CAH . 55K B 2 .   ? 5.666   -10.604 -9.007  1.00 14.67  ? 201 55K A CAH 1 
HETATM 1123 C CAI . 55K B 2 .   ? 5.931   -9.707  -7.930  1.00 15.36  ? 201 55K A CAI 1 
HETATM 1124 C CAJ . 55K B 2 .   ? 4.905   -9.038  -7.334  1.00 14.10  ? 201 55K A CAJ 1 
HETATM 1125 C CAL . 55K B 2 .   ? 4.756   -8.120  -6.311  1.00 12.89  ? 201 55K A CAL 1 
HETATM 1126 O OAM . 55K B 2 .   ? 5.634   -7.483  -5.706  1.00 13.34  ? 201 55K A OAM 1 
HETATM 1127 N NAK . 55K B 2 .   ? 3.461   -7.840  -6.181  1.00 12.93  ? 201 55K A NAK 1 
HETATM 1128 C CAN . 55K B 2 .   ? 2.895   -6.917  -5.197  1.00 12.95  ? 201 55K A CAN 1 
HETATM 1129 C CAO . 55K B 2 .   ? 2.826   -5.489  -5.775  1.00 12.56  ? 201 55K A CAO 1 
HETATM 1130 O O   . HOH C 3 .   ? -15.130 10.014  3.950   1.00 38.61  ? 301 HOH A O   1 
HETATM 1131 O O   . HOH C 3 .   ? 0.982   -28.154 3.059   1.00 43.77  ? 302 HOH A O   1 
HETATM 1132 O O   . HOH C 3 .   ? -8.621  12.492  -9.688  1.00 53.38  ? 303 HOH A O   1 
HETATM 1133 O O   . HOH C 3 .   ? 5.831   -5.875  -3.369  1.00 12.89  ? 304 HOH A O   1 
HETATM 1134 O O   . HOH C 3 .   ? 13.919  -10.881 -3.895  1.00 30.62  ? 305 HOH A O   1 
HETATM 1135 O O   . HOH C 3 .   ? 4.426   17.370  -9.125  1.00 42.33  ? 306 HOH A O   1 
HETATM 1136 O O   . HOH C 3 .   ? -1.997  -8.814  -5.649  1.00 24.59  ? 307 HOH A O   1 
HETATM 1137 O O   . HOH C 3 .   ? 13.838  -3.296  -7.869  1.00 15.64  ? 308 HOH A O   1 
HETATM 1138 O O   . HOH C 3 .   ? 11.343  -1.969  -14.473 1.00 15.37  ? 309 HOH A O   1 
HETATM 1139 O O   . HOH C 3 .   ? -14.038 4.429   1.270   1.00 17.31  ? 310 HOH A O   1 
HETATM 1140 O O   . HOH C 3 .   ? -6.885  6.980   -12.228 1.00 26.96  ? 311 HOH A O   1 
HETATM 1141 O O   . HOH C 3 .   ? 12.461  1.452   -8.716  1.00 18.28  ? 312 HOH A O   1 
HETATM 1142 O O   . HOH C 3 .   ? -6.603  11.106  13.006  1.00 25.74  ? 313 HOH A O   1 
HETATM 1143 O O   . HOH C 3 .   ? -15.358 5.650   -7.418  1.00 18.01  ? 314 HOH A O   1 
HETATM 1144 O O   . HOH C 3 .   ? -8.841  5.430   24.080  1.00 26.20  ? 315 HOH A O   1 
HETATM 1145 O O   . HOH C 3 .   ? 4.734   2.084   6.667   1.00 23.83  ? 316 HOH A O   1 
HETATM 1146 O O   . HOH C 3 .   ? 2.618   7.990   -13.804 1.00 24.84  ? 317 HOH A O   1 
HETATM 1147 O O   . HOH C 3 .   ? -11.111 -2.914  9.345   1.00 46.21  ? 318 HOH A O   1 
HETATM 1148 O O   . HOH C 3 .   ? 0.918   6.153   15.030  1.00 33.16  ? 319 HOH A O   1 
HETATM 1149 O O   . HOH C 3 .   ? -4.747  -10.955 -0.748  1.00 19.75  ? 320 HOH A O   1 
HETATM 1150 O O   . HOH C 3 .   ? -5.268  17.332  13.378  1.00 37.09  ? 321 HOH A O   1 
HETATM 1151 O O   . HOH C 3 .   ? -8.602  3.488   14.031  1.00 23.82  ? 322 HOH A O   1 
HETATM 1152 O O   . HOH C 3 .   ? 3.844   -5.316  0.255   1.00 14.69  ? 323 HOH A O   1 
HETATM 1153 O O   . HOH C 3 .   ? 1.690   -4.270  -2.268  1.00 17.18  ? 324 HOH A O   1 
HETATM 1154 O O   . HOH C 3 .   ? -5.196  -5.212  5.918   1.00 20.73  ? 325 HOH A O   1 
HETATM 1155 O O   . HOH C 3 .   ? 9.528   -0.873  2.550   1.00 15.60  ? 326 HOH A O   1 
HETATM 1156 O O   . HOH C 3 .   ? -3.420  -14.458 5.690   1.00 34.90  ? 327 HOH A O   1 
HETATM 1157 O O   . HOH C 3 .   ? 9.105   -8.544  -15.555 1.00 32.78  ? 328 HOH A O   1 
HETATM 1158 O O   . HOH C 3 .   ? 16.625  -6.351  -2.584  1.00 19.80  ? 329 HOH A O   1 
HETATM 1159 O O   . HOH C 3 .   ? -1.849  6.126   18.210  1.00 23.31  ? 330 HOH A O   1 
HETATM 1160 O O   . HOH C 3 .   ? -3.242  4.428   14.909  1.00 23.32  ? 331 HOH A O   1 
HETATM 1161 O O   . HOH C 3 .   ? -15.090 4.333   -11.867 1.00 17.07  ? 332 HOH A O   1 
HETATM 1162 O O   . HOH C 3 .   ? 0.041   -6.034  -3.348  1.00 13.57  ? 333 HOH A O   1 
HETATM 1163 O O   . HOH C 3 .   ? 9.264   4.886   -14.279 1.00 27.40  ? 334 HOH A O   1 
HETATM 1164 O O   . HOH C 3 .   ? -6.048  -2.114  -15.792 1.00 39.77  ? 335 HOH A O   1 
HETATM 1165 O O   . HOH C 3 .   ? 0.742   -8.580  6.776   1.00 16.99  ? 336 HOH A O   1 
HETATM 1166 O O   . HOH C 3 .   ? -1.102  5.515   12.623  1.00 29.87  ? 337 HOH A O   1 
HETATM 1167 O O   . HOH C 3 .   ? -2.166  -11.066 -3.886  1.00 19.75  ? 338 HOH A O   1 
HETATM 1168 O O   . HOH C 3 .   ? 6.851   6.677   -2.153  1.00 30.21  ? 339 HOH A O   1 
HETATM 1169 O O   . HOH C 3 .   ? -0.025  -6.129  2.700   1.00 15.16  ? 340 HOH A O   1 
HETATM 1170 O O   . HOH C 3 .   ? 4.191   -3.679  -3.136  1.00 13.19  ? 341 HOH A O   1 
HETATM 1171 O O   . HOH C 3 .   ? 2.653   -4.022  7.816   1.00 22.19  ? 342 HOH A O   1 
HETATM 1172 O O   . HOH C 3 .   ? 2.478   0.770   8.799   1.00 33.00  ? 343 HOH A O   1 
HETATM 1173 O O   . HOH C 3 .   ? -6.942  -5.787  9.216   1.00 39.32  ? 344 HOH A O   1 
HETATM 1174 O O   . HOH C 3 .   ? -12.729 0.027   6.760   1.00 23.63  ? 345 HOH A O   1 
HETATM 1175 O O   . HOH C 3 .   ? -1.605  -10.960 4.357   1.00 16.21  ? 346 HOH A O   1 
HETATM 1176 O O   . HOH C 3 .   ? 10.434  -22.315 -3.990  1.00 25.13  ? 347 HOH A O   1 
HETATM 1177 O O   . HOH C 3 .   ? 9.107   0.954   4.819   1.00 30.80  ? 348 HOH A O   1 
HETATM 1178 O O   . HOH C 3 .   ? 13.304  3.583   -13.788 1.00 26.98  ? 349 HOH A O   1 
HETATM 1179 O O   . HOH C 3 .   ? 5.780   12.897  -9.838  1.00 45.87  ? 350 HOH A O   1 
HETATM 1180 O O   . HOH C 3 .   ? -6.812  8.156   9.134   1.00 16.93  ? 351 HOH A O   1 
HETATM 1181 O O   . HOH C 3 .   ? -1.610  -12.620 2.118   1.00 18.85  ? 352 HOH A O   1 
HETATM 1182 O O   . HOH C 3 .   ? 3.945   -20.754 -4.049  1.00 17.23  ? 353 HOH A O   1 
HETATM 1183 O O   . HOH C 3 .   ? 6.372   -15.775 2.149   1.00 26.43  ? 354 HOH A O   1 
HETATM 1184 O O   . HOH C 3 .   ? -13.117 8.535   -9.600  1.00 30.91  ? 355 HOH A O   1 
HETATM 1185 O O   . HOH C 3 .   ? 4.918   -14.906 -10.126 1.00 33.11  ? 356 HOH A O   1 
HETATM 1186 O O   . HOH C 3 .   ? 14.185  -7.704  -14.996 1.00 31.35  ? 357 HOH A O   1 
HETATM 1187 O O   . HOH C 3 .   ? -8.480  -0.659  -10.924 1.00 32.47  ? 358 HOH A O   1 
HETATM 1188 O O   . HOH C 3 .   ? -2.599  -4.681  -16.425 1.00 34.40  ? 359 HOH A O   1 
HETATM 1189 O O   . HOH C 3 .   ? -5.864  -1.556  -12.085 1.00 21.28  ? 360 HOH A O   1 
HETATM 1190 O O   . HOH C 3 .   ? 9.190   -4.387  4.276   1.00 18.64  ? 361 HOH A O   1 
HETATM 1191 O O   . HOH C 3 .   ? 7.971   4.168   4.469   1.00 30.47  ? 362 HOH A O   1 
HETATM 1192 O O   . HOH C 3 .   ? -7.191  -4.121  12.629  1.00 28.71  ? 363 HOH A O   1 
HETATM 1193 O O   . HOH C 3 .   ? 7.258   -8.379  -12.816 1.00 17.31  ? 364 HOH A O   1 
HETATM 1194 O O   . HOH C 3 .   ? -3.361  -17.507 2.725   1.00 36.87  ? 365 HOH A O   1 
HETATM 1195 O O   . HOH C 3 .   ? 6.185   -24.890 1.496   1.00 28.50  ? 366 HOH A O   1 
HETATM 1196 O O   . HOH C 3 .   ? -0.586  -19.133 4.064   1.00 27.53  ? 367 HOH A O   1 
HETATM 1197 O O   . HOH C 3 .   ? 1.291   -7.134  0.551   1.00 17.34  ? 368 HOH A O   1 
HETATM 1198 O O   . HOH C 3 .   ? -9.100  9.233   8.201   1.00 22.49  ? 369 HOH A O   1 
HETATM 1199 O O   . HOH C 3 .   ? 8.571   6.586   -9.334  1.00 23.05  ? 370 HOH A O   1 
HETATM 1200 O O   . HOH C 3 .   ? -3.560  -18.782 -0.228  1.00 27.78  ? 371 HOH A O   1 
HETATM 1201 O O   . HOH C 3 .   ? 1.100   1.597   11.562  1.00 40.49  ? 372 HOH A O   1 
HETATM 1202 O O   . HOH C 3 .   ? 16.316  -7.141  -6.373  1.00 33.58  ? 373 HOH A O   1 
HETATM 1203 O O   . HOH C 3 .   ? 13.556  -13.679 -4.815  1.00 41.13  ? 374 HOH A O   1 
HETATM 1204 O O   . HOH C 3 .   ? -8.286  -5.552  -0.942  1.00 36.42  ? 375 HOH A O   1 
HETATM 1205 O O   . HOH C 3 .   ? 0.909   6.786   -15.696 1.00 32.29  ? 376 HOH A O   1 
HETATM 1206 O O   . HOH C 3 .   ? 11.756  6.376   -0.971  1.00 40.20  ? 377 HOH A O   1 
HETATM 1207 O O   . HOH C 3 .   ? 9.244   -20.158 1.263   1.00 42.40  ? 378 HOH A O   1 
HETATM 1208 O O   . HOH C 3 .   ? -10.167 5.388   15.755  1.00 38.76  ? 379 HOH A O   1 
HETATM 1209 O O   . HOH C 3 .   ? 11.656  -5.579  4.358   1.00 30.36  ? 380 HOH A O   1 
HETATM 1210 O O   . HOH C 3 .   ? 12.872  -5.346  -18.955 1.00 43.00  ? 381 HOH A O   1 
HETATM 1211 O O   . HOH C 3 .   ? 2.184   -34.058 1.074   1.00 49.14  ? 382 HOH A O   1 
HETATM 1212 O O   . HOH C 3 .   ? -4.568  4.711   -16.058 1.00 25.80  ? 383 HOH A O   1 
HETATM 1213 O O   . HOH C 3 .   ? -2.604  15.957  8.051   1.00 23.80  ? 384 HOH A O   1 
HETATM 1214 O O   . HOH C 3 .   ? -10.107 -1.876  1.087   1.00 19.55  ? 385 HOH A O   1 
HETATM 1215 O O   . HOH C 3 .   ? 1.472   15.152  8.217   1.00 23.86  ? 386 HOH A O   1 
HETATM 1216 O O   . HOH C 3 .   ? 3.682   11.617  11.173  1.00 29.28  ? 387 HOH A O   1 
HETATM 1217 O O   . HOH C 3 .   ? 1.897   -1.854  9.511   1.00 33.80  ? 388 HOH A O   1 
HETATM 1218 O O   . HOH C 3 .   ? 0.086   -8.725  4.037   1.00 16.90  ? 389 HOH A O   1 
HETATM 1219 O O   . HOH C 3 .   ? -4.941  13.718  -11.619 1.00 36.33  ? 390 HOH A O   1 
HETATM 1220 O O   . HOH C 3 .   ? -16.070 9.055   -2.627  1.00 28.21  ? 391 HOH A O   1 
HETATM 1221 O O   . HOH C 3 .   ? 1.232   17.929  -9.378  1.00 44.78  ? 392 HOH A O   1 
HETATM 1222 O O   . HOH C 3 .   ? -10.061 -4.523  12.548  1.00 47.84  ? 393 HOH A O   1 
HETATM 1223 O O   . HOH C 3 .   ? 3.357   -32.715 6.622   1.00 48.36  ? 394 HOH A O   1 
HETATM 1224 O O   . HOH C 3 .   ? -6.795  -5.208  1.676   1.00 33.69  ? 395 HOH A O   1 
HETATM 1225 O O   . HOH C 3 .   ? -0.790  15.392  16.064  1.00 32.91  ? 396 HOH A O   1 
HETATM 1226 O O   . HOH C 3 .   ? 11.391  5.550   -3.824  1.00 29.59  ? 397 HOH A O   1 
HETATM 1227 O O   . HOH C 3 .   ? -12.783 8.548   7.050   1.00 42.41  ? 398 HOH A O   1 
HETATM 1228 O O   . HOH C 3 .   ? 11.137  -7.825  -17.452 1.00 42.12  ? 399 HOH A O   1 
HETATM 1229 O O   . HOH C 3 .   ? 9.226   -26.622 2.377   1.00 54.04  ? 400 HOH A O   1 
HETATM 1230 O O   . HOH C 3 .   ? -10.365 12.020  8.106   1.00 35.10  ? 401 HOH A O   1 
HETATM 1231 O O   . HOH C 3 .   ? 7.254   -10.664 -16.251 1.00 45.77  ? 402 HOH A O   1 
HETATM 1232 O O   . HOH C 3 .   ? 3.615   15.704  2.319   1.00 49.39  ? 403 HOH A O   1 
HETATM 1233 O O   . HOH C 3 .   ? -13.454 -2.577  6.868   1.00 31.83  ? 404 HOH A O   1 
HETATM 1234 O O   . HOH C 3 .   ? -2.570  -15.640 -9.526  1.00 34.51  ? 405 HOH A O   1 
HETATM 1235 O O   . HOH C 3 .   ? -14.959 6.461   5.477   1.00 26.94  ? 406 HOH A O   1 
HETATM 1236 O O   . HOH C 3 .   ? 13.488  0.816   -2.219  1.00 21.44  ? 407 HOH A O   1 
HETATM 1237 O O   . HOH C 3 .   ? -7.797  -17.304 -1.070  1.00 54.09  ? 408 HOH A O   1 
HETATM 1238 O O   . HOH C 3 .   ? 17.887  -4.878  -15.553 1.00 25.29  ? 409 HOH A O   1 
HETATM 1239 O O   . HOH C 3 .   ? -6.206  6.511   -14.693 1.00 31.71  ? 410 HOH A O   1 
HETATM 1240 O O   . HOH C 3 .   ? -4.421  -11.103 3.626   1.00 33.39  ? 411 HOH A O   1 
HETATM 1241 O O   . HOH C 3 .   ? -16.998 4.329   8.881   1.00 35.66  ? 412 HOH A O   1 
HETATM 1242 O O   . HOH C 3 .   ? -1.944  -1.207  24.149  1.00 58.05  ? 413 HOH A O   1 
HETATM 1243 O O   . HOH C 3 .   ? -14.248 7.881   -0.899  1.00 34.49  ? 414 HOH A O   1 
HETATM 1244 O O   . HOH C 3 .   ? -13.045 5.388   -1.242  1.00 26.90  ? 415 HOH A O   1 
HETATM 1245 O O   . HOH C 3 .   ? 1.729   -6.767  8.894   1.00 34.37  ? 416 HOH A O   1 
HETATM 1246 O O   . HOH C 3 .   ? 11.724  -20.273 -0.441  1.00 40.31  ? 417 HOH A O   1 
HETATM 1247 O O   . HOH C 3 .   ? 14.253  -0.733  -8.455  1.00 18.67  ? 418 HOH A O   1 
HETATM 1248 O O   . HOH C 3 .   ? -2.213  -21.859 -5.690  1.00 30.39  ? 419 HOH A O   1 
HETATM 1249 O O   . HOH C 3 .   ? 11.371  -18.703 2.828   1.00 49.23  ? 420 HOH A O   1 
HETATM 1250 O O   . HOH C 3 .   ? -3.551  -13.233 -5.031  1.00 33.21  ? 421 HOH A O   1 
HETATM 1251 O O   . HOH C 3 .   ? -8.993  8.929   -12.397 1.00 30.61  ? 422 HOH A O   1 
HETATM 1252 O O   . HOH C 3 .   ? -15.354 8.398   1.717   1.00 30.82  ? 423 HOH A O   1 
HETATM 1253 O O   . HOH C 3 .   ? 10.770  -20.161 -5.642  1.00 29.45  ? 424 HOH A O   1 
HETATM 1254 O O   . HOH C 3 .   ? -4.275  8.914   -13.672 1.00 39.16  ? 425 HOH A O   1 
HETATM 1255 O O   . HOH C 3 .   ? -7.625  27.483  1.619   1.00 52.86  ? 426 HOH A O   1 
# 
